data_9H75
#
_entry.id   9H75
#
loop_
_entity.id
_entity.type
_entity.pdbx_description
1 polymer 'Rho guanine nucleotide exchange factor 2'
2 non-polymer 'ZINC ION'
#
_entity_poly.entity_id   1
_entity_poly.type   'polypeptide(L)'
_entity_poly.pdbx_seq_one_letter_code
;GPMKEAKDARYTNGHLFTTISVSGMTMCYACNKSITAKEALICPTCNVTIHNRCKDTLANCTKVKQKQQKAALLK
;
_entity_poly.pdbx_strand_id   A
#
# COMPACT_ATOMS: atom_id res chain seq x y z
N GLY A 1 -6.53 28.96 1.89
CA GLY A 1 -5.08 28.75 2.05
C GLY A 1 -4.37 28.79 0.70
N PRO A 2 -3.04 28.96 0.72
CA PRO A 2 -2.21 29.03 -0.49
C PRO A 2 -2.08 27.67 -1.17
N MET A 3 -2.50 26.60 -0.51
CA MET A 3 -2.45 25.24 -1.05
C MET A 3 -3.59 25.01 -2.03
N LYS A 4 -3.70 25.87 -3.06
CA LYS A 4 -4.74 25.79 -4.07
C LYS A 4 -4.43 24.71 -5.11
N GLU A 5 -3.63 23.73 -4.72
CA GLU A 5 -3.15 22.70 -5.63
C GLU A 5 -3.06 21.35 -4.91
N ALA A 6 -4.17 20.93 -4.31
CA ALA A 6 -4.24 19.68 -3.59
C ALA A 6 -4.31 18.50 -4.57
N LYS A 7 -3.18 17.79 -4.72
CA LYS A 7 -3.08 16.65 -5.64
C LYS A 7 -3.68 15.39 -5.00
N ASP A 8 -4.95 15.47 -4.58
CA ASP A 8 -5.67 14.36 -3.98
C ASP A 8 -6.17 13.39 -5.04
N ALA A 9 -5.24 12.88 -5.86
CA ALA A 9 -5.55 12.00 -6.97
C ALA A 9 -4.58 10.82 -7.01
N ARG A 10 -4.50 10.10 -5.89
CA ARG A 10 -3.64 8.93 -5.76
C ARG A 10 -4.38 7.78 -5.08
N TYR A 11 -5.50 7.39 -5.67
CA TYR A 11 -6.34 6.31 -5.19
C TYR A 11 -6.72 5.38 -6.33
N THR A 12 -6.09 4.21 -6.36
CA THR A 12 -6.33 3.21 -7.38
C THR A 12 -7.59 2.40 -7.12
N ASN A 13 -7.77 1.89 -5.89
CA ASN A 13 -8.95 1.14 -5.50
C ASN A 13 -9.39 1.49 -4.07
N GLY A 14 -9.05 2.68 -3.60
CA GLY A 14 -9.51 3.21 -2.33
C GLY A 14 -8.37 3.41 -1.34
N HIS A 15 -7.22 2.76 -1.57
CA HIS A 15 -6.07 2.92 -0.69
C HIS A 15 -5.15 4.04 -1.09
N LEU A 16 -4.65 4.75 -0.06
CA LEU A 16 -3.72 5.84 -0.24
C LEU A 16 -2.32 5.26 -0.27
N PHE A 17 -1.72 5.18 -1.46
CA PHE A 17 -0.38 4.63 -1.60
C PHE A 17 0.66 5.74 -1.56
N THR A 18 1.40 5.80 -0.46
CA THR A 18 2.44 6.79 -0.21
C THR A 18 3.82 6.15 -0.40
N THR A 19 4.73 6.88 -1.05
CA THR A 19 6.08 6.39 -1.32
C THR A 19 6.88 6.23 -0.03
N ILE A 20 7.44 5.04 0.15
CA ILE A 20 8.27 4.66 1.27
C ILE A 20 9.70 4.43 0.79
N SER A 21 10.60 4.13 1.73
CA SER A 21 12.00 3.89 1.44
C SER A 21 12.40 2.53 2.00
N VAL A 22 12.11 1.48 1.23
CA VAL A 22 12.42 0.11 1.61
C VAL A 22 13.94 -0.07 1.67
N SER A 23 14.46 -0.28 2.89
CA SER A 23 15.87 -0.52 3.13
C SER A 23 16.02 -1.68 4.12
N GLY A 24 15.43 -2.82 3.78
CA GLY A 24 15.42 -4.00 4.62
C GLY A 24 14.51 -5.07 4.04
N MET A 25 14.18 -6.08 4.85
CA MET A 25 13.31 -7.18 4.42
C MET A 25 11.89 -6.66 4.15
N THR A 26 11.52 -6.62 2.88
CA THR A 26 10.20 -6.18 2.44
C THR A 26 9.66 -7.14 1.39
N MET A 27 8.33 -7.34 1.36
CA MET A 27 7.68 -8.24 0.40
C MET A 27 6.49 -7.60 -0.27
N CYS A 28 6.42 -7.76 -1.59
CA CYS A 28 5.36 -7.21 -2.43
C CYS A 28 4.04 -7.91 -2.18
N TYR A 29 3.06 -7.19 -1.63
CA TYR A 29 1.75 -7.76 -1.39
C TYR A 29 1.00 -7.99 -2.71
N ALA A 30 1.61 -7.59 -3.83
CA ALA A 30 1.04 -7.81 -5.15
C ALA A 30 1.83 -8.81 -5.99
N CYS A 31 3.07 -9.11 -5.62
CA CYS A 31 3.87 -10.10 -6.34
C CYS A 31 4.44 -11.17 -5.43
N ASN A 32 3.97 -11.21 -4.17
CA ASN A 32 4.21 -12.19 -3.12
C ASN A 32 5.69 -12.54 -2.95
N LYS A 33 6.57 -11.62 -3.35
CA LYS A 33 8.01 -11.80 -3.34
C LYS A 33 8.74 -10.59 -2.78
N SER A 34 10.01 -10.76 -2.45
CA SER A 34 10.82 -9.73 -1.81
C SER A 34 11.04 -8.51 -2.72
N ILE A 35 10.64 -7.33 -2.25
CA ILE A 35 10.87 -6.08 -2.92
C ILE A 35 12.35 -5.70 -2.82
N THR A 36 13.08 -5.87 -3.92
CA THR A 36 14.48 -5.48 -4.01
C THR A 36 14.58 -4.11 -4.68
N ALA A 37 13.87 -3.15 -4.10
CA ALA A 37 13.76 -1.78 -4.60
C ALA A 37 14.19 -0.81 -3.51
N LYS A 38 14.34 0.47 -3.85
CA LYS A 38 14.65 1.50 -2.88
C LYS A 38 13.40 2.33 -2.58
N GLU A 39 12.30 2.05 -3.30
CA GLU A 39 11.03 2.72 -3.13
C GLU A 39 9.86 1.75 -3.27
N ALA A 40 8.92 1.83 -2.33
CA ALA A 40 7.72 1.03 -2.30
C ALA A 40 6.52 1.88 -1.88
N LEU A 41 5.31 1.30 -1.88
CA LEU A 41 4.08 1.98 -1.50
C LEU A 41 3.42 1.30 -0.31
N ILE A 42 2.76 2.10 0.54
CA ILE A 42 2.06 1.60 1.72
C ILE A 42 0.69 2.23 1.87
N CYS A 43 -0.30 1.41 2.23
CA CYS A 43 -1.65 1.88 2.56
C CYS A 43 -1.71 2.10 4.06
N PRO A 44 -1.93 3.33 4.54
CA PRO A 44 -1.99 3.63 5.96
C PRO A 44 -3.21 3.00 6.62
N THR A 45 -4.03 2.29 5.85
CA THR A 45 -5.25 1.68 6.36
C THR A 45 -5.26 0.15 6.23
N CYS A 46 -4.36 -0.41 5.43
CA CYS A 46 -4.27 -1.86 5.28
C CYS A 46 -2.83 -2.36 5.33
N ASN A 47 -1.88 -1.46 5.57
CA ASN A 47 -0.49 -1.77 5.88
C ASN A 47 0.16 -2.75 4.89
N VAL A 48 -0.03 -2.51 3.59
CA VAL A 48 0.55 -3.32 2.53
C VAL A 48 1.83 -2.68 2.03
N THR A 49 2.63 -3.45 1.30
CA THR A 49 3.85 -2.94 0.70
C THR A 49 4.03 -3.51 -0.71
N ILE A 50 4.20 -2.66 -1.72
CA ILE A 50 4.29 -3.10 -3.11
C ILE A 50 5.43 -2.39 -3.85
N HIS A 51 5.82 -2.96 -5.01
CA HIS A 51 6.94 -2.51 -5.84
C HIS A 51 6.77 -1.11 -6.45
N ASN A 52 5.93 -0.26 -5.87
CA ASN A 52 5.61 1.04 -6.43
C ASN A 52 5.17 0.95 -7.89
N ARG A 53 4.61 -0.19 -8.30
CA ARG A 53 3.97 -0.28 -9.59
C ARG A 53 2.93 -1.39 -9.64
N CYS A 54 2.85 -2.20 -8.59
CA CYS A 54 1.93 -3.33 -8.56
C CYS A 54 0.63 -2.99 -7.82
N LYS A 55 0.20 -1.72 -7.87
CA LYS A 55 -0.99 -1.26 -7.16
C LYS A 55 -2.25 -1.43 -8.00
N ASP A 56 -2.07 -1.81 -9.26
CA ASP A 56 -3.17 -2.03 -10.18
C ASP A 56 -3.60 -3.50 -10.18
N THR A 57 -3.26 -4.21 -9.11
CA THR A 57 -3.76 -5.57 -8.88
C THR A 57 -4.15 -5.78 -7.42
N LEU A 58 -3.91 -4.78 -6.58
CA LEU A 58 -4.40 -4.74 -5.21
C LEU A 58 -5.90 -4.47 -5.17
N ALA A 59 -6.61 -5.31 -4.43
CA ALA A 59 -8.05 -5.26 -4.22
C ALA A 59 -8.47 -3.96 -3.55
N ASN A 60 -9.78 -3.68 -3.51
CA ASN A 60 -10.33 -2.49 -2.87
C ASN A 60 -9.79 -2.33 -1.44
N CYS A 61 -9.65 -1.10 -0.97
CA CYS A 61 -9.05 -0.82 0.33
C CYS A 61 -9.93 -1.30 1.50
N THR A 62 -10.96 -2.07 1.20
CA THR A 62 -11.78 -2.75 2.20
C THR A 62 -11.89 -4.24 1.84
N LYS A 63 -10.93 -4.68 1.05
CA LYS A 63 -10.69 -6.06 0.68
C LYS A 63 -9.20 -6.35 0.78
N VAL A 64 -8.48 -5.43 1.44
CA VAL A 64 -7.07 -5.59 1.82
C VAL A 64 -6.96 -5.65 3.33
N LYS A 65 -7.56 -4.68 4.03
CA LYS A 65 -7.52 -4.70 5.49
C LYS A 65 -8.36 -5.83 6.06
N GLN A 66 -9.12 -6.49 5.21
CA GLN A 66 -9.85 -7.71 5.57
C GLN A 66 -8.91 -8.92 5.55
N LYS A 67 -7.62 -8.66 5.35
CA LYS A 67 -6.58 -9.67 5.52
C LYS A 67 -5.36 -9.11 6.25
N GLN A 68 -5.26 -7.78 6.37
CA GLN A 68 -4.13 -7.14 7.01
C GLN A 68 -4.44 -6.56 8.40
N GLN A 69 -5.58 -6.92 8.99
CA GLN A 69 -5.91 -6.49 10.35
C GLN A 69 -5.95 -7.70 11.29
N LYS A 70 -4.89 -7.83 12.11
CA LYS A 70 -4.78 -8.92 13.08
C LYS A 70 -5.57 -8.66 14.36
N ALA A 71 -6.59 -7.83 14.25
CA ALA A 71 -7.47 -7.51 15.37
C ALA A 71 -8.93 -7.53 14.91
N ALA A 72 -9.24 -8.47 14.00
CA ALA A 72 -10.56 -8.63 13.42
C ALA A 72 -10.96 -10.10 13.39
N LEU A 73 -12.26 -10.36 13.47
CA LEU A 73 -12.84 -11.70 13.42
C LEU A 73 -12.87 -12.18 11.96
N LEU A 74 -11.69 -12.19 11.33
CA LEU A 74 -11.49 -12.63 9.96
C LEU A 74 -11.61 -14.16 9.83
N LYS A 75 -12.74 -14.71 10.27
CA LYS A 75 -13.02 -16.14 10.21
C LYS A 75 -14.44 -16.38 9.70
N GLY A 1 -13.30 27.54 -5.25
CA GLY A 1 -13.94 26.78 -4.15
C GLY A 1 -13.11 26.81 -2.88
N PRO A 2 -13.64 26.27 -1.78
CA PRO A 2 -12.98 26.22 -0.49
C PRO A 2 -11.86 25.17 -0.46
N MET A 3 -11.78 24.33 -1.50
CA MET A 3 -10.79 23.26 -1.59
C MET A 3 -9.43 23.81 -2.02
N LYS A 4 -8.91 24.79 -1.27
CA LYS A 4 -7.60 25.38 -1.55
C LYS A 4 -6.51 24.33 -1.46
N GLU A 5 -5.65 24.29 -2.48
CA GLU A 5 -4.42 23.51 -2.50
C GLU A 5 -4.67 22.05 -2.13
N ALA A 6 -5.73 21.47 -2.68
CA ALA A 6 -6.11 20.08 -2.41
C ALA A 6 -6.47 19.38 -3.71
N LYS A 7 -5.57 18.52 -4.19
CA LYS A 7 -5.75 17.77 -5.43
C LYS A 7 -5.34 16.31 -5.25
N ASP A 8 -5.94 15.65 -4.26
CA ASP A 8 -5.68 14.25 -3.94
C ASP A 8 -6.21 13.34 -5.04
N ALA A 9 -5.31 12.82 -5.88
CA ALA A 9 -5.66 11.92 -6.97
C ALA A 9 -4.69 10.74 -7.02
N ARG A 10 -4.60 10.02 -5.89
CA ARG A 10 -3.71 8.88 -5.74
C ARG A 10 -4.42 7.71 -5.06
N TYR A 11 -5.56 7.32 -5.65
CA TYR A 11 -6.39 6.24 -5.13
C TYR A 11 -6.80 5.30 -6.25
N THR A 12 -6.15 4.13 -6.28
CA THR A 12 -6.39 3.13 -7.30
C THR A 12 -7.67 2.33 -7.02
N ASN A 13 -7.83 1.82 -5.79
CA ASN A 13 -9.01 1.07 -5.40
C ASN A 13 -9.43 1.38 -3.96
N GLY A 14 -9.07 2.55 -3.44
CA GLY A 14 -9.51 3.03 -2.14
C GLY A 14 -8.35 3.23 -1.17
N HIS A 15 -7.19 2.62 -1.45
CA HIS A 15 -6.01 2.79 -0.61
C HIS A 15 -5.08 3.91 -1.07
N LEU A 16 -4.61 4.66 -0.08
CA LEU A 16 -3.69 5.77 -0.27
C LEU A 16 -2.28 5.21 -0.30
N PHE A 17 -1.68 5.12 -1.49
CA PHE A 17 -0.34 4.61 -1.63
C PHE A 17 0.69 5.73 -1.62
N THR A 18 1.44 5.81 -0.52
CA THR A 18 2.48 6.80 -0.31
C THR A 18 3.86 6.17 -0.48
N THR A 19 4.77 6.87 -1.15
CA THR A 19 6.11 6.38 -1.41
C THR A 19 6.92 6.24 -0.12
N ILE A 20 7.51 5.07 0.06
CA ILE A 20 8.35 4.71 1.19
C ILE A 20 9.78 4.46 0.71
N SER A 21 10.68 4.18 1.65
CA SER A 21 12.08 3.91 1.36
C SER A 21 12.46 2.55 1.94
N VAL A 22 12.14 1.49 1.18
CA VAL A 22 12.44 0.12 1.57
C VAL A 22 13.94 -0.07 1.68
N SER A 23 14.42 -0.25 2.92
CA SER A 23 15.81 -0.48 3.23
C SER A 23 15.93 -1.61 4.24
N GLY A 24 15.36 -2.76 3.88
CA GLY A 24 15.34 -3.95 4.72
C GLY A 24 14.48 -5.04 4.09
N MET A 25 14.24 -6.13 4.81
CA MET A 25 13.44 -7.23 4.28
C MET A 25 12.00 -6.77 4.07
N THR A 26 11.59 -6.71 2.81
CA THR A 26 10.27 -6.22 2.40
C THR A 26 9.68 -7.14 1.34
N MET A 27 8.36 -7.35 1.34
CA MET A 27 7.70 -8.24 0.40
C MET A 27 6.50 -7.57 -0.27
N CYS A 28 6.44 -7.72 -1.60
CA CYS A 28 5.38 -7.17 -2.41
C CYS A 28 4.07 -7.88 -2.14
N TYR A 29 3.10 -7.17 -1.56
CA TYR A 29 1.80 -7.75 -1.26
C TYR A 29 0.99 -7.99 -2.55
N ALA A 30 1.56 -7.62 -3.70
CA ALA A 30 0.93 -7.86 -4.99
C ALA A 30 1.75 -8.76 -5.91
N CYS A 31 3.00 -9.05 -5.55
CA CYS A 31 3.81 -10.00 -6.31
C CYS A 31 4.40 -11.09 -5.42
N ASN A 32 3.95 -11.15 -4.16
CA ASN A 32 4.20 -12.13 -3.13
C ASN A 32 5.68 -12.50 -2.98
N LYS A 33 6.55 -11.58 -3.37
CA LYS A 33 7.99 -11.76 -3.39
C LYS A 33 8.74 -10.56 -2.83
N SER A 34 10.01 -10.76 -2.52
CA SER A 34 10.84 -9.75 -1.88
C SER A 34 11.08 -8.53 -2.76
N ILE A 35 10.67 -7.35 -2.27
CA ILE A 35 10.91 -6.07 -2.93
C ILE A 35 12.39 -5.71 -2.84
N THR A 36 13.11 -5.87 -3.96
CA THR A 36 14.51 -5.50 -4.06
C THR A 36 14.62 -4.12 -4.72
N ALA A 37 13.94 -3.16 -4.11
CA ALA A 37 13.84 -1.78 -4.59
C ALA A 37 14.26 -0.83 -3.49
N LYS A 38 14.43 0.46 -3.82
CA LYS A 38 14.70 1.48 -2.81
C LYS A 38 13.46 2.36 -2.60
N GLU A 39 12.38 2.04 -3.32
CA GLU A 39 11.09 2.72 -3.20
C GLU A 39 9.93 1.75 -3.33
N ALA A 40 9.00 1.85 -2.39
CA ALA A 40 7.79 1.03 -2.33
C ALA A 40 6.59 1.89 -1.92
N LEU A 41 5.40 1.31 -1.89
CA LEU A 41 4.16 1.99 -1.50
C LEU A 41 3.54 1.33 -0.28
N ILE A 42 2.86 2.13 0.55
CA ILE A 42 2.19 1.65 1.75
C ILE A 42 0.80 2.26 1.89
N CYS A 43 -0.19 1.46 2.29
CA CYS A 43 -1.53 1.92 2.57
C CYS A 43 -1.65 2.13 4.08
N PRO A 44 -1.95 3.36 4.54
CA PRO A 44 -2.10 3.64 5.96
C PRO A 44 -3.36 3.00 6.54
N THR A 45 -4.15 2.30 5.71
CA THR A 45 -5.41 1.71 6.16
C THR A 45 -5.41 0.18 6.09
N CYS A 46 -4.49 -0.43 5.35
CA CYS A 46 -4.35 -1.89 5.36
C CYS A 46 -2.87 -2.33 5.41
N ASN A 47 -1.96 -1.38 5.59
CA ASN A 47 -0.54 -1.65 5.88
C ASN A 47 0.10 -2.68 4.94
N VAL A 48 0.01 -2.43 3.63
CA VAL A 48 0.59 -3.28 2.60
C VAL A 48 1.87 -2.65 2.08
N THR A 49 2.65 -3.42 1.31
CA THR A 49 3.88 -2.93 0.71
C THR A 49 4.05 -3.50 -0.70
N ILE A 50 4.22 -2.65 -1.72
CA ILE A 50 4.35 -3.09 -3.10
C ILE A 50 5.48 -2.39 -3.85
N HIS A 51 5.86 -2.94 -5.00
CA HIS A 51 6.96 -2.48 -5.86
C HIS A 51 6.76 -1.10 -6.47
N ASN A 52 5.93 -0.24 -5.86
CA ASN A 52 5.59 1.05 -6.42
C ASN A 52 5.13 0.95 -7.88
N ARG A 53 4.56 -0.19 -8.26
CA ARG A 53 3.92 -0.29 -9.56
C ARG A 53 2.87 -1.40 -9.60
N CYS A 54 2.77 -2.19 -8.53
CA CYS A 54 1.84 -3.30 -8.46
C CYS A 54 0.56 -2.93 -7.71
N LYS A 55 0.16 -1.66 -7.78
CA LYS A 55 -1.05 -1.19 -7.11
C LYS A 55 -2.29 -1.36 -7.99
N ASP A 56 -2.05 -1.66 -9.27
CA ASP A 56 -3.13 -1.83 -10.23
C ASP A 56 -3.54 -3.30 -10.34
N THR A 57 -3.22 -4.07 -9.29
CA THR A 57 -3.69 -5.44 -9.15
C THR A 57 -4.11 -5.73 -7.71
N LEU A 58 -3.92 -4.75 -6.82
CA LEU A 58 -4.40 -4.83 -5.44
C LEU A 58 -5.89 -4.54 -5.35
N ALA A 59 -6.56 -5.39 -4.56
CA ALA A 59 -7.99 -5.33 -4.29
C ALA A 59 -8.37 -4.03 -3.59
N ASN A 60 -9.68 -3.71 -3.55
CA ASN A 60 -10.20 -2.55 -2.85
C ASN A 60 -9.65 -2.51 -1.44
N CYS A 61 -9.39 -1.32 -0.89
CA CYS A 61 -8.70 -1.26 0.39
C CYS A 61 -9.52 -1.91 1.51
N THR A 62 -10.82 -2.09 1.31
CA THR A 62 -11.70 -2.74 2.29
C THR A 62 -11.70 -4.26 2.09
N LYS A 63 -11.01 -4.70 1.04
CA LYS A 63 -10.78 -6.09 0.70
C LYS A 63 -9.29 -6.40 0.84
N VAL A 64 -8.56 -5.46 1.44
CA VAL A 64 -7.18 -5.67 1.86
C VAL A 64 -7.08 -5.65 3.38
N LYS A 65 -7.71 -4.69 4.06
CA LYS A 65 -7.65 -4.68 5.51
C LYS A 65 -8.44 -5.82 6.12
N GLN A 66 -9.28 -6.47 5.32
CA GLN A 66 -10.00 -7.66 5.74
C GLN A 66 -9.10 -8.89 5.62
N LYS A 67 -7.82 -8.68 5.32
CA LYS A 67 -6.80 -9.72 5.38
C LYS A 67 -5.52 -9.22 6.05
N GLN A 68 -5.42 -7.90 6.28
CA GLN A 68 -4.30 -7.32 7.00
C GLN A 68 -4.69 -6.89 8.42
N GLN A 69 -5.91 -7.23 8.85
CA GLN A 69 -6.36 -6.98 10.21
C GLN A 69 -7.08 -8.22 10.76
N LYS A 70 -6.39 -9.37 10.73
CA LYS A 70 -6.96 -10.64 11.19
C LYS A 70 -6.98 -10.74 12.71
N ALA A 71 -7.25 -9.61 13.37
CA ALA A 71 -7.49 -9.54 14.80
C ALA A 71 -8.69 -8.64 15.08
N ALA A 72 -9.58 -8.52 14.09
CA ALA A 72 -10.76 -7.67 14.16
C ALA A 72 -11.98 -8.40 13.62
N LEU A 73 -13.14 -8.14 14.22
CA LEU A 73 -14.40 -8.73 13.80
C LEU A 73 -14.95 -7.98 12.57
N LEU A 74 -14.13 -7.90 11.53
CA LEU A 74 -14.50 -7.30 10.25
C LEU A 74 -15.43 -8.23 9.47
N LYS A 75 -16.54 -8.62 10.10
CA LYS A 75 -17.54 -9.50 9.53
C LYS A 75 -18.94 -8.97 9.80
N GLY A 1 8.73 20.49 3.34
CA GLY A 1 7.58 21.39 3.51
C GLY A 1 6.35 20.65 4.01
N PRO A 2 5.26 21.38 4.27
CA PRO A 2 4.00 20.83 4.73
C PRO A 2 3.22 20.24 3.54
N MET A 3 1.92 19.97 3.76
CA MET A 3 1.03 19.52 2.71
C MET A 3 0.65 20.68 1.77
N LYS A 4 1.66 21.32 1.18
CA LYS A 4 1.47 22.43 0.26
C LYS A 4 0.83 21.95 -1.04
N GLU A 5 -0.46 22.23 -1.21
CA GLU A 5 -1.21 21.90 -2.41
C GLU A 5 -1.24 20.39 -2.65
N ALA A 6 -1.72 19.65 -1.65
CA ALA A 6 -1.80 18.21 -1.71
C ALA A 6 -2.93 17.77 -2.66
N LYS A 7 -2.54 17.31 -3.86
CA LYS A 7 -3.49 16.82 -4.86
C LYS A 7 -4.01 15.44 -4.46
N ASP A 8 -5.25 15.39 -3.97
CA ASP A 8 -5.89 14.15 -3.56
C ASP A 8 -6.37 13.33 -4.75
N ALA A 9 -5.44 12.91 -5.61
CA ALA A 9 -5.73 12.11 -6.77
C ALA A 9 -4.72 10.97 -6.89
N ARG A 10 -4.61 10.18 -5.81
CA ARG A 10 -3.72 9.03 -5.72
C ARG A 10 -4.45 7.85 -5.09
N TYR A 11 -5.59 7.49 -5.67
CA TYR A 11 -6.44 6.41 -5.19
C TYR A 11 -6.82 5.46 -6.32
N THR A 12 -6.17 4.31 -6.32
CA THR A 12 -6.35 3.26 -7.32
C THR A 12 -7.59 2.41 -7.04
N ASN A 13 -7.77 1.92 -5.80
CA ASN A 13 -8.95 1.15 -5.42
C ASN A 13 -9.42 1.52 -4.02
N GLY A 14 -9.08 2.73 -3.58
CA GLY A 14 -9.48 3.26 -2.28
C GLY A 14 -8.28 3.41 -1.35
N HIS A 15 -7.16 2.74 -1.63
CA HIS A 15 -5.99 2.88 -0.77
C HIS A 15 -5.09 4.05 -1.16
N LEU A 16 -4.62 4.75 -0.12
CA LEU A 16 -3.70 5.86 -0.27
C LEU A 16 -2.31 5.28 -0.29
N PHE A 17 -1.70 5.22 -1.48
CA PHE A 17 -0.36 4.67 -1.61
C PHE A 17 0.68 5.78 -1.58
N THR A 18 1.42 5.84 -0.47
CA THR A 18 2.47 6.82 -0.25
C THR A 18 3.85 6.17 -0.43
N THR A 19 4.76 6.89 -1.08
CA THR A 19 6.10 6.40 -1.35
C THR A 19 6.90 6.24 -0.07
N ILE A 20 7.53 5.08 0.07
CA ILE A 20 8.35 4.70 1.20
C ILE A 20 9.78 4.46 0.73
N SER A 21 10.67 4.17 1.67
CA SER A 21 12.09 3.94 1.40
C SER A 21 12.49 2.57 1.93
N VAL A 22 12.12 1.52 1.20
CA VAL A 22 12.43 0.14 1.57
C VAL A 22 13.94 -0.07 1.61
N SER A 23 14.47 -0.25 2.82
CA SER A 23 15.87 -0.50 3.07
C SER A 23 16.01 -1.64 4.08
N GLY A 24 15.40 -2.78 3.76
CA GLY A 24 15.39 -3.95 4.61
C GLY A 24 14.50 -5.04 4.00
N MET A 25 14.25 -6.11 4.76
CA MET A 25 13.42 -7.21 4.28
C MET A 25 11.98 -6.75 4.08
N THR A 26 11.55 -6.70 2.82
CA THR A 26 10.24 -6.21 2.43
C THR A 26 9.65 -7.15 1.38
N MET A 27 8.32 -7.33 1.38
CA MET A 27 7.66 -8.23 0.44
C MET A 27 6.46 -7.58 -0.24
N CYS A 28 6.39 -7.75 -1.56
CA CYS A 28 5.35 -7.20 -2.40
C CYS A 28 4.02 -7.90 -2.13
N TYR A 29 3.05 -7.17 -1.57
CA TYR A 29 1.74 -7.73 -1.32
C TYR A 29 0.97 -7.94 -2.63
N ALA A 30 1.59 -7.58 -3.76
CA ALA A 30 1.00 -7.81 -5.07
C ALA A 30 1.77 -8.82 -5.92
N CYS A 31 3.04 -9.09 -5.58
CA CYS A 31 3.82 -10.08 -6.31
C CYS A 31 4.40 -11.16 -5.40
N ASN A 32 3.93 -11.18 -4.15
CA ASN A 32 4.18 -12.16 -3.10
C ASN A 32 5.66 -12.51 -2.94
N LYS A 33 6.54 -11.58 -3.33
CA LYS A 33 7.98 -11.78 -3.34
C LYS A 33 8.71 -10.57 -2.78
N SER A 34 9.98 -10.76 -2.45
CA SER A 34 10.81 -9.75 -1.81
C SER A 34 11.05 -8.54 -2.71
N ILE A 35 10.63 -7.36 -2.24
CA ILE A 35 10.87 -6.09 -2.92
C ILE A 35 12.34 -5.73 -2.84
N THR A 36 13.06 -5.89 -3.95
CA THR A 36 14.47 -5.54 -4.06
C THR A 36 14.58 -4.16 -4.70
N ALA A 37 13.92 -3.18 -4.08
CA ALA A 37 13.82 -1.81 -4.54
C ALA A 37 14.22 -0.87 -3.41
N LYS A 38 14.40 0.42 -3.71
CA LYS A 38 14.65 1.42 -2.67
C LYS A 38 13.40 2.27 -2.46
N GLU A 39 12.35 2.03 -3.25
CA GLU A 39 11.07 2.70 -3.15
C GLU A 39 9.90 1.73 -3.28
N ALA A 40 8.97 1.83 -2.35
CA ALA A 40 7.75 1.03 -2.30
C ALA A 40 6.56 1.89 -1.89
N LEU A 41 5.35 1.31 -1.87
CA LEU A 41 4.13 2.00 -1.48
C LEU A 41 3.50 1.34 -0.27
N ILE A 42 2.82 2.14 0.57
CA ILE A 42 2.13 1.65 1.76
C ILE A 42 0.74 2.28 1.89
N CYS A 43 -0.24 1.45 2.26
CA CYS A 43 -1.59 1.91 2.57
C CYS A 43 -1.68 2.13 4.08
N PRO A 44 -1.91 3.37 4.54
CA PRO A 44 -1.98 3.68 5.96
C PRO A 44 -3.21 3.05 6.60
N THR A 45 -4.03 2.35 5.82
CA THR A 45 -5.27 1.75 6.32
C THR A 45 -5.28 0.23 6.24
N CYS A 46 -4.36 -0.38 5.47
CA CYS A 46 -4.27 -1.83 5.37
C CYS A 46 -2.82 -2.32 5.45
N ASN A 47 -1.88 -1.40 5.63
CA ASN A 47 -0.48 -1.69 5.94
C ASN A 47 0.16 -2.69 4.97
N VAL A 48 0.01 -2.45 3.67
CA VAL A 48 0.59 -3.28 2.62
C VAL A 48 1.87 -2.65 2.10
N THR A 49 2.66 -3.43 1.36
CA THR A 49 3.89 -2.92 0.74
C THR A 49 4.03 -3.50 -0.66
N ILE A 50 4.20 -2.64 -1.68
CA ILE A 50 4.27 -3.08 -3.08
C ILE A 50 5.40 -2.38 -3.84
N HIS A 51 5.78 -2.94 -5.00
CA HIS A 51 6.88 -2.49 -5.85
C HIS A 51 6.69 -1.10 -6.47
N ASN A 52 5.86 -0.25 -5.87
CA ASN A 52 5.53 1.05 -6.42
C ASN A 52 5.07 0.95 -7.88
N ARG A 53 4.48 -0.19 -8.26
CA ARG A 53 3.85 -0.28 -9.57
C ARG A 53 2.80 -1.39 -9.63
N CYS A 54 2.68 -2.17 -8.56
CA CYS A 54 1.75 -3.29 -8.51
C CYS A 54 0.48 -2.93 -7.75
N LYS A 55 0.09 -1.65 -7.76
CA LYS A 55 -1.07 -1.16 -7.01
C LYS A 55 -2.37 -1.31 -7.76
N ASP A 56 -2.27 -1.67 -9.05
CA ASP A 56 -3.45 -1.86 -9.88
C ASP A 56 -3.81 -3.33 -10.02
N THR A 57 -3.39 -4.12 -9.05
CA THR A 57 -3.81 -5.51 -8.90
C THR A 57 -4.14 -5.81 -7.44
N LEU A 58 -3.88 -4.85 -6.56
CA LEU A 58 -4.34 -4.89 -5.19
C LEU A 58 -5.85 -4.68 -5.14
N ALA A 59 -6.53 -5.55 -4.39
CA ALA A 59 -7.97 -5.49 -4.18
C ALA A 59 -8.36 -4.15 -3.53
N ASN A 60 -9.64 -3.80 -3.58
CA ASN A 60 -10.14 -2.55 -3.00
C ASN A 60 -9.67 -2.40 -1.56
N CYS A 61 -9.53 -1.15 -1.10
CA CYS A 61 -8.94 -0.86 0.21
C CYS A 61 -9.83 -1.32 1.39
N THR A 62 -10.86 -2.11 1.11
CA THR A 62 -11.69 -2.74 2.13
C THR A 62 -11.71 -4.25 1.92
N LYS A 63 -10.91 -4.70 0.97
CA LYS A 63 -10.68 -6.10 0.65
C LYS A 63 -9.18 -6.38 0.77
N VAL A 64 -8.47 -5.46 1.43
CA VAL A 64 -7.09 -5.61 1.84
C VAL A 64 -6.99 -5.68 3.35
N LYS A 65 -7.60 -4.72 4.05
CA LYS A 65 -7.53 -4.74 5.51
C LYS A 65 -8.40 -5.84 6.11
N GLN A 66 -9.20 -6.49 5.28
CA GLN A 66 -9.93 -7.69 5.68
C GLN A 66 -9.03 -8.92 5.60
N LYS A 67 -7.74 -8.71 5.31
CA LYS A 67 -6.72 -9.74 5.40
C LYS A 67 -5.45 -9.22 6.09
N GLN A 68 -5.35 -7.90 6.27
CA GLN A 68 -4.23 -7.30 7.00
C GLN A 68 -4.62 -6.89 8.42
N GLN A 69 -5.77 -7.37 8.90
CA GLN A 69 -6.18 -7.22 10.29
C GLN A 69 -6.57 -8.58 10.86
N LYS A 70 -5.65 -9.54 10.77
CA LYS A 70 -5.84 -10.90 11.27
C LYS A 70 -5.54 -10.97 12.77
N ALA A 71 -6.23 -10.12 13.51
CA ALA A 71 -6.16 -10.03 14.96
C ALA A 71 -7.57 -9.92 15.51
N ALA A 72 -7.93 -10.78 16.46
CA ALA A 72 -9.27 -10.81 17.04
C ALA A 72 -9.51 -9.66 18.02
N LEU A 73 -9.29 -8.44 17.54
CA LEU A 73 -9.43 -7.21 18.32
C LEU A 73 -10.18 -6.13 17.54
N LEU A 74 -11.02 -6.53 16.58
CA LEU A 74 -11.87 -5.62 15.85
C LEU A 74 -13.29 -6.17 15.70
N LYS A 75 -13.76 -6.87 16.74
CA LYS A 75 -15.10 -7.46 16.79
C LYS A 75 -15.27 -8.49 15.67
N GLY A 1 7.37 25.73 1.98
CA GLY A 1 7.80 24.41 1.49
C GLY A 1 7.64 24.29 -0.02
N PRO A 2 8.35 23.35 -0.64
CA PRO A 2 8.32 23.12 -2.08
C PRO A 2 7.01 22.49 -2.55
N MET A 3 6.15 22.08 -1.63
CA MET A 3 4.85 21.50 -1.96
C MET A 3 3.94 22.56 -2.56
N LYS A 4 3.75 22.52 -3.89
CA LYS A 4 2.91 23.46 -4.61
C LYS A 4 2.04 22.72 -5.62
N GLU A 5 1.79 21.44 -5.36
CA GLU A 5 1.07 20.58 -6.28
C GLU A 5 0.16 19.63 -5.53
N ALA A 6 -0.72 20.19 -4.69
CA ALA A 6 -1.67 19.42 -3.91
C ALA A 6 -2.77 18.86 -4.80
N LYS A 7 -2.69 17.56 -5.10
CA LYS A 7 -3.65 16.88 -5.96
C LYS A 7 -4.06 15.55 -5.36
N ASP A 8 -5.27 15.49 -4.80
CA ASP A 8 -5.81 14.29 -4.17
C ASP A 8 -6.32 13.30 -5.22
N ALA A 9 -5.39 12.77 -6.02
CA ALA A 9 -5.68 11.85 -7.09
C ALA A 9 -4.70 10.69 -7.09
N ARG A 10 -4.61 10.00 -5.95
CA ARG A 10 -3.71 8.87 -5.77
C ARG A 10 -4.44 7.71 -5.09
N TYR A 11 -5.55 7.29 -5.69
CA TYR A 11 -6.38 6.21 -5.18
C TYR A 11 -6.78 5.27 -6.31
N THR A 12 -6.14 4.11 -6.34
CA THR A 12 -6.34 3.11 -7.37
C THR A 12 -7.61 2.29 -7.08
N ASN A 13 -7.76 1.78 -5.84
CA ASN A 13 -8.94 1.01 -5.44
C ASN A 13 -9.36 1.32 -4.00
N GLY A 14 -9.01 2.51 -3.49
CA GLY A 14 -9.45 2.99 -2.19
C GLY A 14 -8.28 3.18 -1.23
N HIS A 15 -7.13 2.58 -1.51
CA HIS A 15 -5.95 2.75 -0.67
C HIS A 15 -5.04 3.90 -1.08
N LEU A 16 -4.61 4.65 -0.08
CA LEU A 16 -3.70 5.77 -0.26
C LEU A 16 -2.28 5.21 -0.28
N PHE A 17 -1.68 5.15 -1.47
CA PHE A 17 -0.34 4.62 -1.61
C PHE A 17 0.70 5.74 -1.59
N THR A 18 1.43 5.82 -0.48
CA THR A 18 2.47 6.82 -0.26
C THR A 18 3.84 6.18 -0.43
N THR A 19 4.76 6.90 -1.08
CA THR A 19 6.10 6.40 -1.35
C THR A 19 6.91 6.27 -0.06
N ILE A 20 7.49 5.08 0.11
CA ILE A 20 8.33 4.72 1.24
C ILE A 20 9.76 4.47 0.76
N SER A 21 10.66 4.20 1.70
CA SER A 21 12.06 3.93 1.41
C SER A 21 12.44 2.56 1.97
N VAL A 22 12.13 1.51 1.19
CA VAL A 22 12.44 0.13 1.56
C VAL A 22 13.95 -0.06 1.61
N SER A 23 14.48 -0.24 2.82
CA SER A 23 15.89 -0.49 3.06
C SER A 23 16.03 -1.62 4.09
N GLY A 24 15.42 -2.76 3.77
CA GLY A 24 15.40 -3.94 4.63
C GLY A 24 14.53 -5.02 3.99
N MET A 25 14.28 -6.10 4.72
CA MET A 25 13.47 -7.21 4.21
C MET A 25 12.02 -6.77 4.03
N THR A 26 11.59 -6.69 2.77
CA THR A 26 10.26 -6.22 2.40
C THR A 26 9.66 -7.15 1.35
N MET A 27 8.34 -7.35 1.36
CA MET A 27 7.67 -8.24 0.43
C MET A 27 6.47 -7.58 -0.24
N CYS A 28 6.40 -7.73 -1.56
CA CYS A 28 5.34 -7.18 -2.40
C CYS A 28 4.03 -7.89 -2.12
N TYR A 29 3.05 -7.18 -1.56
CA TYR A 29 1.76 -7.76 -1.27
C TYR A 29 0.96 -8.00 -2.56
N ALA A 30 1.53 -7.62 -3.69
CA ALA A 30 0.90 -7.86 -4.99
C ALA A 30 1.71 -8.77 -5.90
N CYS A 31 2.97 -9.06 -5.55
CA CYS A 31 3.78 -10.03 -6.29
C CYS A 31 4.36 -11.11 -5.40
N ASN A 32 3.90 -11.15 -4.15
CA ASN A 32 4.16 -12.13 -3.10
C ASN A 32 5.64 -12.49 -2.94
N LYS A 33 6.50 -11.57 -3.35
CA LYS A 33 7.95 -11.76 -3.38
C LYS A 33 8.70 -10.55 -2.83
N SER A 34 9.97 -10.75 -2.51
CA SER A 34 10.80 -9.75 -1.88
C SER A 34 11.03 -8.52 -2.77
N ILE A 35 10.64 -7.35 -2.27
CA ILE A 35 10.87 -6.07 -2.94
C ILE A 35 12.35 -5.70 -2.84
N THR A 36 13.08 -5.86 -3.95
CA THR A 36 14.48 -5.49 -4.04
C THR A 36 14.59 -4.11 -4.70
N ALA A 37 13.90 -3.14 -4.09
CA ALA A 37 13.81 -1.78 -4.56
C ALA A 37 14.22 -0.82 -3.46
N LYS A 38 14.41 0.46 -3.78
CA LYS A 38 14.68 1.48 -2.76
C LYS A 38 13.45 2.36 -2.54
N GLU A 39 12.38 2.08 -3.29
CA GLU A 39 11.09 2.75 -3.17
C GLU A 39 9.92 1.78 -3.30
N ALA A 40 9.00 1.87 -2.35
CA ALA A 40 7.79 1.05 -2.30
C ALA A 40 6.60 1.90 -1.89
N LEU A 41 5.39 1.32 -1.86
CA LEU A 41 4.16 2.00 -1.48
C LEU A 41 3.53 1.34 -0.25
N ILE A 42 2.85 2.13 0.58
CA ILE A 42 2.18 1.66 1.78
C ILE A 42 0.79 2.28 1.91
N CYS A 43 -0.19 1.47 2.31
CA CYS A 43 -1.54 1.93 2.61
C CYS A 43 -1.66 2.15 4.11
N PRO A 44 -1.97 3.37 4.57
CA PRO A 44 -2.14 3.66 5.98
C PRO A 44 -3.41 3.01 6.55
N THR A 45 -4.18 2.30 5.72
CA THR A 45 -5.44 1.71 6.17
C THR A 45 -5.44 0.18 6.08
N CYS A 46 -4.52 -0.42 5.33
CA CYS A 46 -4.38 -1.87 5.32
C CYS A 46 -2.90 -2.32 5.37
N ASN A 47 -1.99 -1.38 5.59
CA ASN A 47 -0.59 -1.64 5.88
C ASN A 47 0.07 -2.66 4.95
N VAL A 48 0.00 -2.40 3.64
CA VAL A 48 0.58 -3.26 2.61
C VAL A 48 1.87 -2.65 2.10
N THR A 49 2.63 -3.41 1.32
CA THR A 49 3.86 -2.92 0.72
C THR A 49 4.03 -3.50 -0.69
N ILE A 50 4.22 -2.66 -1.70
CA ILE A 50 4.34 -3.10 -3.10
C ILE A 50 5.49 -2.41 -3.84
N HIS A 51 5.85 -2.98 -4.99
CA HIS A 51 6.97 -2.53 -5.85
C HIS A 51 6.78 -1.14 -6.45
N ASN A 52 5.96 -0.28 -5.86
CA ASN A 52 5.63 1.01 -6.41
C ASN A 52 5.17 0.91 -7.87
N ARG A 53 4.59 -0.23 -8.26
CA ARG A 53 3.95 -0.33 -9.57
C ARG A 53 2.90 -1.43 -9.61
N CYS A 54 2.79 -2.21 -8.53
CA CYS A 54 1.85 -3.32 -8.46
C CYS A 54 0.58 -2.94 -7.71
N LYS A 55 0.19 -1.67 -7.78
CA LYS A 55 -1.02 -1.18 -7.12
C LYS A 55 -2.24 -1.32 -8.01
N ASP A 56 -2.01 -1.63 -9.29
CA ASP A 56 -3.08 -1.81 -10.27
C ASP A 56 -3.48 -3.28 -10.38
N THR A 57 -3.19 -4.05 -9.33
CA THR A 57 -3.67 -5.42 -9.20
C THR A 57 -4.09 -5.72 -7.77
N LEU A 58 -3.90 -4.75 -6.87
CA LEU A 58 -4.37 -4.85 -5.50
C LEU A 58 -5.87 -4.60 -5.39
N ALA A 59 -6.51 -5.44 -4.57
CA ALA A 59 -7.94 -5.41 -4.29
C ALA A 59 -8.33 -4.08 -3.62
N ASN A 60 -9.63 -3.81 -3.58
CA ASN A 60 -10.19 -2.65 -2.90
C ASN A 60 -9.63 -2.55 -1.48
N CYS A 61 -9.39 -1.34 -0.97
CA CYS A 61 -8.71 -1.23 0.30
C CYS A 61 -9.53 -1.83 1.46
N THR A 62 -10.83 -2.01 1.24
CA THR A 62 -11.71 -2.64 2.23
C THR A 62 -11.75 -4.15 2.02
N LYS A 63 -11.00 -4.60 1.02
CA LYS A 63 -10.81 -5.99 0.65
C LYS A 63 -9.32 -6.34 0.76
N VAL A 64 -8.57 -5.46 1.42
CA VAL A 64 -7.20 -5.68 1.84
C VAL A 64 -7.11 -5.66 3.36
N LYS A 65 -7.77 -4.70 4.03
CA LYS A 65 -7.73 -4.69 5.49
C LYS A 65 -8.55 -5.84 6.08
N GLN A 66 -9.34 -6.51 5.23
CA GLN A 66 -10.00 -7.74 5.60
C GLN A 66 -9.05 -8.92 5.61
N LYS A 67 -7.75 -8.65 5.36
CA LYS A 67 -6.69 -9.65 5.52
C LYS A 67 -5.47 -9.05 6.22
N GLN A 68 -5.44 -7.73 6.41
CA GLN A 68 -4.33 -7.07 7.09
C GLN A 68 -4.72 -6.52 8.47
N GLN A 69 -5.87 -6.96 9.01
CA GLN A 69 -6.27 -6.62 10.37
C GLN A 69 -6.66 -7.90 11.12
N LYS A 70 -5.76 -8.33 12.01
CA LYS A 70 -5.96 -9.54 12.80
C LYS A 70 -6.64 -9.23 14.13
N ALA A 71 -6.96 -7.96 14.40
CA ALA A 71 -7.51 -7.57 15.69
C ALA A 71 -8.75 -6.70 15.50
N ALA A 72 -9.48 -6.93 14.40
CA ALA A 72 -10.68 -6.17 14.07
C ALA A 72 -11.79 -7.13 13.61
N LEU A 73 -12.96 -7.04 14.22
CA LEU A 73 -14.10 -7.88 13.87
C LEU A 73 -14.81 -7.31 12.63
N LEU A 74 -14.02 -6.93 11.61
CA LEU A 74 -14.54 -6.39 10.36
C LEU A 74 -14.95 -7.52 9.40
N LYS A 75 -15.65 -8.52 9.93
CA LYS A 75 -16.14 -9.66 9.17
C LYS A 75 -17.59 -9.96 9.56
N GLY A 1 6.92 28.17 -3.52
CA GLY A 1 6.99 27.69 -2.13
C GLY A 1 7.32 26.20 -2.06
N PRO A 2 7.77 25.73 -0.90
CA PRO A 2 8.16 24.34 -0.68
C PRO A 2 6.94 23.42 -0.62
N MET A 3 5.73 23.97 -0.55
CA MET A 3 4.50 23.21 -0.50
C MET A 3 4.24 22.52 -1.85
N LYS A 4 4.48 21.20 -1.91
CA LYS A 4 4.28 20.41 -3.11
C LYS A 4 2.81 20.28 -3.47
N GLU A 5 2.59 20.03 -4.77
CA GLU A 5 1.27 19.89 -5.38
C GLU A 5 0.43 18.83 -4.67
N ALA A 6 -0.54 19.27 -3.87
CA ALA A 6 -1.41 18.37 -3.13
C ALA A 6 -2.52 17.80 -4.01
N LYS A 7 -2.11 17.14 -5.10
CA LYS A 7 -3.04 16.51 -6.04
C LYS A 7 -3.66 15.26 -5.42
N ASP A 8 -4.92 15.37 -5.00
CA ASP A 8 -5.68 14.28 -4.40
C ASP A 8 -6.17 13.31 -5.45
N ALA A 9 -5.22 12.77 -6.22
CA ALA A 9 -5.48 11.87 -7.33
C ALA A 9 -4.50 10.70 -7.28
N ARG A 10 -4.45 10.00 -6.14
CA ARG A 10 -3.57 8.87 -5.93
C ARG A 10 -4.33 7.72 -5.26
N TYR A 11 -5.42 7.30 -5.90
CA TYR A 11 -6.28 6.24 -5.40
C TYR A 11 -6.65 5.28 -6.52
N THR A 12 -6.03 4.11 -6.50
CA THR A 12 -6.23 3.08 -7.51
C THR A 12 -7.52 2.28 -7.23
N ASN A 13 -7.70 1.79 -5.99
CA ASN A 13 -8.89 1.04 -5.60
C ASN A 13 -9.35 1.39 -4.18
N GLY A 14 -8.99 2.60 -3.72
CA GLY A 14 -9.45 3.14 -2.46
C GLY A 14 -8.31 3.37 -1.47
N HIS A 15 -7.17 2.70 -1.67
CA HIS A 15 -6.03 2.85 -0.79
C HIS A 15 -5.11 3.99 -1.19
N LEU A 16 -4.66 4.73 -0.17
CA LEU A 16 -3.74 5.84 -0.34
C LEU A 16 -2.33 5.28 -0.34
N PHE A 17 -1.72 5.19 -1.52
CA PHE A 17 -0.37 4.67 -1.64
C PHE A 17 0.66 5.79 -1.61
N THR A 18 1.38 5.87 -0.49
CA THR A 18 2.41 6.87 -0.26
C THR A 18 3.79 6.23 -0.40
N THR A 19 4.74 6.96 -0.98
CA THR A 19 6.08 6.44 -1.24
C THR A 19 6.86 6.23 0.06
N ILE A 20 7.48 5.05 0.17
CA ILE A 20 8.29 4.62 1.29
C ILE A 20 9.68 4.25 0.80
N SER A 21 10.59 4.03 1.73
CA SER A 21 11.99 3.74 1.43
C SER A 21 12.38 2.38 2.00
N VAL A 22 12.20 1.34 1.18
CA VAL A 22 12.52 -0.03 1.57
C VAL A 22 14.04 -0.18 1.72
N SER A 23 14.46 -0.33 2.97
CA SER A 23 15.86 -0.49 3.34
C SER A 23 15.97 -1.61 4.37
N GLY A 24 15.44 -2.78 3.99
CA GLY A 24 15.41 -3.98 4.82
C GLY A 24 14.55 -5.04 4.14
N MET A 25 14.24 -6.14 4.85
CA MET A 25 13.42 -7.19 4.29
C MET A 25 12.00 -6.69 4.07
N THR A 26 11.58 -6.62 2.80
CA THR A 26 10.26 -6.14 2.41
C THR A 26 9.67 -7.08 1.36
N MET A 27 8.35 -7.25 1.36
CA MET A 27 7.67 -8.15 0.43
C MET A 27 6.47 -7.49 -0.24
N CYS A 28 6.38 -7.66 -1.56
CA CYS A 28 5.32 -7.13 -2.39
C CYS A 28 4.01 -7.84 -2.10
N TYR A 29 3.04 -7.13 -1.53
CA TYR A 29 1.74 -7.71 -1.23
C TYR A 29 0.94 -7.96 -2.50
N ALA A 30 1.50 -7.58 -3.65
CA ALA A 30 0.87 -7.82 -4.94
C ALA A 30 1.68 -8.75 -5.86
N CYS A 31 2.94 -9.04 -5.50
CA CYS A 31 3.73 -10.01 -6.24
C CYS A 31 4.31 -11.10 -5.33
N ASN A 32 3.86 -11.12 -4.09
CA ASN A 32 4.11 -12.11 -3.05
C ASN A 32 5.58 -12.48 -2.90
N LYS A 33 6.46 -11.56 -3.30
CA LYS A 33 7.90 -11.76 -3.32
C LYS A 33 8.64 -10.55 -2.77
N SER A 34 9.92 -10.75 -2.43
CA SER A 34 10.74 -9.73 -1.80
C SER A 34 10.98 -8.54 -2.71
N ILE A 35 10.60 -7.35 -2.25
CA ILE A 35 10.85 -6.09 -2.95
C ILE A 35 12.34 -5.75 -2.89
N THR A 36 13.04 -5.95 -4.01
CA THR A 36 14.45 -5.59 -4.13
C THR A 36 14.56 -4.22 -4.80
N ALA A 37 13.89 -3.24 -4.20
CA ALA A 37 13.80 -1.86 -4.68
C ALA A 37 14.22 -0.92 -3.57
N LYS A 38 14.33 0.38 -3.88
CA LYS A 38 14.62 1.39 -2.87
C LYS A 38 13.40 2.29 -2.64
N GLU A 39 12.32 2.01 -3.37
CA GLU A 39 11.04 2.69 -3.22
C GLU A 39 9.86 1.72 -3.32
N ALA A 40 8.93 1.86 -2.36
CA ALA A 40 7.73 1.06 -2.28
C ALA A 40 6.54 1.92 -1.88
N LEU A 41 5.34 1.34 -1.81
CA LEU A 41 4.10 2.03 -1.45
C LEU A 41 3.43 1.37 -0.25
N ILE A 42 2.74 2.16 0.57
CA ILE A 42 2.05 1.68 1.75
C ILE A 42 0.65 2.30 1.88
N CYS A 43 -0.34 1.48 2.24
CA CYS A 43 -1.69 1.93 2.55
C CYS A 43 -1.78 2.16 4.05
N PRO A 44 -2.03 3.41 4.50
CA PRO A 44 -2.11 3.73 5.91
C PRO A 44 -3.34 3.09 6.55
N THR A 45 -4.15 2.37 5.77
CA THR A 45 -5.37 1.75 6.28
C THR A 45 -5.34 0.23 6.19
N CYS A 46 -4.41 -0.35 5.40
CA CYS A 46 -4.30 -1.79 5.29
C CYS A 46 -2.85 -2.27 5.37
N ASN A 47 -1.91 -1.35 5.60
CA ASN A 47 -0.52 -1.63 5.92
C ASN A 47 0.15 -2.62 4.95
N VAL A 48 0.00 -2.39 3.65
CA VAL A 48 0.58 -3.22 2.61
C VAL A 48 1.87 -2.59 2.10
N THR A 49 2.64 -3.37 1.33
CA THR A 49 3.88 -2.89 0.74
C THR A 49 4.04 -3.45 -0.67
N ILE A 50 4.23 -2.60 -1.69
CA ILE A 50 4.34 -3.06 -3.08
C ILE A 50 5.48 -2.38 -3.82
N HIS A 51 5.86 -2.95 -4.98
CA HIS A 51 6.98 -2.51 -5.83
C HIS A 51 6.80 -1.11 -6.44
N ASN A 52 5.96 -0.26 -5.84
CA ASN A 52 5.64 1.04 -6.39
C ASN A 52 5.17 0.94 -7.84
N ARG A 53 4.59 -0.20 -8.22
CA ARG A 53 3.95 -0.30 -9.52
C ARG A 53 2.90 -1.41 -9.57
N CYS A 54 2.80 -2.19 -8.50
CA CYS A 54 1.85 -3.30 -8.43
C CYS A 54 0.57 -2.91 -7.70
N LYS A 55 0.18 -1.64 -7.79
CA LYS A 55 -1.02 -1.14 -7.14
C LYS A 55 -2.25 -1.27 -8.04
N ASP A 56 -2.01 -1.64 -9.30
CA ASP A 56 -3.07 -1.83 -10.27
C ASP A 56 -3.49 -3.29 -10.37
N THR A 57 -3.20 -4.05 -9.31
CA THR A 57 -3.67 -5.42 -9.16
C THR A 57 -4.08 -5.70 -7.72
N LEU A 58 -3.91 -4.72 -6.84
CA LEU A 58 -4.38 -4.81 -5.47
C LEU A 58 -5.88 -4.57 -5.36
N ALA A 59 -6.52 -5.40 -4.54
CA ALA A 59 -7.95 -5.37 -4.27
C ALA A 59 -8.37 -4.06 -3.60
N ASN A 60 -9.67 -3.80 -3.56
CA ASN A 60 -10.23 -2.59 -2.93
C ASN A 60 -9.70 -2.42 -1.52
N CYS A 61 -9.58 -1.17 -1.07
CA CYS A 61 -8.99 -0.86 0.23
C CYS A 61 -9.87 -1.32 1.40
N THR A 62 -10.90 -2.10 1.11
CA THR A 62 -11.72 -2.76 2.12
C THR A 62 -11.85 -4.24 1.80
N LYS A 63 -10.88 -4.70 1.01
CA LYS A 63 -10.65 -6.09 0.67
C LYS A 63 -9.15 -6.39 0.77
N VAL A 64 -8.42 -5.46 1.39
CA VAL A 64 -7.03 -5.62 1.78
C VAL A 64 -6.93 -5.67 3.29
N LYS A 65 -7.54 -4.71 3.98
CA LYS A 65 -7.50 -4.70 5.43
C LYS A 65 -8.35 -5.81 6.03
N GLN A 66 -9.11 -6.50 5.17
CA GLN A 66 -9.86 -7.69 5.58
C GLN A 66 -8.94 -8.92 5.62
N LYS A 67 -7.66 -8.71 5.37
CA LYS A 67 -6.63 -9.73 5.56
C LYS A 67 -5.39 -9.15 6.25
N GLN A 68 -5.30 -7.82 6.32
CA GLN A 68 -4.20 -7.15 7.02
C GLN A 68 -4.61 -6.66 8.41
N GLN A 69 -5.77 -7.10 8.91
CA GLN A 69 -6.20 -6.83 10.28
C GLN A 69 -6.74 -8.10 10.92
N LYS A 70 -5.92 -9.16 10.93
CA LYS A 70 -6.31 -10.45 11.50
C LYS A 70 -6.12 -10.44 13.02
N ALA A 71 -6.74 -9.47 13.68
CA ALA A 71 -6.83 -9.44 15.14
C ALA A 71 -8.22 -8.97 15.56
N ALA A 72 -9.21 -9.19 14.68
CA ALA A 72 -10.60 -8.79 14.89
C ALA A 72 -11.53 -9.87 14.35
N LEU A 73 -12.70 -10.02 14.98
CA LEU A 73 -13.71 -10.96 14.52
C LEU A 73 -14.50 -10.35 13.37
N LEU A 74 -13.77 -9.81 12.37
CA LEU A 74 -14.35 -9.21 11.17
C LEU A 74 -14.83 -10.28 10.20
N LYS A 75 -15.68 -11.19 10.68
CA LYS A 75 -16.25 -12.28 9.90
C LYS A 75 -17.21 -11.71 8.86
N GLY A 1 10.55 23.01 -3.37
CA GLY A 1 10.02 23.41 -2.06
C GLY A 1 9.06 22.37 -1.52
N PRO A 2 8.72 22.46 -0.22
CA PRO A 2 7.83 21.54 0.46
C PRO A 2 6.37 21.73 0.03
N MET A 3 6.07 22.82 -0.71
CA MET A 3 4.73 23.11 -1.20
C MET A 3 4.42 22.29 -2.44
N LYS A 4 4.55 20.96 -2.35
CA LYS A 4 4.29 20.04 -3.44
C LYS A 4 2.82 20.02 -3.83
N GLU A 5 2.59 19.63 -5.08
CA GLU A 5 1.27 19.56 -5.71
C GLU A 5 0.33 18.69 -4.87
N ALA A 6 -0.60 19.33 -4.17
CA ALA A 6 -1.56 18.64 -3.31
C ALA A 6 -2.70 18.05 -4.15
N LYS A 7 -2.35 17.23 -5.14
CA LYS A 7 -3.29 16.57 -6.03
C LYS A 7 -3.86 15.33 -5.35
N ASP A 8 -5.10 15.41 -4.88
CA ASP A 8 -5.81 14.32 -4.24
C ASP A 8 -6.32 13.32 -5.28
N ALA A 9 -5.38 12.81 -6.08
CA ALA A 9 -5.67 11.91 -7.18
C ALA A 9 -4.68 10.75 -7.19
N ARG A 10 -4.60 10.05 -6.06
CA ARG A 10 -3.70 8.91 -5.88
C ARG A 10 -4.42 7.76 -5.21
N TYR A 11 -5.53 7.34 -5.82
CA TYR A 11 -6.38 6.27 -5.32
C TYR A 11 -6.77 5.32 -6.45
N THR A 12 -6.12 4.16 -6.46
CA THR A 12 -6.34 3.15 -7.48
C THR A 12 -7.60 2.33 -7.21
N ASN A 13 -7.76 1.80 -5.98
CA ASN A 13 -8.93 1.04 -5.58
C ASN A 13 -9.39 1.38 -4.15
N GLY A 14 -9.04 2.59 -3.68
CA GLY A 14 -9.50 3.11 -2.42
C GLY A 14 -8.35 3.34 -1.43
N HIS A 15 -7.21 2.69 -1.66
CA HIS A 15 -6.05 2.86 -0.78
C HIS A 15 -5.13 4.00 -1.18
N LEU A 16 -4.67 4.72 -0.16
CA LEU A 16 -3.75 5.82 -0.33
C LEU A 16 -2.34 5.25 -0.35
N PHE A 17 -1.73 5.17 -1.53
CA PHE A 17 -0.39 4.65 -1.65
C PHE A 17 0.64 5.77 -1.62
N THR A 18 1.37 5.84 -0.50
CA THR A 18 2.40 6.84 -0.27
C THR A 18 3.79 6.20 -0.42
N THR A 19 4.71 6.94 -1.04
CA THR A 19 6.06 6.46 -1.29
C THR A 19 6.84 6.27 0.01
N ILE A 20 7.47 5.10 0.13
CA ILE A 20 8.29 4.70 1.26
C ILE A 20 9.72 4.44 0.79
N SER A 21 10.61 4.15 1.73
CA SER A 21 12.00 3.87 1.44
C SER A 21 12.37 2.51 2.00
N VAL A 22 12.07 1.46 1.23
CA VAL A 22 12.38 0.07 1.59
C VAL A 22 13.89 -0.14 1.66
N SER A 23 14.40 -0.28 2.89
CA SER A 23 15.81 -0.53 3.14
C SER A 23 15.93 -1.64 4.19
N GLY A 24 15.31 -2.77 3.89
CA GLY A 24 15.27 -3.93 4.77
C GLY A 24 14.41 -5.03 4.15
N MET A 25 14.11 -6.09 4.91
CA MET A 25 13.30 -7.19 4.43
C MET A 25 11.86 -6.73 4.19
N THR A 26 11.48 -6.69 2.92
CA THR A 26 10.18 -6.21 2.49
C THR A 26 9.60 -7.16 1.43
N MET A 27 8.27 -7.32 1.41
CA MET A 27 7.62 -8.22 0.47
C MET A 27 6.41 -7.55 -0.21
N CYS A 28 6.35 -7.71 -1.53
CA CYS A 28 5.29 -7.16 -2.37
C CYS A 28 3.98 -7.86 -2.09
N TYR A 29 3.01 -7.15 -1.54
CA TYR A 29 1.71 -7.71 -1.25
C TYR A 29 0.91 -7.96 -2.54
N ALA A 30 1.49 -7.60 -3.69
CA ALA A 30 0.87 -7.84 -4.98
C ALA A 30 1.70 -8.76 -5.89
N CYS A 31 2.95 -9.04 -5.52
CA CYS A 31 3.76 -10.01 -6.26
C CYS A 31 4.32 -11.10 -5.35
N ASN A 32 3.86 -11.13 -4.10
CA ASN A 32 4.11 -12.12 -3.06
C ASN A 32 5.58 -12.48 -2.90
N LYS A 33 6.46 -11.56 -3.30
CA LYS A 33 7.91 -11.76 -3.31
C LYS A 33 8.65 -10.56 -2.75
N SER A 34 9.92 -10.74 -2.41
CA SER A 34 10.74 -9.73 -1.77
C SER A 34 10.98 -8.52 -2.67
N ILE A 35 10.59 -7.33 -2.20
CA ILE A 35 10.83 -6.07 -2.89
C ILE A 35 12.32 -5.71 -2.78
N THR A 36 13.05 -5.88 -3.89
CA THR A 36 14.45 -5.53 -3.97
C THR A 36 14.58 -4.14 -4.61
N ALA A 37 13.90 -3.17 -4.00
CA ALA A 37 13.82 -1.79 -4.46
C ALA A 37 14.24 -0.85 -3.35
N LYS A 38 14.36 0.45 -3.65
CA LYS A 38 14.61 1.46 -2.62
C LYS A 38 13.38 2.35 -2.45
N GLU A 39 12.33 2.08 -3.23
CA GLU A 39 11.04 2.74 -3.12
C GLU A 39 9.88 1.76 -3.24
N ALA A 40 8.94 1.86 -2.30
CA ALA A 40 7.73 1.06 -2.26
C ALA A 40 6.53 1.93 -1.85
N LEU A 41 5.34 1.34 -1.84
CA LEU A 41 4.10 2.03 -1.48
C LEU A 41 3.44 1.36 -0.28
N ILE A 42 2.76 2.15 0.55
CA ILE A 42 2.06 1.68 1.74
C ILE A 42 0.68 2.29 1.88
N CYS A 43 -0.32 1.47 2.23
CA CYS A 43 -1.67 1.93 2.55
C CYS A 43 -1.73 2.17 4.05
N PRO A 44 -1.99 3.41 4.49
CA PRO A 44 -2.04 3.74 5.91
C PRO A 44 -3.26 3.11 6.57
N THR A 45 -4.08 2.38 5.80
CA THR A 45 -5.30 1.78 6.32
C THR A 45 -5.29 0.25 6.24
N CYS A 46 -4.37 -0.33 5.46
CA CYS A 46 -4.26 -1.78 5.36
C CYS A 46 -2.81 -2.26 5.43
N ASN A 47 -1.87 -1.34 5.64
CA ASN A 47 -0.48 -1.63 5.94
C ASN A 47 0.17 -2.62 4.97
N VAL A 48 -0.02 -2.40 3.67
CA VAL A 48 0.56 -3.22 2.61
C VAL A 48 1.83 -2.60 2.10
N THR A 49 2.61 -3.37 1.33
CA THR A 49 3.84 -2.88 0.74
C THR A 49 4.02 -3.46 -0.67
N ILE A 50 4.21 -2.62 -1.69
CA ILE A 50 4.33 -3.06 -3.08
C ILE A 50 5.46 -2.38 -3.82
N HIS A 51 5.85 -2.96 -4.97
CA HIS A 51 6.96 -2.50 -5.81
C HIS A 51 6.79 -1.10 -6.41
N ASN A 52 5.97 -0.24 -5.83
CA ASN A 52 5.66 1.06 -6.39
C ASN A 52 5.20 0.97 -7.84
N ARG A 53 4.61 -0.17 -8.22
CA ARG A 53 3.95 -0.26 -9.51
C ARG A 53 2.89 -1.35 -9.54
N CYS A 54 2.81 -2.17 -8.48
CA CYS A 54 1.88 -3.28 -8.44
C CYS A 54 0.58 -2.91 -7.72
N LYS A 55 0.19 -1.63 -7.79
CA LYS A 55 -1.02 -1.15 -7.15
C LYS A 55 -2.24 -1.29 -8.06
N ASP A 56 -1.99 -1.63 -9.33
CA ASP A 56 -3.05 -1.81 -10.30
C ASP A 56 -3.46 -3.28 -10.41
N THR A 57 -3.17 -4.05 -9.36
CA THR A 57 -3.65 -5.42 -9.21
C THR A 57 -4.07 -5.70 -7.78
N LEU A 58 -3.91 -4.71 -6.90
CA LEU A 58 -4.39 -4.80 -5.52
C LEU A 58 -5.89 -4.56 -5.43
N ALA A 59 -6.52 -5.40 -4.59
CA ALA A 59 -7.95 -5.37 -4.31
C ALA A 59 -8.38 -4.06 -3.66
N ASN A 60 -9.69 -3.80 -3.59
CA ASN A 60 -10.26 -2.61 -2.95
C ASN A 60 -9.70 -2.45 -1.55
N CYS A 61 -9.57 -1.20 -1.08
CA CYS A 61 -8.94 -0.91 0.20
C CYS A 61 -9.77 -1.42 1.39
N THR A 62 -10.88 -2.11 1.12
CA THR A 62 -11.68 -2.77 2.16
C THR A 62 -11.67 -4.28 1.96
N LYS A 63 -10.90 -4.72 0.97
CA LYS A 63 -10.65 -6.10 0.64
C LYS A 63 -9.14 -6.39 0.77
N VAL A 64 -8.43 -5.44 1.40
CA VAL A 64 -7.04 -5.59 1.79
C VAL A 64 -6.95 -5.63 3.31
N LYS A 65 -7.57 -4.66 3.99
CA LYS A 65 -7.51 -4.65 5.45
C LYS A 65 -8.34 -5.76 6.07
N GLN A 66 -9.15 -6.44 5.25
CA GLN A 66 -9.87 -7.63 5.68
C GLN A 66 -8.97 -8.87 5.60
N LYS A 67 -7.68 -8.65 5.33
CA LYS A 67 -6.65 -9.67 5.42
C LYS A 67 -5.39 -9.12 6.12
N GLN A 68 -5.32 -7.80 6.31
CA GLN A 68 -4.23 -7.17 7.03
C GLN A 68 -4.65 -6.70 8.43
N GLN A 69 -5.84 -7.10 8.88
CA GLN A 69 -6.33 -6.85 10.23
C GLN A 69 -6.95 -8.12 10.80
N LYS A 70 -6.17 -9.21 10.82
CA LYS A 70 -6.63 -10.49 11.35
C LYS A 70 -7.03 -10.37 12.81
N ALA A 71 -8.08 -11.10 13.17
CA ALA A 71 -8.62 -11.16 14.52
C ALA A 71 -9.18 -9.80 14.96
N ALA A 72 -10.03 -9.21 14.11
CA ALA A 72 -10.67 -7.94 14.37
C ALA A 72 -12.16 -8.02 14.01
N LEU A 73 -13.02 -7.47 14.88
CA LEU A 73 -14.45 -7.40 14.63
C LEU A 73 -14.74 -6.19 13.74
N LEU A 74 -14.06 -6.12 12.59
CA LEU A 74 -14.21 -5.05 11.61
C LEU A 74 -15.48 -5.25 10.78
N LYS A 75 -16.62 -5.48 11.45
CA LYS A 75 -17.92 -5.69 10.86
C LYS A 75 -17.95 -6.97 10.01
N GLY A 1 -12.57 28.07 0.85
CA GLY A 1 -11.74 27.21 1.71
C GLY A 1 -10.31 27.14 1.18
N PRO A 2 -9.36 26.73 2.04
CA PRO A 2 -7.94 26.63 1.70
C PRO A 2 -7.66 25.44 0.78
N MET A 3 -8.63 24.54 0.60
CA MET A 3 -8.50 23.38 -0.27
C MET A 3 -8.68 23.78 -1.75
N LYS A 4 -7.89 24.74 -2.21
CA LYS A 4 -7.95 25.25 -3.57
C LYS A 4 -7.54 24.16 -4.56
N GLU A 5 -8.53 23.59 -5.26
CA GLU A 5 -8.34 22.68 -6.38
C GLU A 5 -7.37 21.55 -6.04
N ALA A 6 -7.69 20.83 -4.97
CA ALA A 6 -6.94 19.71 -4.47
C ALA A 6 -6.83 18.62 -5.53
N LYS A 7 -5.65 18.51 -6.15
CA LYS A 7 -5.38 17.53 -7.21
C LYS A 7 -5.09 16.15 -6.61
N ASP A 8 -6.02 15.63 -5.80
CA ASP A 8 -5.89 14.33 -5.17
C ASP A 8 -6.09 13.23 -6.21
N ALA A 9 -4.99 12.67 -6.72
CA ALA A 9 -5.04 11.65 -7.76
C ALA A 9 -4.07 10.51 -7.47
N ARG A 10 -4.19 9.92 -6.27
CA ARG A 10 -3.39 8.76 -5.89
C ARG A 10 -4.24 7.69 -5.21
N TYR A 11 -5.33 7.31 -5.87
CA TYR A 11 -6.24 6.28 -5.39
C TYR A 11 -6.63 5.34 -6.51
N THR A 12 -6.04 4.15 -6.48
CA THR A 12 -6.25 3.13 -7.50
C THR A 12 -7.54 2.35 -7.25
N ASN A 13 -7.74 1.83 -6.01
CA ASN A 13 -8.93 1.08 -5.65
C ASN A 13 -9.40 1.41 -4.23
N GLY A 14 -9.05 2.59 -3.73
CA GLY A 14 -9.52 3.11 -2.44
C GLY A 14 -8.38 3.31 -1.45
N HIS A 15 -7.23 2.66 -1.67
CA HIS A 15 -6.09 2.81 -0.78
C HIS A 15 -5.14 3.91 -1.19
N LEU A 16 -4.70 4.66 -0.17
CA LEU A 16 -3.79 5.77 -0.34
C LEU A 16 -2.37 5.23 -0.34
N PHE A 17 -1.76 5.15 -1.51
CA PHE A 17 -0.40 4.65 -1.63
C PHE A 17 0.62 5.79 -1.60
N THR A 18 1.32 5.88 -0.49
CA THR A 18 2.35 6.88 -0.25
C THR A 18 3.73 6.25 -0.38
N THR A 19 4.68 6.97 -0.99
CA THR A 19 6.02 6.46 -1.24
C THR A 19 6.78 6.23 0.07
N ILE A 20 7.44 5.08 0.15
CA ILE A 20 8.24 4.64 1.29
C ILE A 20 9.64 4.29 0.81
N SER A 21 10.55 4.05 1.76
CA SER A 21 11.95 3.77 1.46
C SER A 21 12.33 2.40 2.02
N VAL A 22 12.16 1.37 1.19
CA VAL A 22 12.49 0.00 1.54
C VAL A 22 14.01 -0.17 1.59
N SER A 23 14.51 -0.35 2.80
CA SER A 23 15.94 -0.56 3.07
C SER A 23 16.10 -1.70 4.07
N GLY A 24 15.48 -2.84 3.76
CA GLY A 24 15.48 -4.01 4.60
C GLY A 24 14.57 -5.10 4.01
N MET A 25 14.30 -6.15 4.78
CA MET A 25 13.44 -7.24 4.32
C MET A 25 12.01 -6.75 4.12
N THR A 26 11.59 -6.67 2.86
CA THR A 26 10.27 -6.18 2.47
C THR A 26 9.66 -7.11 1.42
N MET A 27 8.35 -7.28 1.42
CA MET A 27 7.66 -8.18 0.50
C MET A 27 6.47 -7.51 -0.18
N CYS A 28 6.38 -7.69 -1.50
CA CYS A 28 5.33 -7.14 -2.33
C CYS A 28 4.00 -7.85 -2.05
N TYR A 29 3.04 -7.12 -1.49
CA TYR A 29 1.74 -7.69 -1.19
C TYR A 29 0.93 -7.92 -2.48
N ALA A 30 1.50 -7.57 -3.63
CA ALA A 30 0.88 -7.81 -4.93
C ALA A 30 1.68 -8.73 -5.83
N CYS A 31 2.94 -9.02 -5.47
CA CYS A 31 3.75 -9.99 -6.22
C CYS A 31 4.32 -11.08 -5.32
N ASN A 32 3.86 -11.10 -4.08
CA ASN A 32 4.11 -12.10 -3.03
C ASN A 32 5.59 -12.46 -2.87
N LYS A 33 6.47 -11.54 -3.27
CA LYS A 33 7.91 -11.74 -3.30
C LYS A 33 8.65 -10.53 -2.75
N SER A 34 9.92 -10.72 -2.40
CA SER A 34 10.75 -9.72 -1.76
C SER A 34 10.99 -8.51 -2.68
N ILE A 35 10.59 -7.32 -2.20
CA ILE A 35 10.84 -6.07 -2.89
C ILE A 35 12.32 -5.72 -2.84
N THR A 36 13.01 -5.91 -3.96
CA THR A 36 14.42 -5.56 -4.10
C THR A 36 14.54 -4.19 -4.75
N ALA A 37 13.89 -3.20 -4.13
CA ALA A 37 13.81 -1.82 -4.59
C ALA A 37 14.20 -0.89 -3.45
N LYS A 38 14.36 0.40 -3.75
CA LYS A 38 14.62 1.40 -2.72
C LYS A 38 13.37 2.26 -2.50
N GLU A 39 12.32 2.02 -3.28
CA GLU A 39 11.04 2.68 -3.17
C GLU A 39 9.87 1.72 -3.26
N ALA A 40 8.93 1.86 -2.33
CA ALA A 40 7.72 1.06 -2.25
C ALA A 40 6.52 1.93 -1.85
N LEU A 41 5.32 1.34 -1.78
CA LEU A 41 4.09 2.04 -1.43
C LEU A 41 3.42 1.38 -0.23
N ILE A 42 2.72 2.17 0.59
CA ILE A 42 2.02 1.69 1.77
C ILE A 42 0.62 2.30 1.89
N CYS A 43 -0.37 1.47 2.25
CA CYS A 43 -1.73 1.92 2.55
C CYS A 43 -1.81 2.18 4.05
N PRO A 44 -2.07 3.42 4.48
CA PRO A 44 -2.14 3.76 5.89
C PRO A 44 -3.35 3.12 6.57
N THR A 45 -4.16 2.38 5.79
CA THR A 45 -5.37 1.75 6.32
C THR A 45 -5.33 0.23 6.26
N CYS A 46 -4.40 -0.34 5.49
CA CYS A 46 -4.28 -1.78 5.39
C CYS A 46 -2.82 -2.26 5.47
N ASN A 47 -1.88 -1.33 5.66
CA ASN A 47 -0.49 -1.61 5.97
C ASN A 47 0.17 -2.61 5.01
N VAL A 48 0.00 -2.38 3.70
CA VAL A 48 0.57 -3.20 2.65
C VAL A 48 1.87 -2.59 2.14
N THR A 49 2.63 -3.35 1.36
CA THR A 49 3.87 -2.87 0.76
C THR A 49 4.03 -3.45 -0.64
N ILE A 50 4.22 -2.60 -1.66
CA ILE A 50 4.33 -3.05 -3.05
C ILE A 50 5.49 -2.37 -3.79
N HIS A 51 5.87 -2.93 -4.94
CA HIS A 51 6.99 -2.48 -5.78
C HIS A 51 6.80 -1.09 -6.39
N ASN A 52 5.97 -0.23 -5.78
CA ASN A 52 5.64 1.07 -6.34
C ASN A 52 5.19 0.97 -7.79
N ARG A 53 4.62 -0.17 -8.18
CA ARG A 53 3.99 -0.26 -9.49
C ARG A 53 2.93 -1.37 -9.55
N CYS A 54 2.82 -2.17 -8.48
CA CYS A 54 1.88 -3.27 -8.42
C CYS A 54 0.59 -2.87 -7.70
N LYS A 55 0.22 -1.58 -7.77
CA LYS A 55 -1.00 -1.08 -7.16
C LYS A 55 -2.19 -1.19 -8.10
N ASP A 56 -1.93 -1.57 -9.35
CA ASP A 56 -2.97 -1.75 -10.35
C ASP A 56 -3.37 -3.22 -10.46
N THR A 57 -3.09 -3.99 -9.41
CA THR A 57 -3.56 -5.36 -9.29
C THR A 57 -4.01 -5.66 -7.86
N LEU A 58 -3.86 -4.69 -6.96
CA LEU A 58 -4.34 -4.80 -5.60
C LEU A 58 -5.85 -4.55 -5.52
N ALA A 59 -6.52 -5.42 -4.78
CA ALA A 59 -7.95 -5.37 -4.52
C ALA A 59 -8.33 -4.08 -3.80
N ASN A 60 -9.63 -3.75 -3.82
CA ASN A 60 -10.17 -2.57 -3.15
C ASN A 60 -9.66 -2.47 -1.72
N CYS A 61 -9.53 -1.24 -1.22
CA CYS A 61 -8.93 -1.02 0.09
C CYS A 61 -9.74 -1.67 1.23
N THR A 62 -10.93 -2.19 0.92
CA THR A 62 -11.75 -2.89 1.90
C THR A 62 -11.54 -4.40 1.81
N LYS A 63 -10.83 -4.86 0.78
CA LYS A 63 -10.49 -6.26 0.59
C LYS A 63 -9.05 -6.52 0.99
N VAL A 64 -8.35 -5.47 1.39
CA VAL A 64 -6.98 -5.57 1.85
C VAL A 64 -6.93 -5.58 3.36
N LYS A 65 -7.61 -4.63 4.03
CA LYS A 65 -7.62 -4.61 5.48
C LYS A 65 -8.44 -5.74 6.07
N GLN A 66 -9.23 -6.42 5.23
CA GLN A 66 -9.95 -7.61 5.64
C GLN A 66 -9.04 -8.84 5.62
N LYS A 67 -7.74 -8.62 5.38
CA LYS A 67 -6.73 -9.65 5.55
C LYS A 67 -5.48 -9.11 6.26
N GLN A 68 -5.35 -7.78 6.38
CA GLN A 68 -4.19 -7.20 7.05
C GLN A 68 -4.48 -6.74 8.48
N GLN A 69 -5.70 -6.92 8.98
CA GLN A 69 -6.00 -6.72 10.40
C GLN A 69 -6.93 -7.80 10.93
N LYS A 70 -6.64 -8.29 12.13
CA LYS A 70 -7.49 -9.23 12.85
C LYS A 70 -8.83 -8.56 13.15
N ALA A 71 -9.85 -9.37 13.45
CA ALA A 71 -11.17 -8.87 13.83
C ALA A 71 -11.03 -7.67 14.76
N ALA A 72 -11.60 -6.53 14.36
CA ALA A 72 -11.40 -5.25 15.02
C ALA A 72 -11.65 -5.29 16.52
N LEU A 73 -10.56 -5.30 17.29
CA LEU A 73 -10.56 -5.17 18.73
C LEU A 73 -9.46 -4.17 19.11
N LEU A 74 -9.19 -3.21 18.23
CA LEU A 74 -8.17 -2.19 18.41
C LEU A 74 -8.76 -0.98 19.13
N LYS A 75 -9.59 -1.23 20.15
CA LYS A 75 -10.22 -0.19 20.95
C LYS A 75 -10.15 -0.54 22.43
N GLY A 1 -5.81 19.94 8.08
CA GLY A 1 -4.48 20.50 7.83
C GLY A 1 -4.57 21.83 7.09
N PRO A 2 -3.50 22.64 7.15
CA PRO A 2 -3.43 23.95 6.51
C PRO A 2 -3.32 23.83 4.98
N MET A 3 -3.07 22.63 4.47
CA MET A 3 -2.96 22.39 3.03
C MET A 3 -4.34 22.48 2.38
N LYS A 4 -4.60 23.59 1.67
CA LYS A 4 -5.87 23.83 0.99
C LYS A 4 -5.93 23.06 -0.32
N GLU A 5 -5.17 21.98 -0.43
CA GLU A 5 -4.95 21.30 -1.69
C GLU A 5 -4.88 19.79 -1.48
N ALA A 6 -5.92 19.23 -0.85
CA ALA A 6 -6.03 17.81 -0.56
C ALA A 6 -6.44 17.02 -1.81
N LYS A 7 -5.67 17.16 -2.89
CA LYS A 7 -5.92 16.51 -4.17
C LYS A 7 -5.85 14.99 -4.02
N ASP A 8 -7.00 14.34 -3.99
CA ASP A 8 -7.09 12.88 -3.87
C ASP A 8 -6.87 12.21 -5.21
N ALA A 9 -5.74 12.52 -5.85
CA ALA A 9 -5.39 11.98 -7.16
C ALA A 9 -4.40 10.82 -7.05
N ARG A 10 -4.39 10.12 -5.91
CA ARG A 10 -3.56 8.94 -5.70
C ARG A 10 -4.34 7.82 -5.02
N TYR A 11 -5.46 7.44 -5.63
CA TYR A 11 -6.32 6.37 -5.12
C TYR A 11 -6.73 5.44 -6.24
N THR A 12 -6.12 4.27 -6.26
CA THR A 12 -6.37 3.25 -7.28
C THR A 12 -7.65 2.47 -6.97
N ASN A 13 -7.82 1.99 -5.74
CA ASN A 13 -9.02 1.25 -5.33
C ASN A 13 -9.45 1.59 -3.90
N GLY A 14 -9.08 2.77 -3.41
CA GLY A 14 -9.53 3.27 -2.12
C GLY A 14 -8.39 3.44 -1.12
N HIS A 15 -7.24 2.82 -1.39
CA HIS A 15 -6.06 2.98 -0.54
C HIS A 15 -5.11 4.07 -0.99
N LEU A 16 -4.63 4.82 0.00
CA LEU A 16 -3.69 5.90 -0.19
C LEU A 16 -2.28 5.31 -0.22
N PHE A 17 -1.70 5.21 -1.41
CA PHE A 17 -0.36 4.67 -1.56
C PHE A 17 0.68 5.79 -1.55
N THR A 18 1.42 5.86 -0.44
CA THR A 18 2.46 6.85 -0.23
C THR A 18 3.83 6.21 -0.42
N THR A 19 4.75 6.92 -1.07
CA THR A 19 6.09 6.43 -1.35
C THR A 19 6.90 6.27 -0.06
N ILE A 20 7.53 5.12 0.08
CA ILE A 20 8.36 4.74 1.21
C ILE A 20 9.78 4.48 0.74
N SER A 21 10.68 4.19 1.69
CA SER A 21 12.07 3.92 1.39
C SER A 21 12.46 2.57 1.98
N VAL A 22 12.20 1.50 1.22
CA VAL A 22 12.53 0.14 1.63
C VAL A 22 14.04 -0.08 1.60
N SER A 23 14.60 -0.28 2.79
CA SER A 23 16.02 -0.54 2.98
C SER A 23 16.19 -1.69 3.96
N GLY A 24 15.56 -2.82 3.65
CA GLY A 24 15.57 -4.01 4.48
C GLY A 24 14.64 -5.07 3.90
N MET A 25 14.34 -6.11 4.68
CA MET A 25 13.45 -7.18 4.23
C MET A 25 12.04 -6.66 4.06
N THR A 26 11.58 -6.60 2.81
CA THR A 26 10.24 -6.14 2.47
C THR A 26 9.63 -7.07 1.43
N MET A 27 8.30 -7.27 1.46
CA MET A 27 7.62 -8.18 0.55
C MET A 27 6.44 -7.52 -0.15
N CYS A 28 6.37 -7.70 -1.47
CA CYS A 28 5.33 -7.16 -2.31
C CYS A 28 4.00 -7.87 -2.05
N TYR A 29 3.02 -7.14 -1.52
CA TYR A 29 1.70 -7.71 -1.27
C TYR A 29 0.95 -7.94 -2.58
N ALA A 30 1.56 -7.55 -3.70
CA ALA A 30 0.98 -7.77 -5.02
C ALA A 30 1.77 -8.78 -5.87
N CYS A 31 3.02 -9.06 -5.50
CA CYS A 31 3.81 -10.06 -6.21
C CYS A 31 4.37 -11.14 -5.29
N ASN A 32 3.89 -11.15 -4.04
CA ASN A 32 4.12 -12.11 -2.98
C ASN A 32 5.59 -12.49 -2.80
N LYS A 33 6.48 -11.57 -3.21
CA LYS A 33 7.92 -11.78 -3.21
C LYS A 33 8.66 -10.56 -2.67
N SER A 34 9.94 -10.75 -2.34
CA SER A 34 10.77 -9.74 -1.73
C SER A 34 11.00 -8.53 -2.64
N ILE A 35 10.59 -7.34 -2.18
CA ILE A 35 10.82 -6.08 -2.86
C ILE A 35 12.31 -5.72 -2.79
N THR A 36 13.01 -5.90 -3.91
CA THR A 36 14.42 -5.53 -4.05
C THR A 36 14.51 -4.16 -4.71
N ALA A 37 13.84 -3.18 -4.09
CA ALA A 37 13.74 -1.82 -4.57
C ALA A 37 14.16 -0.87 -3.45
N LYS A 38 14.37 0.41 -3.76
CA LYS A 38 14.64 1.41 -2.73
C LYS A 38 13.40 2.27 -2.50
N GLU A 39 12.34 2.02 -3.28
CA GLU A 39 11.07 2.70 -3.15
C GLU A 39 9.90 1.73 -3.27
N ALA A 40 8.97 1.84 -2.31
CA ALA A 40 7.76 1.04 -2.26
C ALA A 40 6.57 1.92 -1.85
N LEU A 41 5.36 1.35 -1.83
CA LEU A 41 4.13 2.03 -1.45
C LEU A 41 3.52 1.39 -0.21
N ILE A 42 2.84 2.18 0.61
CA ILE A 42 2.17 1.72 1.81
C ILE A 42 0.78 2.35 1.95
N CYS A 43 -0.20 1.54 2.35
CA CYS A 43 -1.55 2.01 2.66
C CYS A 43 -1.68 2.20 4.16
N PRO A 44 -1.98 3.42 4.63
CA PRO A 44 -2.12 3.69 6.05
C PRO A 44 -3.39 3.04 6.62
N THR A 45 -4.18 2.37 5.78
CA THR A 45 -5.45 1.78 6.21
C THR A 45 -5.48 0.26 6.11
N CYS A 46 -4.57 -0.36 5.36
CA CYS A 46 -4.45 -1.81 5.34
C CYS A 46 -2.99 -2.28 5.41
N ASN A 47 -2.06 -1.35 5.60
CA ASN A 47 -0.66 -1.62 5.92
C ASN A 47 -0.02 -2.63 4.96
N VAL A 48 -0.07 -2.36 3.66
CA VAL A 48 0.52 -3.20 2.63
C VAL A 48 1.80 -2.59 2.12
N THR A 49 2.60 -3.37 1.39
CA THR A 49 3.83 -2.88 0.78
C THR A 49 3.98 -3.45 -0.61
N ILE A 50 4.16 -2.61 -1.63
CA ILE A 50 4.26 -3.05 -3.02
C ILE A 50 5.39 -2.36 -3.77
N HIS A 51 5.77 -2.93 -4.92
CA HIS A 51 6.90 -2.48 -5.75
C HIS A 51 6.73 -1.09 -6.38
N ASN A 52 5.89 -0.24 -5.80
CA ASN A 52 5.55 1.06 -6.37
C ASN A 52 5.12 0.94 -7.83
N ARG A 53 4.57 -0.20 -8.23
CA ARG A 53 3.95 -0.30 -9.54
C ARG A 53 2.91 -1.42 -9.61
N CYS A 54 2.79 -2.20 -8.52
CA CYS A 54 1.86 -3.32 -8.47
C CYS A 54 0.59 -2.96 -7.72
N LYS A 55 0.16 -1.70 -7.78
CA LYS A 55 -1.03 -1.23 -7.08
C LYS A 55 -2.29 -1.42 -7.92
N ASP A 56 -2.11 -1.77 -9.18
CA ASP A 56 -3.23 -2.00 -10.09
C ASP A 56 -3.65 -3.46 -10.10
N THR A 57 -3.32 -4.18 -9.03
CA THR A 57 -3.82 -5.53 -8.80
C THR A 57 -4.23 -5.72 -7.34
N LEU A 58 -3.96 -4.73 -6.50
CA LEU A 58 -4.45 -4.67 -5.14
C LEU A 58 -5.95 -4.37 -5.10
N ALA A 59 -6.69 -5.21 -4.38
CA ALA A 59 -8.13 -5.11 -4.19
C ALA A 59 -8.51 -3.80 -3.48
N ASN A 60 -9.80 -3.49 -3.45
CA ASN A 60 -10.33 -2.34 -2.74
C ASN A 60 -9.76 -2.30 -1.33
N CYS A 61 -9.50 -1.12 -0.78
CA CYS A 61 -8.79 -1.07 0.49
C CYS A 61 -9.60 -1.71 1.62
N THR A 62 -10.92 -1.82 1.43
CA THR A 62 -11.79 -2.47 2.41
C THR A 62 -11.86 -3.97 2.15
N LYS A 63 -11.10 -4.41 1.17
CA LYS A 63 -10.93 -5.80 0.76
C LYS A 63 -9.45 -6.17 0.85
N VAL A 64 -8.67 -5.28 1.50
CA VAL A 64 -7.30 -5.53 1.88
C VAL A 64 -7.18 -5.52 3.40
N LYS A 65 -7.83 -4.58 4.09
CA LYS A 65 -7.78 -4.60 5.55
C LYS A 65 -8.61 -5.75 6.10
N GLN A 66 -9.43 -6.37 5.25
CA GLN A 66 -10.10 -7.62 5.61
C GLN A 66 -9.15 -8.80 5.45
N LYS A 67 -7.87 -8.52 5.16
CA LYS A 67 -6.82 -9.52 5.11
C LYS A 67 -5.55 -9.05 5.80
N GLN A 68 -5.50 -7.81 6.28
CA GLN A 68 -4.33 -7.27 6.96
C GLN A 68 -4.55 -6.88 8.42
N GLN A 69 -5.75 -7.08 8.96
CA GLN A 69 -5.98 -6.91 10.39
C GLN A 69 -6.91 -8.00 10.93
N LYS A 70 -6.57 -9.27 10.66
CA LYS A 70 -7.36 -10.40 11.13
C LYS A 70 -7.23 -10.51 12.63
N ALA A 71 -8.38 -10.61 13.31
CA ALA A 71 -8.44 -10.77 14.74
C ALA A 71 -7.76 -9.61 15.48
N ALA A 72 -7.81 -8.41 14.88
CA ALA A 72 -7.15 -7.22 15.41
C ALA A 72 -8.08 -6.02 15.33
N LEU A 73 -8.29 -5.35 16.47
CA LEU A 73 -9.11 -4.16 16.55
C LEU A 73 -8.42 -2.92 15.97
N LEU A 74 -7.60 -3.11 14.93
CA LEU A 74 -6.89 -2.03 14.26
C LEU A 74 -7.83 -1.30 13.31
N LYS A 75 -8.96 -0.83 13.84
CA LYS A 75 -10.00 -0.12 13.09
C LYS A 75 -10.61 -1.01 12.01
N GLY A 1 5.33 16.19 5.84
CA GLY A 1 4.68 15.00 5.27
C GLY A 1 5.27 14.66 3.91
N PRO A 2 5.07 13.43 3.43
CA PRO A 2 5.59 12.95 2.16
C PRO A 2 4.86 13.57 0.97
N MET A 3 3.74 14.27 1.21
CA MET A 3 2.98 14.93 0.17
C MET A 3 2.58 16.33 0.64
N LYS A 4 3.26 17.34 0.09
CA LYS A 4 3.01 18.75 0.41
C LYS A 4 1.71 19.28 -0.18
N GLU A 5 0.75 18.41 -0.46
CA GLU A 5 -0.48 18.80 -1.13
C GLU A 5 -1.56 17.74 -0.93
N ALA A 6 -2.67 18.16 -0.30
CA ALA A 6 -3.81 17.29 -0.06
C ALA A 6 -4.65 17.11 -1.33
N LYS A 7 -3.98 16.67 -2.40
CA LYS A 7 -4.58 16.40 -3.69
C LYS A 7 -5.06 14.95 -3.74
N ASP A 8 -6.36 14.73 -3.63
CA ASP A 8 -6.96 13.40 -3.65
C ASP A 8 -6.94 12.80 -5.06
N ALA A 9 -5.74 12.54 -5.59
CA ALA A 9 -5.55 11.99 -6.92
C ALA A 9 -4.51 10.88 -6.92
N ARG A 10 -4.44 10.12 -5.82
CA ARG A 10 -3.54 8.97 -5.69
C ARG A 10 -4.28 7.80 -5.05
N TYR A 11 -5.41 7.42 -5.66
CA TYR A 11 -6.27 6.35 -5.17
C TYR A 11 -6.69 5.42 -6.31
N THR A 12 -6.06 4.25 -6.33
CA THR A 12 -6.31 3.24 -7.34
C THR A 12 -7.59 2.44 -7.05
N ASN A 13 -7.74 1.95 -5.81
CA ASN A 13 -8.93 1.19 -5.41
C ASN A 13 -9.36 1.55 -3.98
N GLY A 14 -9.00 2.76 -3.53
CA GLY A 14 -9.45 3.30 -2.26
C GLY A 14 -8.30 3.50 -1.28
N HIS A 15 -7.16 2.84 -1.51
CA HIS A 15 -6.00 2.99 -0.63
C HIS A 15 -5.08 4.12 -1.04
N LEU A 16 -4.59 4.83 -0.01
CA LEU A 16 -3.65 5.92 -0.18
C LEU A 16 -2.26 5.33 -0.21
N PHE A 17 -1.67 5.25 -1.41
CA PHE A 17 -0.34 4.70 -1.56
C PHE A 17 0.71 5.81 -1.54
N THR A 18 1.45 5.87 -0.44
CA THR A 18 2.50 6.86 -0.21
C THR A 18 3.87 6.21 -0.39
N THR A 19 4.78 6.94 -1.03
CA THR A 19 6.13 6.43 -1.31
C THR A 19 6.93 6.28 -0.04
N ILE A 20 7.50 5.09 0.14
CA ILE A 20 8.34 4.72 1.27
C ILE A 20 9.76 4.47 0.79
N SER A 21 10.66 4.17 1.73
CA SER A 21 12.06 3.93 1.43
C SER A 21 12.45 2.55 1.97
N VAL A 22 12.09 1.50 1.23
CA VAL A 22 12.41 0.12 1.58
C VAL A 22 13.92 -0.08 1.58
N SER A 23 14.49 -0.24 2.78
CA SER A 23 15.90 -0.53 2.96
C SER A 23 16.07 -1.64 3.98
N GLY A 24 15.41 -2.77 3.72
CA GLY A 24 15.42 -3.94 4.60
C GLY A 24 14.52 -5.02 4.03
N MET A 25 14.25 -6.08 4.79
CA MET A 25 13.42 -7.18 4.32
C MET A 25 11.97 -6.72 4.14
N THR A 26 11.55 -6.65 2.87
CA THR A 26 10.23 -6.19 2.47
C THR A 26 9.63 -7.12 1.43
N MET A 27 8.32 -7.32 1.43
CA MET A 27 7.65 -8.23 0.50
C MET A 27 6.44 -7.58 -0.17
N CYS A 28 6.36 -7.74 -1.49
CA CYS A 28 5.31 -7.20 -2.33
C CYS A 28 3.99 -7.89 -2.04
N TYR A 29 3.01 -7.16 -1.51
CA TYR A 29 1.70 -7.71 -1.25
C TYR A 29 0.94 -7.96 -2.56
N ALA A 30 1.54 -7.58 -3.69
CA ALA A 30 0.95 -7.83 -4.99
C ALA A 30 1.72 -8.84 -5.84
N CYS A 31 2.98 -9.11 -5.49
CA CYS A 31 3.77 -10.12 -6.21
C CYS A 31 4.36 -11.17 -5.28
N ASN A 32 3.91 -11.19 -4.04
CA ASN A 32 4.16 -12.17 -2.97
C ASN A 32 5.65 -12.51 -2.81
N LYS A 33 6.51 -11.58 -3.24
CA LYS A 33 7.96 -11.77 -3.26
C LYS A 33 8.69 -10.55 -2.72
N SER A 34 9.97 -10.73 -2.39
CA SER A 34 10.79 -9.72 -1.77
C SER A 34 11.01 -8.51 -2.67
N ILE A 35 10.60 -7.33 -2.21
CA ILE A 35 10.83 -6.06 -2.90
C ILE A 35 12.31 -5.68 -2.80
N THR A 36 13.03 -5.84 -3.91
CA THR A 36 14.44 -5.47 -4.01
C THR A 36 14.55 -4.10 -4.66
N ALA A 37 13.85 -3.13 -4.06
CA ALA A 37 13.76 -1.76 -4.54
C ALA A 37 14.18 -0.81 -3.42
N LYS A 38 14.37 0.48 -3.74
CA LYS A 38 14.64 1.49 -2.73
C LYS A 38 13.40 2.36 -2.53
N GLU A 39 12.32 2.06 -3.25
CA GLU A 39 11.04 2.74 -3.14
C GLU A 39 9.87 1.77 -3.27
N ALA A 40 8.95 1.88 -2.33
CA ALA A 40 7.73 1.07 -2.27
C ALA A 40 6.53 1.93 -1.85
N LEU A 41 5.33 1.34 -1.83
CA LEU A 41 4.10 2.03 -1.45
C LEU A 41 3.47 1.37 -0.24
N ILE A 42 2.81 2.17 0.60
CA ILE A 42 2.12 1.69 1.80
C ILE A 42 0.74 2.32 1.95
N CYS A 43 -0.25 1.50 2.32
CA CYS A 43 -1.60 1.97 2.64
C CYS A 43 -1.66 2.20 4.15
N PRO A 44 -1.91 3.43 4.61
CA PRO A 44 -1.98 3.74 6.03
C PRO A 44 -3.21 3.09 6.68
N THR A 45 -4.02 2.39 5.89
CA THR A 45 -5.24 1.76 6.40
C THR A 45 -5.21 0.24 6.29
N CYS A 46 -4.30 -0.33 5.49
CA CYS A 46 -4.19 -1.77 5.36
C CYS A 46 -2.73 -2.26 5.43
N ASN A 47 -1.80 -1.34 5.67
CA ASN A 47 -0.41 -1.64 5.99
C ASN A 47 0.25 -2.62 5.02
N VAL A 48 0.04 -2.41 3.72
CA VAL A 48 0.61 -3.22 2.66
C VAL A 48 1.89 -2.60 2.14
N THR A 49 2.67 -3.37 1.39
CA THR A 49 3.90 -2.89 0.78
C THR A 49 4.03 -3.48 -0.62
N ILE A 50 4.20 -2.63 -1.65
CA ILE A 50 4.27 -3.08 -3.04
C ILE A 50 5.40 -2.40 -3.81
N HIS A 51 5.76 -2.97 -4.95
CA HIS A 51 6.87 -2.53 -5.80
C HIS A 51 6.69 -1.14 -6.42
N ASN A 52 5.87 -0.28 -5.84
CA ASN A 52 5.54 1.01 -6.40
C ASN A 52 5.09 0.90 -7.86
N ARG A 53 4.51 -0.24 -8.24
CA ARG A 53 3.88 -0.34 -9.55
C ARG A 53 2.83 -1.46 -9.59
N CYS A 54 2.72 -2.24 -8.52
CA CYS A 54 1.77 -3.35 -8.46
C CYS A 54 0.50 -2.96 -7.71
N LYS A 55 0.17 -1.67 -7.69
CA LYS A 55 -1.03 -1.18 -7.01
C LYS A 55 -2.28 -1.37 -7.86
N ASP A 56 -2.06 -1.72 -9.12
CA ASP A 56 -3.11 -1.94 -10.09
C ASP A 56 -3.70 -3.35 -10.02
N THR A 57 -3.34 -4.10 -8.99
CA THR A 57 -3.89 -5.43 -8.76
C THR A 57 -4.26 -5.65 -7.30
N LEU A 58 -3.95 -4.67 -6.45
CA LEU A 58 -4.43 -4.64 -5.08
C LEU A 58 -5.92 -4.34 -5.03
N ALA A 59 -6.65 -5.21 -4.32
CA ALA A 59 -8.09 -5.15 -4.12
C ALA A 59 -8.50 -3.85 -3.41
N ASN A 60 -9.81 -3.57 -3.38
CA ASN A 60 -10.35 -2.39 -2.73
C ASN A 60 -9.81 -2.23 -1.31
N CYS A 61 -9.64 -0.99 -0.85
CA CYS A 61 -9.03 -0.70 0.45
C CYS A 61 -9.92 -1.10 1.64
N THR A 62 -10.85 -2.02 1.38
CA THR A 62 -11.67 -2.68 2.40
C THR A 62 -11.73 -4.20 2.12
N LYS A 63 -10.92 -4.63 1.18
CA LYS A 63 -10.68 -6.01 0.80
C LYS A 63 -9.17 -6.27 0.87
N VAL A 64 -8.46 -5.37 1.54
CA VAL A 64 -7.06 -5.52 1.91
C VAL A 64 -6.94 -5.55 3.43
N LYS A 65 -7.55 -4.59 4.12
CA LYS A 65 -7.45 -4.55 5.58
C LYS A 65 -8.28 -5.65 6.23
N GLN A 66 -9.10 -6.34 5.43
CA GLN A 66 -9.79 -7.53 5.88
C GLN A 66 -8.88 -8.76 5.77
N LYS A 67 -7.61 -8.52 5.41
CA LYS A 67 -6.56 -9.55 5.47
C LYS A 67 -5.27 -8.99 6.07
N GLN A 68 -5.27 -7.69 6.39
CA GLN A 68 -4.16 -7.05 7.08
C GLN A 68 -4.54 -6.54 8.47
N GLN A 69 -5.71 -6.95 8.98
CA GLN A 69 -6.15 -6.68 10.34
C GLN A 69 -6.74 -7.94 10.96
N LYS A 70 -5.96 -9.03 10.97
CA LYS A 70 -6.40 -10.30 11.52
C LYS A 70 -6.78 -10.16 12.99
N ALA A 71 -7.71 -11.00 13.45
CA ALA A 71 -8.18 -11.03 14.83
C ALA A 71 -8.89 -9.72 15.20
N ALA A 72 -9.76 -9.24 14.31
CA ALA A 72 -10.53 -8.02 14.51
C ALA A 72 -11.98 -8.23 14.12
N LEU A 73 -12.91 -7.76 14.95
CA LEU A 73 -14.34 -7.83 14.64
C LEU A 73 -14.71 -6.66 13.73
N LEU A 74 -13.99 -6.52 12.61
CA LEU A 74 -14.25 -5.49 11.62
C LEU A 74 -15.42 -5.88 10.71
N LYS A 75 -16.52 -6.32 11.32
CA LYS A 75 -17.71 -6.77 10.62
C LYS A 75 -18.98 -6.21 11.24
N GLY A 1 2.27 27.87 1.03
CA GLY A 1 1.87 26.82 1.99
C GLY A 1 2.66 25.54 1.74
N PRO A 2 2.72 24.66 2.74
CA PRO A 2 3.44 23.38 2.67
C PRO A 2 2.73 22.37 1.78
N MET A 3 1.48 22.66 1.38
CA MET A 3 0.69 21.78 0.51
C MET A 3 1.13 21.94 -0.95
N LYS A 4 2.42 21.74 -1.21
CA LYS A 4 2.99 21.84 -2.56
C LYS A 4 2.46 20.72 -3.43
N GLU A 5 1.53 21.05 -4.34
CA GLU A 5 0.98 20.11 -5.31
C GLU A 5 0.25 18.97 -4.61
N ALA A 6 -0.71 19.30 -3.75
CA ALA A 6 -1.50 18.34 -3.00
C ALA A 6 -2.62 17.75 -3.87
N LYS A 7 -2.24 17.19 -5.02
CA LYS A 7 -3.18 16.59 -5.96
C LYS A 7 -3.77 15.31 -5.37
N ASP A 8 -5.03 15.39 -4.93
CA ASP A 8 -5.76 14.28 -4.33
C ASP A 8 -6.26 13.29 -5.38
N ALA A 9 -5.33 12.76 -6.17
CA ALA A 9 -5.63 11.84 -7.25
C ALA A 9 -4.64 10.66 -7.23
N ARG A 10 -4.56 9.99 -6.08
CA ARG A 10 -3.67 8.85 -5.89
C ARG A 10 -4.40 7.70 -5.19
N TYR A 11 -5.51 7.28 -5.79
CA TYR A 11 -6.37 6.22 -5.27
C TYR A 11 -6.75 5.27 -6.38
N THR A 12 -6.13 4.09 -6.37
CA THR A 12 -6.34 3.06 -7.38
C THR A 12 -7.61 2.24 -7.07
N ASN A 13 -7.75 1.76 -5.83
CA ASN A 13 -8.93 0.99 -5.41
C ASN A 13 -9.36 1.36 -3.99
N GLY A 14 -9.02 2.58 -3.54
CA GLY A 14 -9.47 3.13 -2.28
C GLY A 14 -8.30 3.38 -1.33
N HIS A 15 -7.16 2.72 -1.55
CA HIS A 15 -6.00 2.90 -0.68
C HIS A 15 -5.08 4.02 -1.11
N LEU A 16 -4.60 4.75 -0.10
CA LEU A 16 -3.69 5.86 -0.30
C LEU A 16 -2.28 5.31 -0.31
N PHE A 17 -1.68 5.21 -1.49
CA PHE A 17 -0.34 4.68 -1.62
C PHE A 17 0.70 5.79 -1.60
N THR A 18 1.45 5.86 -0.50
CA THR A 18 2.49 6.85 -0.27
C THR A 18 3.87 6.21 -0.45
N THR A 19 4.79 6.93 -1.09
CA THR A 19 6.13 6.43 -1.34
C THR A 19 6.91 6.28 -0.04
N ILE A 20 7.50 5.09 0.13
CA ILE A 20 8.33 4.73 1.26
C ILE A 20 9.76 4.48 0.79
N SER A 21 10.66 4.19 1.73
CA SER A 21 12.05 3.93 1.44
C SER A 21 12.44 2.57 1.99
N VAL A 22 12.13 1.52 1.24
CA VAL A 22 12.44 0.14 1.61
C VAL A 22 13.95 -0.06 1.65
N SER A 23 14.47 -0.27 2.86
CA SER A 23 15.88 -0.52 3.10
C SER A 23 16.05 -1.67 4.09
N GLY A 24 15.43 -2.81 3.76
CA GLY A 24 15.45 -4.00 4.58
C GLY A 24 14.56 -5.08 3.96
N MET A 25 14.31 -6.17 4.70
CA MET A 25 13.48 -7.26 4.21
C MET A 25 12.04 -6.78 4.05
N THR A 26 11.59 -6.69 2.80
CA THR A 26 10.26 -6.20 2.44
C THR A 26 9.65 -7.11 1.39
N MET A 27 8.32 -7.32 1.43
CA MET A 27 7.65 -8.22 0.51
C MET A 27 6.45 -7.56 -0.15
N CYS A 28 6.37 -7.71 -1.48
CA CYS A 28 5.31 -7.16 -2.31
C CYS A 28 3.99 -7.86 -2.02
N TYR A 29 3.04 -7.14 -1.44
CA TYR A 29 1.73 -7.70 -1.14
C TYR A 29 0.91 -7.94 -2.40
N ALA A 30 1.47 -7.59 -3.56
CA ALA A 30 0.83 -7.83 -4.85
C ALA A 30 1.62 -8.76 -5.76
N CYS A 31 2.88 -9.06 -5.42
CA CYS A 31 3.67 -10.03 -6.16
C CYS A 31 4.26 -11.11 -5.27
N ASN A 32 3.84 -11.13 -4.01
CA ASN A 32 4.10 -12.12 -2.95
C ASN A 32 5.58 -12.47 -2.83
N LYS A 33 6.46 -11.55 -3.26
CA LYS A 33 7.89 -11.74 -3.30
C LYS A 33 8.65 -10.53 -2.77
N SER A 34 9.92 -10.73 -2.46
CA SER A 34 10.77 -9.73 -1.83
C SER A 34 11.00 -8.51 -2.72
N ILE A 35 10.59 -7.32 -2.24
CA ILE A 35 10.84 -6.05 -2.90
C ILE A 35 12.31 -5.68 -2.82
N THR A 36 13.02 -5.84 -3.94
CA THR A 36 14.43 -5.49 -4.06
C THR A 36 14.54 -4.11 -4.69
N ALA A 37 13.88 -3.13 -4.08
CA ALA A 37 13.78 -1.76 -4.54
C ALA A 37 14.19 -0.81 -3.43
N LYS A 38 14.40 0.47 -3.75
CA LYS A 38 14.67 1.48 -2.74
C LYS A 38 13.43 2.35 -2.50
N GLU A 39 12.36 2.06 -3.24
CA GLU A 39 11.08 2.74 -3.13
C GLU A 39 9.91 1.76 -3.26
N ALA A 40 8.98 1.87 -2.32
CA ALA A 40 7.77 1.06 -2.27
C ALA A 40 6.57 1.92 -1.85
N LEU A 41 5.36 1.34 -1.83
CA LEU A 41 4.14 2.03 -1.46
C LEU A 41 3.48 1.37 -0.25
N ILE A 42 2.82 2.17 0.58
CA ILE A 42 2.12 1.69 1.77
C ILE A 42 0.73 2.32 1.91
N CYS A 43 -0.26 1.50 2.29
CA CYS A 43 -1.61 1.96 2.60
C CYS A 43 -1.66 2.24 4.10
N PRO A 44 -1.91 3.47 4.53
CA PRO A 44 -1.97 3.81 5.94
C PRO A 44 -3.20 3.19 6.61
N THR A 45 -4.02 2.46 5.84
CA THR A 45 -5.25 1.86 6.36
C THR A 45 -5.24 0.34 6.30
N CYS A 46 -4.33 -0.27 5.53
CA CYS A 46 -4.24 -1.72 5.45
C CYS A 46 -2.79 -2.22 5.54
N ASN A 47 -1.84 -1.30 5.71
CA ASN A 47 -0.44 -1.59 6.02
C ASN A 47 0.18 -2.60 5.06
N VAL A 48 0.03 -2.37 3.76
CA VAL A 48 0.61 -3.21 2.70
C VAL A 48 1.88 -2.59 2.17
N THR A 49 2.66 -3.36 1.42
CA THR A 49 3.88 -2.87 0.80
C THR A 49 4.04 -3.44 -0.60
N ILE A 50 4.21 -2.61 -1.63
CA ILE A 50 4.31 -3.08 -3.01
C ILE A 50 5.45 -2.39 -3.78
N HIS A 51 5.81 -2.97 -4.93
CA HIS A 51 6.91 -2.52 -5.80
C HIS A 51 6.72 -1.13 -6.42
N ASN A 52 5.90 -0.26 -5.81
CA ASN A 52 5.57 1.04 -6.39
C ASN A 52 5.10 0.91 -7.84
N ARG A 53 4.50 -0.22 -8.20
CA ARG A 53 3.85 -0.33 -9.49
C ARG A 53 2.79 -1.43 -9.52
N CYS A 54 2.70 -2.22 -8.44
CA CYS A 54 1.74 -3.32 -8.36
C CYS A 54 0.48 -2.93 -7.60
N LYS A 55 0.12 -1.65 -7.61
CA LYS A 55 -1.09 -1.17 -6.94
C LYS A 55 -2.30 -1.34 -7.85
N ASP A 56 -2.03 -1.66 -9.11
CA ASP A 56 -3.05 -1.83 -10.13
C ASP A 56 -3.66 -3.23 -10.12
N THR A 57 -3.29 -4.03 -9.12
CA THR A 57 -3.83 -5.38 -8.96
C THR A 57 -4.20 -5.66 -7.50
N LEU A 58 -3.97 -4.67 -6.63
CA LEU A 58 -4.39 -4.75 -5.24
C LEU A 58 -5.89 -4.52 -5.10
N ALA A 59 -6.50 -5.36 -4.26
CA ALA A 59 -7.92 -5.35 -3.95
C ALA A 59 -8.37 -4.03 -3.31
N ASN A 60 -9.68 -3.84 -3.17
CA ASN A 60 -10.27 -2.64 -2.59
C ASN A 60 -9.68 -2.37 -1.21
N CYS A 61 -9.56 -1.11 -0.82
CA CYS A 61 -8.95 -0.78 0.47
C CYS A 61 -9.81 -1.22 1.66
N THR A 62 -10.88 -1.95 1.39
CA THR A 62 -11.68 -2.62 2.42
C THR A 62 -11.84 -4.10 2.07
N LYS A 63 -10.91 -4.55 1.25
CA LYS A 63 -10.72 -5.91 0.83
C LYS A 63 -9.23 -6.26 0.91
N VAL A 64 -8.47 -5.37 1.58
CA VAL A 64 -7.07 -5.58 1.95
C VAL A 64 -6.95 -5.65 3.46
N LYS A 65 -7.53 -4.68 4.18
CA LYS A 65 -7.44 -4.70 5.64
C LYS A 65 -8.27 -5.83 6.23
N GLN A 66 -9.08 -6.49 5.40
CA GLN A 66 -9.81 -7.67 5.80
C GLN A 66 -8.92 -8.91 5.73
N LYS A 67 -7.64 -8.72 5.40
CA LYS A 67 -6.63 -9.76 5.51
C LYS A 67 -5.34 -9.21 6.12
N GLN A 68 -5.27 -7.89 6.37
CA GLN A 68 -4.15 -7.29 7.09
C GLN A 68 -4.54 -6.93 8.52
N GLN A 69 -5.72 -7.37 8.96
CA GLN A 69 -6.17 -7.26 10.35
C GLN A 69 -6.78 -8.59 10.78
N LYS A 70 -6.00 -9.67 10.68
CA LYS A 70 -6.45 -11.02 10.99
C LYS A 70 -6.59 -11.27 12.49
N ALA A 71 -6.80 -10.20 13.26
CA ALA A 71 -7.04 -10.26 14.70
C ALA A 71 -8.21 -9.35 15.07
N ALA A 72 -9.16 -9.19 14.13
CA ALA A 72 -10.34 -8.36 14.31
C ALA A 72 -11.58 -9.08 13.80
N LEU A 73 -12.68 -9.00 14.55
CA LEU A 73 -13.94 -9.59 14.16
C LEU A 73 -14.66 -8.63 13.21
N LEU A 74 -13.96 -8.20 12.16
CA LEU A 74 -14.48 -7.29 11.14
C LEU A 74 -15.39 -8.03 10.14
N LYS A 75 -16.28 -8.88 10.68
CA LYS A 75 -17.23 -9.65 9.87
C LYS A 75 -18.24 -8.71 9.22
N GLY A 1 4.08 19.47 -11.15
CA GLY A 1 5.26 20.08 -10.53
C GLY A 1 5.93 19.13 -9.54
N PRO A 2 6.76 19.68 -8.64
CA PRO A 2 7.50 18.93 -7.63
C PRO A 2 6.56 18.62 -6.46
N MET A 3 7.16 18.25 -5.31
CA MET A 3 6.44 18.01 -4.08
C MET A 3 5.93 19.31 -3.45
N LYS A 4 5.16 20.09 -4.23
CA LYS A 4 4.58 21.35 -3.79
C LYS A 4 3.11 21.43 -4.22
N GLU A 5 2.51 20.26 -4.42
CA GLU A 5 1.18 20.15 -5.02
C GLU A 5 0.39 19.05 -4.34
N ALA A 6 -0.56 19.43 -3.49
CA ALA A 6 -1.40 18.50 -2.75
C ALA A 6 -2.51 17.91 -3.61
N LYS A 7 -2.13 17.29 -4.73
CA LYS A 7 -3.06 16.66 -5.66
C LYS A 7 -3.64 15.39 -5.04
N ASP A 8 -4.90 15.48 -4.60
CA ASP A 8 -5.62 14.37 -3.97
C ASP A 8 -6.14 13.39 -5.03
N ALA A 9 -5.23 12.88 -5.86
CA ALA A 9 -5.54 12.01 -6.96
C ALA A 9 -4.57 10.83 -7.02
N ARG A 10 -4.48 10.10 -5.90
CA ARG A 10 -3.60 8.94 -5.76
C ARG A 10 -4.33 7.79 -5.09
N TYR A 11 -5.47 7.40 -5.67
CA TYR A 11 -6.30 6.33 -5.17
C TYR A 11 -6.71 5.39 -6.30
N THR A 12 -6.07 4.23 -6.33
CA THR A 12 -6.32 3.22 -7.35
C THR A 12 -7.59 2.42 -7.07
N ASN A 13 -7.75 1.91 -5.83
CA ASN A 13 -8.94 1.16 -5.42
C ASN A 13 -9.37 1.53 -4.00
N GLY A 14 -9.02 2.73 -3.54
CA GLY A 14 -9.48 3.27 -2.27
C GLY A 14 -8.33 3.49 -1.29
N HIS A 15 -7.19 2.83 -1.51
CA HIS A 15 -6.04 2.99 -0.64
C HIS A 15 -5.10 4.11 -1.04
N LEU A 16 -4.61 4.83 -0.03
CA LEU A 16 -3.68 5.92 -0.21
C LEU A 16 -2.28 5.33 -0.25
N PHE A 17 -1.70 5.24 -1.44
CA PHE A 17 -0.36 4.70 -1.59
C PHE A 17 0.68 5.80 -1.57
N THR A 18 1.41 5.88 -0.45
CA THR A 18 2.45 6.87 -0.22
C THR A 18 3.83 6.24 -0.41
N THR A 19 4.74 6.97 -1.04
CA THR A 19 6.10 6.48 -1.31
C THR A 19 6.89 6.30 -0.02
N ILE A 20 7.50 5.13 0.10
CA ILE A 20 8.33 4.74 1.23
C ILE A 20 9.75 4.47 0.75
N SER A 21 10.65 4.19 1.69
CA SER A 21 12.04 3.90 1.39
C SER A 21 12.41 2.53 1.97
N VAL A 22 12.14 1.48 1.20
CA VAL A 22 12.46 0.11 1.58
C VAL A 22 13.96 -0.09 1.63
N SER A 23 14.48 -0.29 2.84
CA SER A 23 15.89 -0.55 3.10
C SER A 23 16.04 -1.70 4.10
N GLY A 24 15.41 -2.82 3.78
CA GLY A 24 15.41 -4.00 4.63
C GLY A 24 14.50 -5.07 4.04
N MET A 25 14.22 -6.13 4.82
CA MET A 25 13.37 -7.22 4.36
C MET A 25 11.93 -6.73 4.17
N THR A 26 11.52 -6.66 2.89
CA THR A 26 10.20 -6.17 2.50
C THR A 26 9.60 -7.10 1.45
N MET A 27 8.28 -7.29 1.46
CA MET A 27 7.61 -8.20 0.53
C MET A 27 6.41 -7.54 -0.16
N CYS A 28 6.35 -7.71 -1.48
CA CYS A 28 5.31 -7.16 -2.33
C CYS A 28 3.99 -7.87 -2.06
N TYR A 29 3.00 -7.14 -1.53
CA TYR A 29 1.68 -7.69 -1.29
C TYR A 29 0.93 -7.93 -2.60
N ALA A 30 1.54 -7.53 -3.72
CA ALA A 30 0.95 -7.78 -5.04
C ALA A 30 1.73 -8.80 -5.87
N CYS A 31 2.99 -9.08 -5.51
CA CYS A 31 3.77 -10.09 -6.23
C CYS A 31 4.35 -11.15 -5.30
N ASN A 32 3.88 -11.17 -4.05
CA ASN A 32 4.12 -12.13 -2.99
C ASN A 32 5.60 -12.49 -2.82
N LYS A 33 6.49 -11.57 -3.23
CA LYS A 33 7.92 -11.77 -3.23
C LYS A 33 8.67 -10.56 -2.69
N SER A 34 9.93 -10.75 -2.36
CA SER A 34 10.77 -9.73 -1.73
C SER A 34 10.99 -8.53 -2.65
N ILE A 35 10.59 -7.33 -2.17
CA ILE A 35 10.83 -6.08 -2.87
C ILE A 35 12.31 -5.72 -2.79
N THR A 36 13.02 -5.89 -3.90
CA THR A 36 14.43 -5.52 -4.02
C THR A 36 14.52 -4.15 -4.69
N ALA A 37 13.85 -3.18 -4.08
CA ALA A 37 13.75 -1.81 -4.56
C ALA A 37 14.17 -0.85 -3.45
N LYS A 38 14.35 0.44 -3.76
CA LYS A 38 14.62 1.44 -2.73
C LYS A 38 13.38 2.30 -2.50
N GLU A 39 12.32 2.06 -3.29
CA GLU A 39 11.04 2.72 -3.16
C GLU A 39 9.87 1.75 -3.28
N ALA A 40 8.96 1.86 -2.33
CA ALA A 40 7.73 1.06 -2.26
C ALA A 40 6.54 1.94 -1.85
N LEU A 41 5.34 1.35 -1.83
CA LEU A 41 4.11 2.04 -1.46
C LEU A 41 3.47 1.38 -0.25
N ILE A 42 2.81 2.18 0.59
CA ILE A 42 2.12 1.70 1.79
C ILE A 42 0.73 2.33 1.93
N CYS A 43 -0.26 1.51 2.29
CA CYS A 43 -1.60 1.98 2.61
C CYS A 43 -1.67 2.21 4.12
N PRO A 44 -1.93 3.44 4.57
CA PRO A 44 -1.99 3.77 5.99
C PRO A 44 -3.21 3.12 6.65
N THR A 45 -4.02 2.40 5.86
CA THR A 45 -5.24 1.78 6.37
C THR A 45 -5.23 0.25 6.26
N CYS A 46 -4.31 -0.32 5.49
CA CYS A 46 -4.20 -1.77 5.38
C CYS A 46 -2.75 -2.25 5.46
N ASN A 47 -1.81 -1.32 5.67
CA ASN A 47 -0.42 -1.62 6.00
C ASN A 47 0.23 -2.62 5.03
N VAL A 48 0.03 -2.40 3.73
CA VAL A 48 0.61 -3.23 2.66
C VAL A 48 1.88 -2.59 2.15
N THR A 49 2.66 -3.37 1.41
CA THR A 49 3.89 -2.87 0.79
C THR A 49 4.03 -3.45 -0.61
N ILE A 50 4.20 -2.61 -1.64
CA ILE A 50 4.27 -3.06 -3.03
C ILE A 50 5.41 -2.37 -3.79
N HIS A 51 5.77 -2.93 -4.94
CA HIS A 51 6.89 -2.49 -5.78
C HIS A 51 6.71 -1.11 -6.40
N ASN A 52 5.88 -0.24 -5.82
CA ASN A 52 5.56 1.07 -6.38
C ASN A 52 5.12 0.97 -7.84
N ARG A 53 4.55 -0.17 -8.23
CA ARG A 53 3.90 -0.27 -9.53
C ARG A 53 2.84 -1.37 -9.56
N CYS A 54 2.74 -2.17 -8.50
CA CYS A 54 1.82 -3.30 -8.48
C CYS A 54 0.53 -2.95 -7.73
N LYS A 55 0.16 -1.66 -7.68
CA LYS A 55 -1.03 -1.22 -6.98
C LYS A 55 -2.27 -1.41 -7.84
N ASP A 56 -2.05 -1.76 -9.11
CA ASP A 56 -3.09 -1.97 -10.09
C ASP A 56 -3.71 -3.36 -10.01
N THR A 57 -3.35 -4.12 -8.97
CA THR A 57 -3.90 -5.45 -8.75
C THR A 57 -4.27 -5.65 -7.28
N LEU A 58 -3.96 -4.66 -6.44
CA LEU A 58 -4.43 -4.63 -5.07
C LEU A 58 -5.93 -4.35 -5.01
N ALA A 59 -6.64 -5.23 -4.31
CA ALA A 59 -8.08 -5.18 -4.10
C ALA A 59 -8.49 -3.89 -3.38
N ASN A 60 -9.80 -3.60 -3.35
CA ASN A 60 -10.34 -2.41 -2.70
C ASN A 60 -9.79 -2.27 -1.28
N CYS A 61 -9.63 -1.02 -0.82
CA CYS A 61 -9.03 -0.73 0.48
C CYS A 61 -9.91 -1.16 1.67
N THR A 62 -10.82 -2.09 1.42
CA THR A 62 -11.62 -2.75 2.44
C THR A 62 -11.67 -4.25 2.19
N LYS A 63 -10.89 -4.68 1.20
CA LYS A 63 -10.65 -6.07 0.85
C LYS A 63 -9.15 -6.34 0.93
N VAL A 64 -8.43 -5.41 1.57
CA VAL A 64 -7.03 -5.55 1.94
C VAL A 64 -6.90 -5.59 3.46
N LYS A 65 -7.49 -4.62 4.16
CA LYS A 65 -7.37 -4.58 5.61
C LYS A 65 -8.23 -5.66 6.27
N GLN A 66 -9.05 -6.34 5.48
CA GLN A 66 -9.78 -7.51 5.94
C GLN A 66 -8.91 -8.77 5.79
N LYS A 67 -7.63 -8.57 5.48
CA LYS A 67 -6.62 -9.63 5.52
C LYS A 67 -5.33 -9.12 6.19
N GLN A 68 -5.22 -7.81 6.37
CA GLN A 68 -4.08 -7.20 7.06
C GLN A 68 -4.43 -6.77 8.49
N GLN A 69 -5.63 -7.15 8.96
CA GLN A 69 -6.05 -6.93 10.34
C GLN A 69 -6.71 -8.19 10.89
N LYS A 70 -5.99 -9.32 10.84
CA LYS A 70 -6.47 -10.60 11.31
C LYS A 70 -6.30 -10.71 12.84
N ALA A 71 -6.88 -9.75 13.55
CA ALA A 71 -6.89 -9.72 14.99
C ALA A 71 -8.29 -9.34 15.50
N ALA A 72 -8.95 -10.24 16.22
CA ALA A 72 -10.30 -9.99 16.72
C ALA A 72 -10.32 -9.04 17.91
N LEU A 73 -9.29 -8.20 18.00
CA LEU A 73 -9.19 -7.13 18.98
C LEU A 73 -9.72 -5.85 18.33
N LEU A 74 -10.70 -6.00 17.45
CA LEU A 74 -11.29 -4.90 16.68
C LEU A 74 -12.82 -5.03 16.71
N LYS A 75 -13.38 -5.21 17.90
CA LYS A 75 -14.80 -5.38 18.11
C LYS A 75 -15.30 -4.54 19.29
N GLY A 1 8.33 15.11 3.86
CA GLY A 1 7.77 13.90 3.21
C GLY A 1 7.72 14.06 1.70
N PRO A 2 7.65 12.94 0.97
CA PRO A 2 7.63 12.93 -0.49
C PRO A 2 6.29 13.43 -1.04
N MET A 3 5.27 13.55 -0.18
CA MET A 3 3.95 14.04 -0.56
C MET A 3 3.95 15.57 -0.66
N LYS A 4 4.87 16.13 -1.46
CA LYS A 4 5.01 17.57 -1.67
C LYS A 4 3.96 18.07 -2.67
N GLU A 5 2.85 17.35 -2.79
CA GLU A 5 1.83 17.62 -3.79
C GLU A 5 0.45 17.35 -3.19
N ALA A 6 -0.27 18.40 -2.85
CA ALA A 6 -1.61 18.29 -2.27
C ALA A 6 -2.67 18.03 -3.35
N LYS A 7 -2.40 17.03 -4.20
CA LYS A 7 -3.30 16.61 -5.27
C LYS A 7 -3.95 15.30 -4.86
N ASP A 8 -5.22 15.36 -4.45
CA ASP A 8 -5.98 14.20 -3.98
C ASP A 8 -6.39 13.28 -5.14
N ALA A 9 -5.41 12.83 -5.91
CA ALA A 9 -5.64 11.96 -7.06
C ALA A 9 -4.62 10.82 -7.08
N ARG A 10 -4.52 10.10 -5.96
CA ARG A 10 -3.64 8.94 -5.81
C ARG A 10 -4.37 7.79 -5.13
N TYR A 11 -5.49 7.39 -5.72
CA TYR A 11 -6.33 6.31 -5.21
C TYR A 11 -6.74 5.37 -6.33
N THR A 12 -6.10 4.19 -6.34
CA THR A 12 -6.33 3.18 -7.36
C THR A 12 -7.60 2.37 -7.07
N ASN A 13 -7.75 1.89 -5.83
CA ASN A 13 -8.93 1.12 -5.42
C ASN A 13 -9.36 1.47 -3.99
N GLY A 14 -9.02 2.68 -3.55
CA GLY A 14 -9.46 3.23 -2.27
C GLY A 14 -8.31 3.44 -1.30
N HIS A 15 -7.17 2.78 -1.53
CA HIS A 15 -6.01 2.95 -0.66
C HIS A 15 -5.08 4.07 -1.09
N LEU A 16 -4.60 4.79 -0.08
CA LEU A 16 -3.68 5.89 -0.26
C LEU A 16 -2.27 5.32 -0.28
N PHE A 17 -1.67 5.24 -1.47
CA PHE A 17 -0.33 4.70 -1.61
C PHE A 17 0.71 5.81 -1.57
N THR A 18 1.44 5.88 -0.46
CA THR A 18 2.48 6.87 -0.23
C THR A 18 3.86 6.23 -0.41
N THR A 19 4.78 6.96 -1.03
CA THR A 19 6.13 6.45 -1.29
C THR A 19 6.92 6.28 -0.01
N ILE A 20 7.49 5.09 0.17
CA ILE A 20 8.31 4.70 1.30
C ILE A 20 9.75 4.46 0.81
N SER A 21 10.64 4.17 1.77
CA SER A 21 12.04 3.92 1.48
C SER A 21 12.44 2.54 2.02
N VAL A 22 12.11 1.50 1.25
CA VAL A 22 12.43 0.12 1.60
C VAL A 22 13.94 -0.08 1.60
N SER A 23 14.50 -0.27 2.80
CA SER A 23 15.92 -0.54 2.99
C SER A 23 16.09 -1.67 3.99
N GLY A 24 15.46 -2.81 3.69
CA GLY A 24 15.49 -4.00 4.53
C GLY A 24 14.59 -5.08 3.94
N MET A 25 14.31 -6.12 4.69
CA MET A 25 13.46 -7.21 4.23
C MET A 25 12.02 -6.75 4.06
N THR A 26 11.58 -6.68 2.81
CA THR A 26 10.24 -6.20 2.45
C THR A 26 9.63 -7.12 1.40
N MET A 27 8.31 -7.31 1.43
CA MET A 27 7.62 -8.20 0.52
C MET A 27 6.43 -7.54 -0.16
N CYS A 28 6.35 -7.70 -1.48
CA CYS A 28 5.28 -7.15 -2.30
C CYS A 28 3.97 -7.85 -2.01
N TYR A 29 3.01 -7.13 -1.45
CA TYR A 29 1.71 -7.70 -1.14
C TYR A 29 0.89 -7.94 -2.42
N ALA A 30 1.44 -7.57 -3.57
CA ALA A 30 0.81 -7.80 -4.86
C ALA A 30 1.60 -8.74 -5.77
N CYS A 31 2.86 -9.05 -5.41
CA CYS A 31 3.65 -10.02 -6.15
C CYS A 31 4.23 -11.11 -5.25
N ASN A 32 3.80 -11.13 -4.00
CA ASN A 32 4.06 -12.10 -2.95
C ASN A 32 5.54 -12.47 -2.81
N LYS A 33 6.41 -11.55 -3.23
CA LYS A 33 7.85 -11.76 -3.27
C LYS A 33 8.62 -10.54 -2.74
N SER A 34 9.90 -10.74 -2.45
CA SER A 34 10.75 -9.73 -1.84
C SER A 34 10.95 -8.51 -2.73
N ILE A 35 10.57 -7.34 -2.23
CA ILE A 35 10.82 -6.07 -2.88
C ILE A 35 12.30 -5.70 -2.80
N THR A 36 13.01 -5.85 -3.92
CA THR A 36 14.42 -5.50 -4.04
C THR A 36 14.53 -4.12 -4.68
N ALA A 37 13.87 -3.14 -4.05
CA ALA A 37 13.78 -1.77 -4.50
C ALA A 37 14.17 -0.84 -3.36
N LYS A 38 14.37 0.46 -3.66
CA LYS A 38 14.61 1.45 -2.63
C LYS A 38 13.39 2.35 -2.44
N GLU A 39 12.33 2.07 -3.22
CA GLU A 39 11.05 2.75 -3.13
C GLU A 39 9.88 1.79 -3.26
N ALA A 40 8.95 1.88 -2.31
CA ALA A 40 7.74 1.07 -2.26
C ALA A 40 6.55 1.94 -1.84
N LEU A 41 5.34 1.34 -1.83
CA LEU A 41 4.11 2.03 -1.46
C LEU A 41 3.45 1.37 -0.26
N ILE A 42 2.79 2.17 0.57
CA ILE A 42 2.10 1.68 1.76
C ILE A 42 0.72 2.32 1.91
N CYS A 43 -0.29 1.50 2.28
CA CYS A 43 -1.63 1.97 2.60
C CYS A 43 -1.69 2.22 4.10
N PRO A 44 -1.93 3.46 4.54
CA PRO A 44 -1.98 3.79 5.95
C PRO A 44 -3.21 3.18 6.62
N THR A 45 -4.04 2.46 5.86
CA THR A 45 -5.26 1.86 6.38
C THR A 45 -5.27 0.34 6.30
N CYS A 46 -4.36 -0.27 5.54
CA CYS A 46 -4.25 -1.71 5.46
C CYS A 46 -2.81 -2.20 5.53
N ASN A 47 -1.86 -1.28 5.70
CA ASN A 47 -0.47 -1.57 6.00
C ASN A 47 0.18 -2.58 5.04
N VAL A 48 0.00 -2.37 3.73
CA VAL A 48 0.57 -3.19 2.68
C VAL A 48 1.86 -2.58 2.17
N THR A 49 2.63 -3.35 1.41
CA THR A 49 3.85 -2.87 0.79
C THR A 49 4.00 -3.44 -0.61
N ILE A 50 4.19 -2.61 -1.63
CA ILE A 50 4.30 -3.07 -3.02
C ILE A 50 5.45 -2.40 -3.77
N HIS A 51 5.82 -2.98 -4.93
CA HIS A 51 6.92 -2.54 -5.77
C HIS A 51 6.74 -1.14 -6.40
N ASN A 52 5.92 -0.28 -5.81
CA ASN A 52 5.60 1.02 -6.37
C ASN A 52 5.14 0.90 -7.83
N ARG A 53 4.57 -0.25 -8.21
CA ARG A 53 3.92 -0.35 -9.51
C ARG A 53 2.87 -1.45 -9.54
N CYS A 54 2.76 -2.23 -8.47
CA CYS A 54 1.81 -3.33 -8.38
C CYS A 54 0.54 -2.94 -7.62
N LYS A 55 0.16 -1.67 -7.71
CA LYS A 55 -1.05 -1.17 -7.05
C LYS A 55 -2.28 -1.32 -7.93
N ASP A 56 -2.06 -1.65 -9.21
CA ASP A 56 -3.14 -1.83 -10.16
C ASP A 56 -3.57 -3.30 -10.23
N THR A 57 -3.27 -4.05 -9.18
CA THR A 57 -3.77 -5.41 -9.00
C THR A 57 -4.17 -5.67 -7.56
N LEU A 58 -3.98 -4.68 -6.70
CA LEU A 58 -4.43 -4.75 -5.32
C LEU A 58 -5.92 -4.48 -5.19
N ALA A 59 -6.56 -5.32 -4.38
CA ALA A 59 -8.00 -5.28 -4.08
C ALA A 59 -8.40 -3.97 -3.42
N ASN A 60 -9.71 -3.68 -3.39
CA ASN A 60 -10.26 -2.49 -2.76
C ASN A 60 -9.72 -2.31 -1.34
N CYS A 61 -9.58 -1.06 -0.90
CA CYS A 61 -8.99 -0.77 0.40
C CYS A 61 -9.85 -1.25 1.59
N THR A 62 -10.92 -1.99 1.29
CA THR A 62 -11.74 -2.64 2.30
C THR A 62 -11.88 -4.13 1.97
N LYS A 63 -10.91 -4.59 1.18
CA LYS A 63 -10.69 -5.98 0.84
C LYS A 63 -9.20 -6.28 0.96
N VAL A 64 -8.46 -5.35 1.57
CA VAL A 64 -7.06 -5.52 1.94
C VAL A 64 -6.94 -5.59 3.46
N LYS A 65 -7.53 -4.63 4.18
CA LYS A 65 -7.47 -4.66 5.63
C LYS A 65 -8.34 -5.79 6.18
N GLN A 66 -9.11 -6.44 5.32
CA GLN A 66 -9.86 -7.63 5.68
C GLN A 66 -8.95 -8.85 5.73
N LYS A 67 -7.64 -8.66 5.50
CA LYS A 67 -6.65 -9.70 5.70
C LYS A 67 -5.40 -9.16 6.40
N GLN A 68 -5.22 -7.85 6.44
CA GLN A 68 -4.04 -7.25 7.11
C GLN A 68 -4.28 -6.90 8.57
N GLN A 69 -5.49 -7.12 9.10
CA GLN A 69 -5.77 -7.01 10.52
C GLN A 69 -6.72 -8.11 10.96
N LYS A 70 -6.61 -9.30 10.34
CA LYS A 70 -7.48 -10.43 10.63
C LYS A 70 -6.94 -11.26 11.79
N ALA A 71 -6.72 -10.59 12.91
CA ALA A 71 -6.31 -11.22 14.16
C ALA A 71 -7.13 -10.63 15.30
N ALA A 72 -7.86 -11.44 16.04
CA ALA A 72 -8.73 -10.98 17.12
C ALA A 72 -7.95 -10.58 18.37
N LEU A 73 -7.00 -9.66 18.20
CA LEU A 73 -6.18 -9.15 19.28
C LEU A 73 -6.02 -7.62 19.23
N LEU A 74 -6.97 -6.91 18.62
CA LEU A 74 -6.97 -5.46 18.57
C LEU A 74 -8.36 -4.90 18.86
N LYS A 75 -9.11 -5.58 19.72
CA LYS A 75 -10.45 -5.17 20.11
C LYS A 75 -10.40 -3.89 20.94
N GLY A 1 4.10 12.35 -9.51
CA GLY A 1 3.95 11.46 -8.35
C GLY A 1 3.63 12.25 -7.08
N PRO A 2 3.24 11.54 -6.01
CA PRO A 2 2.88 12.14 -4.73
C PRO A 2 4.10 12.65 -3.97
N MET A 3 5.30 12.37 -4.47
CA MET A 3 6.56 12.77 -3.84
C MET A 3 6.68 14.29 -3.78
N LYS A 4 6.49 14.85 -2.58
CA LYS A 4 6.60 16.30 -2.32
C LYS A 4 5.52 17.08 -3.05
N GLU A 5 4.40 16.43 -3.35
CA GLU A 5 3.33 17.03 -4.13
C GLU A 5 1.97 16.58 -3.60
N ALA A 6 1.30 17.47 -2.88
CA ALA A 6 0.01 17.19 -2.26
C ALA A 6 -1.15 17.33 -3.24
N LYS A 7 -1.06 16.61 -4.36
CA LYS A 7 -2.14 16.47 -5.32
C LYS A 7 -2.97 15.26 -4.93
N ASP A 8 -4.15 15.48 -4.35
CA ASP A 8 -5.02 14.43 -3.83
C ASP A 8 -5.65 13.57 -4.93
N ALA A 9 -4.81 12.98 -5.77
CA ALA A 9 -5.19 12.10 -6.87
C ALA A 9 -4.30 10.87 -6.89
N ARG A 10 -4.25 10.15 -5.76
CA ARG A 10 -3.41 8.97 -5.58
C ARG A 10 -4.19 7.85 -4.91
N TYR A 11 -5.31 7.49 -5.52
CA TYR A 11 -6.20 6.46 -5.02
C TYR A 11 -6.63 5.54 -6.15
N THR A 12 -6.05 4.34 -6.17
CA THR A 12 -6.31 3.35 -7.21
C THR A 12 -7.62 2.60 -6.92
N ASN A 13 -7.82 2.11 -5.70
CA ASN A 13 -9.05 1.43 -5.32
C ASN A 13 -9.47 1.74 -3.87
N GLY A 14 -9.04 2.88 -3.34
CA GLY A 14 -9.49 3.37 -2.05
C GLY A 14 -8.35 3.53 -1.05
N HIS A 15 -7.21 2.88 -1.31
CA HIS A 15 -6.04 3.02 -0.46
C HIS A 15 -5.07 4.09 -0.90
N LEU A 16 -4.58 4.84 0.09
CA LEU A 16 -3.63 5.92 -0.11
C LEU A 16 -2.24 5.31 -0.16
N PHE A 17 -1.67 5.22 -1.35
CA PHE A 17 -0.33 4.68 -1.52
C PHE A 17 0.71 5.80 -1.52
N THR A 18 1.45 5.89 -0.42
CA THR A 18 2.50 6.87 -0.21
C THR A 18 3.87 6.23 -0.41
N THR A 19 4.77 6.96 -1.06
CA THR A 19 6.11 6.48 -1.35
C THR A 19 6.92 6.31 -0.07
N ILE A 20 7.55 5.15 0.06
CA ILE A 20 8.39 4.77 1.19
C ILE A 20 9.81 4.49 0.68
N SER A 21 10.71 4.20 1.62
CA SER A 21 12.09 3.90 1.31
C SER A 21 12.45 2.55 1.93
N VAL A 22 12.22 1.48 1.17
CA VAL A 22 12.51 0.12 1.60
C VAL A 22 14.02 -0.07 1.78
N SER A 23 14.44 -0.21 3.04
CA SER A 23 15.83 -0.40 3.42
C SER A 23 15.92 -1.52 4.45
N GLY A 24 15.38 -2.68 4.08
CA GLY A 24 15.34 -3.86 4.93
C GLY A 24 14.48 -4.94 4.26
N MET A 25 14.19 -6.03 4.97
CA MET A 25 13.39 -7.10 4.42
C MET A 25 11.96 -6.62 4.19
N THR A 26 11.55 -6.57 2.91
CA THR A 26 10.24 -6.11 2.51
C THR A 26 9.66 -7.05 1.46
N MET A 27 8.33 -7.23 1.44
CA MET A 27 7.67 -8.14 0.52
C MET A 27 6.47 -7.49 -0.17
N CYS A 28 6.39 -7.68 -1.49
CA CYS A 28 5.34 -7.14 -2.35
C CYS A 28 4.02 -7.86 -2.07
N TYR A 29 3.04 -7.13 -1.55
CA TYR A 29 1.72 -7.70 -1.29
C TYR A 29 0.97 -7.93 -2.60
N ALA A 30 1.57 -7.55 -3.72
CA ALA A 30 1.00 -7.80 -5.04
C ALA A 30 1.78 -8.81 -5.88
N CYS A 31 3.04 -9.08 -5.51
CA CYS A 31 3.84 -10.08 -6.23
C CYS A 31 4.40 -11.14 -5.29
N ASN A 32 3.93 -11.16 -4.04
CA ASN A 32 4.16 -12.14 -2.99
C ASN A 32 5.64 -12.50 -2.81
N LYS A 33 6.52 -11.59 -3.21
CA LYS A 33 7.96 -11.78 -3.20
C LYS A 33 8.69 -10.57 -2.65
N SER A 34 9.96 -10.75 -2.30
CA SER A 34 10.78 -9.72 -1.67
C SER A 34 11.02 -8.54 -2.60
N ILE A 35 10.63 -7.34 -2.15
CA ILE A 35 10.88 -6.10 -2.85
C ILE A 35 12.36 -5.75 -2.78
N THR A 36 13.07 -5.95 -3.88
CA THR A 36 14.48 -5.57 -4.00
C THR A 36 14.57 -4.22 -4.69
N ALA A 37 13.89 -3.24 -4.11
CA ALA A 37 13.79 -1.87 -4.61
C ALA A 37 14.26 -0.91 -3.52
N LYS A 38 14.34 0.39 -3.84
CA LYS A 38 14.64 1.39 -2.83
C LYS A 38 13.42 2.30 -2.60
N GLU A 39 12.35 2.06 -3.36
CA GLU A 39 11.07 2.72 -3.20
C GLU A 39 9.90 1.76 -3.32
N ALA A 40 8.99 1.86 -2.35
CA ALA A 40 7.77 1.06 -2.28
C ALA A 40 6.59 1.94 -1.87
N LEU A 41 5.38 1.35 -1.84
CA LEU A 41 4.15 2.04 -1.44
C LEU A 41 3.56 1.39 -0.21
N ILE A 42 2.87 2.18 0.62
CA ILE A 42 2.19 1.70 1.82
C ILE A 42 0.81 2.34 1.97
N CYS A 43 -0.17 1.53 2.38
CA CYS A 43 -1.51 2.01 2.69
C CYS A 43 -1.63 2.19 4.19
N PRO A 44 -1.91 3.41 4.68
CA PRO A 44 -2.05 3.67 6.10
C PRO A 44 -3.32 3.03 6.67
N THR A 45 -4.12 2.36 5.83
CA THR A 45 -5.38 1.78 6.28
C THR A 45 -5.42 0.25 6.18
N CYS A 46 -4.50 -0.36 5.42
CA CYS A 46 -4.36 -1.81 5.40
C CYS A 46 -2.91 -2.28 5.45
N ASN A 47 -1.98 -1.33 5.64
CA ASN A 47 -0.57 -1.60 5.93
C ASN A 47 0.07 -2.62 4.99
N VAL A 48 0.00 -2.36 3.68
CA VAL A 48 0.57 -3.21 2.64
C VAL A 48 1.86 -2.60 2.13
N THR A 49 2.65 -3.37 1.38
CA THR A 49 3.87 -2.87 0.76
C THR A 49 4.02 -3.46 -0.64
N ILE A 50 4.20 -2.61 -1.66
CA ILE A 50 4.28 -3.05 -3.04
C ILE A 50 5.41 -2.36 -3.79
N HIS A 51 5.79 -2.93 -4.96
CA HIS A 51 6.91 -2.47 -5.79
C HIS A 51 6.72 -1.08 -6.41
N ASN A 52 5.87 -0.23 -5.83
CA ASN A 52 5.56 1.06 -6.39
C ASN A 52 5.12 0.95 -7.86
N ARG A 53 4.56 -0.19 -8.26
CA ARG A 53 3.93 -0.29 -9.56
C ARG A 53 2.89 -1.41 -9.62
N CYS A 54 2.78 -2.20 -8.55
CA CYS A 54 1.85 -3.31 -8.49
C CYS A 54 0.57 -2.96 -7.73
N LYS A 55 0.16 -1.68 -7.77
CA LYS A 55 -1.03 -1.22 -7.06
C LYS A 55 -2.29 -1.39 -7.89
N ASP A 56 -2.12 -1.75 -9.16
CA ASP A 56 -3.24 -1.96 -10.07
C ASP A 56 -3.66 -3.42 -10.09
N THR A 57 -3.32 -4.15 -9.03
CA THR A 57 -3.82 -5.50 -8.80
C THR A 57 -4.24 -5.70 -7.34
N LEU A 58 -3.96 -4.70 -6.50
CA LEU A 58 -4.47 -4.65 -5.14
C LEU A 58 -5.96 -4.29 -5.14
N ALA A 59 -6.74 -5.13 -4.47
CA ALA A 59 -8.18 -4.96 -4.31
C ALA A 59 -8.49 -3.68 -3.54
N ASN A 60 -9.76 -3.28 -3.54
CA ASN A 60 -10.23 -2.11 -2.78
C ASN A 60 -9.69 -2.17 -1.37
N CYS A 61 -9.43 -1.01 -0.75
CA CYS A 61 -8.75 -1.03 0.53
C CYS A 61 -9.57 -1.74 1.62
N THR A 62 -10.87 -1.94 1.35
CA THR A 62 -11.75 -2.65 2.29
C THR A 62 -11.68 -4.16 2.06
N LYS A 63 -10.98 -4.57 1.01
CA LYS A 63 -10.72 -5.97 0.70
C LYS A 63 -9.27 -6.32 0.98
N VAL A 64 -8.54 -5.36 1.54
CA VAL A 64 -7.16 -5.55 1.96
C VAL A 64 -7.06 -5.53 3.48
N LYS A 65 -7.73 -4.58 4.15
CA LYS A 65 -7.71 -4.57 5.60
C LYS A 65 -8.51 -5.73 6.17
N GLN A 66 -9.31 -6.38 5.30
CA GLN A 66 -9.97 -7.62 5.65
C GLN A 66 -9.02 -8.82 5.53
N LYS A 67 -7.76 -8.55 5.25
CA LYS A 67 -6.70 -9.56 5.28
C LYS A 67 -5.44 -9.06 5.97
N GLN A 68 -5.40 -7.78 6.36
CA GLN A 68 -4.25 -7.22 7.06
C GLN A 68 -4.54 -6.80 8.50
N GLN A 69 -5.79 -6.95 8.96
CA GLN A 69 -6.14 -6.76 10.36
C GLN A 69 -7.29 -7.70 10.73
N LYS A 70 -7.18 -8.98 10.35
CA LYS A 70 -8.21 -9.97 10.62
C LYS A 70 -7.61 -11.27 11.14
N ALA A 71 -6.60 -11.12 11.98
CA ALA A 71 -6.01 -12.21 12.72
C ALA A 71 -5.77 -11.81 14.18
N ALA A 72 -6.56 -10.83 14.64
CA ALA A 72 -6.48 -10.28 15.99
C ALA A 72 -7.87 -10.10 16.58
N LEU A 73 -8.03 -10.38 17.86
CA LEU A 73 -9.28 -10.15 18.57
C LEU A 73 -9.37 -8.68 18.97
N LEU A 74 -9.23 -7.79 17.98
CA LEU A 74 -9.33 -6.34 18.16
C LEU A 74 -10.80 -5.92 18.29
N LYS A 75 -11.52 -6.55 19.24
CA LYS A 75 -12.93 -6.29 19.49
C LYS A 75 -13.18 -6.16 20.98
N GLY A 1 -2.18 26.44 0.24
CA GLY A 1 -1.24 25.86 1.21
C GLY A 1 0.15 25.71 0.61
N PRO A 2 1.18 25.62 1.47
CA PRO A 2 2.57 25.52 1.07
C PRO A 2 2.90 24.15 0.47
N MET A 3 1.99 23.18 0.58
CA MET A 3 2.18 21.85 0.05
C MET A 3 2.17 21.85 -1.47
N LYS A 4 3.35 21.73 -2.08
CA LYS A 4 3.51 21.72 -3.52
C LYS A 4 2.75 20.57 -4.17
N GLU A 5 1.73 20.90 -4.95
CA GLU A 5 0.96 19.93 -5.71
C GLU A 5 0.24 18.92 -4.83
N ALA A 6 -0.60 19.41 -3.92
CA ALA A 6 -1.41 18.58 -3.05
C ALA A 6 -2.58 17.95 -3.83
N LYS A 7 -2.24 17.24 -4.90
CA LYS A 7 -3.19 16.60 -5.80
C LYS A 7 -3.77 15.35 -5.15
N ASP A 8 -5.01 15.44 -4.69
CA ASP A 8 -5.73 14.34 -4.07
C ASP A 8 -6.23 13.35 -5.12
N ALA A 9 -5.30 12.85 -5.92
CA ALA A 9 -5.59 11.95 -7.03
C ALA A 9 -4.59 10.79 -7.04
N ARG A 10 -4.50 10.08 -5.92
CA ARG A 10 -3.60 8.95 -5.75
C ARG A 10 -4.34 7.78 -5.08
N TYR A 11 -5.45 7.37 -5.69
CA TYR A 11 -6.29 6.30 -5.19
C TYR A 11 -6.68 5.36 -6.32
N THR A 12 -6.03 4.19 -6.34
CA THR A 12 -6.27 3.19 -7.36
C THR A 12 -7.56 2.40 -7.08
N ASN A 13 -7.74 1.91 -5.85
CA ASN A 13 -8.92 1.17 -5.46
C ASN A 13 -9.35 1.48 -4.02
N GLY A 14 -8.99 2.66 -3.51
CA GLY A 14 -9.44 3.14 -2.22
C GLY A 14 -8.30 3.32 -1.22
N HIS A 15 -7.14 2.70 -1.49
CA HIS A 15 -5.98 2.85 -0.63
C HIS A 15 -5.04 3.96 -1.06
N LEU A 16 -4.60 4.74 -0.08
CA LEU A 16 -3.68 5.84 -0.24
C LEU A 16 -2.26 5.29 -0.26
N PHE A 17 -1.66 5.21 -1.45
CA PHE A 17 -0.32 4.68 -1.57
C PHE A 17 0.71 5.80 -1.56
N THR A 18 1.46 5.88 -0.46
CA THR A 18 2.49 6.87 -0.25
C THR A 18 3.87 6.23 -0.41
N THR A 19 4.80 6.96 -1.05
CA THR A 19 6.13 6.45 -1.32
C THR A 19 6.94 6.29 -0.04
N ILE A 20 7.53 5.11 0.13
CA ILE A 20 8.37 4.74 1.25
C ILE A 20 9.79 4.48 0.76
N SER A 21 10.70 4.19 1.70
CA SER A 21 12.08 3.90 1.40
C SER A 21 12.45 2.55 1.98
N VAL A 22 12.18 1.48 1.23
CA VAL A 22 12.48 0.11 1.61
C VAL A 22 13.99 -0.08 1.74
N SER A 23 14.45 -0.25 2.98
CA SER A 23 15.85 -0.48 3.30
C SER A 23 15.96 -1.60 4.33
N GLY A 24 15.37 -2.76 4.00
CA GLY A 24 15.33 -3.93 4.85
C GLY A 24 14.48 -5.01 4.19
N MET A 25 14.21 -6.10 4.92
CA MET A 25 13.40 -7.19 4.38
C MET A 25 11.96 -6.73 4.16
N THR A 26 11.57 -6.67 2.89
CA THR A 26 10.26 -6.17 2.49
C THR A 26 9.65 -7.10 1.44
N MET A 27 8.33 -7.28 1.45
CA MET A 27 7.66 -8.19 0.52
C MET A 27 6.46 -7.52 -0.15
N CYS A 28 6.38 -7.69 -1.48
CA CYS A 28 5.33 -7.15 -2.31
C CYS A 28 4.02 -7.86 -2.02
N TYR A 29 3.05 -7.13 -1.46
CA TYR A 29 1.75 -7.70 -1.16
C TYR A 29 0.94 -7.95 -2.43
N ALA A 30 1.50 -7.60 -3.60
CA ALA A 30 0.86 -7.85 -4.88
C ALA A 30 1.66 -8.77 -5.78
N CYS A 31 2.92 -9.05 -5.44
CA CYS A 31 3.72 -10.03 -6.16
C CYS A 31 4.30 -11.11 -5.26
N ASN A 32 3.87 -11.12 -4.01
CA ASN A 32 4.12 -12.11 -2.95
C ASN A 32 5.60 -12.46 -2.80
N LYS A 33 6.48 -11.55 -3.22
CA LYS A 33 7.91 -11.74 -3.24
C LYS A 33 8.67 -10.54 -2.70
N SER A 34 9.95 -10.74 -2.38
CA SER A 34 10.79 -9.74 -1.76
C SER A 34 11.02 -8.53 -2.66
N ILE A 35 10.62 -7.35 -2.18
CA ILE A 35 10.87 -6.08 -2.86
C ILE A 35 12.36 -5.72 -2.79
N THR A 36 13.06 -5.89 -3.91
CA THR A 36 14.47 -5.54 -4.03
C THR A 36 14.58 -4.16 -4.69
N ALA A 37 13.91 -3.18 -4.08
CA ALA A 37 13.81 -1.81 -4.55
C ALA A 37 14.24 -0.86 -3.45
N LYS A 38 14.38 0.43 -3.77
CA LYS A 38 14.66 1.44 -2.76
C LYS A 38 13.44 2.35 -2.55
N GLU A 39 12.37 2.07 -3.30
CA GLU A 39 11.09 2.75 -3.17
C GLU A 39 9.93 1.79 -3.29
N ALA A 40 9.01 1.88 -2.33
CA ALA A 40 7.80 1.07 -2.26
C ALA A 40 6.61 1.93 -1.85
N LEU A 41 5.41 1.35 -1.81
CA LEU A 41 4.18 2.04 -1.43
C LEU A 41 3.55 1.40 -0.21
N ILE A 42 2.88 2.19 0.62
CA ILE A 42 2.20 1.73 1.82
C ILE A 42 0.81 2.36 1.95
N CYS A 43 -0.18 1.55 2.35
CA CYS A 43 -1.53 2.03 2.63
C CYS A 43 -1.65 2.23 4.13
N PRO A 44 -1.95 3.46 4.59
CA PRO A 44 -2.10 3.75 6.00
C PRO A 44 -3.36 3.11 6.58
N THR A 45 -4.16 2.43 5.75
CA THR A 45 -5.42 1.85 6.22
C THR A 45 -5.43 0.32 6.14
N CYS A 46 -4.52 -0.31 5.40
CA CYS A 46 -4.37 -1.75 5.42
C CYS A 46 -2.91 -2.21 5.48
N ASN A 47 -1.98 -1.27 5.65
CA ASN A 47 -0.57 -1.52 5.95
C ASN A 47 0.08 -2.55 5.03
N VAL A 48 0.01 -2.31 3.71
CA VAL A 48 0.60 -3.17 2.69
C VAL A 48 1.90 -2.56 2.17
N THR A 49 2.65 -3.34 1.39
CA THR A 49 3.89 -2.86 0.78
C THR A 49 4.05 -3.45 -0.61
N ILE A 50 4.23 -2.61 -1.64
CA ILE A 50 4.34 -3.06 -3.02
C ILE A 50 5.48 -2.39 -3.79
N HIS A 51 5.83 -2.97 -4.95
CA HIS A 51 6.93 -2.53 -5.83
C HIS A 51 6.72 -1.14 -6.45
N ASN A 52 5.92 -0.27 -5.82
CA ASN A 52 5.58 1.03 -6.35
C ASN A 52 5.08 0.93 -7.79
N ARG A 53 4.51 -0.20 -8.18
CA ARG A 53 3.86 -0.30 -9.47
C ARG A 53 2.82 -1.42 -9.54
N CYS A 54 2.73 -2.21 -8.47
CA CYS A 54 1.76 -3.29 -8.37
C CYS A 54 0.48 -2.87 -7.64
N LYS A 55 0.16 -1.58 -7.66
CA LYS A 55 -1.06 -1.07 -7.03
C LYS A 55 -2.26 -1.19 -7.96
N ASP A 56 -2.00 -1.53 -9.21
CA ASP A 56 -3.02 -1.73 -10.23
C ASP A 56 -3.56 -3.15 -10.24
N THR A 57 -3.21 -3.95 -9.25
CA THR A 57 -3.71 -5.31 -9.11
C THR A 57 -4.10 -5.61 -7.67
N LEU A 58 -3.89 -4.63 -6.79
CA LEU A 58 -4.37 -4.72 -5.41
C LEU A 58 -5.85 -4.42 -5.33
N ALA A 59 -6.56 -5.32 -4.64
CA ALA A 59 -7.98 -5.24 -4.38
C ALA A 59 -8.34 -3.96 -3.61
N ASN A 60 -9.62 -3.58 -3.63
CA ASN A 60 -10.12 -2.41 -2.91
C ASN A 60 -9.60 -2.41 -1.49
N CYS A 61 -9.35 -1.23 -0.92
CA CYS A 61 -8.68 -1.18 0.38
C CYS A 61 -9.53 -1.84 1.48
N THR A 62 -10.82 -2.07 1.21
CA THR A 62 -11.70 -2.75 2.16
C THR A 62 -11.59 -4.27 2.03
N LYS A 63 -10.92 -4.73 0.98
CA LYS A 63 -10.65 -6.14 0.77
C LYS A 63 -9.20 -6.45 1.13
N VAL A 64 -8.46 -5.42 1.51
CA VAL A 64 -7.09 -5.58 1.96
C VAL A 64 -7.02 -5.53 3.47
N LYS A 65 -7.72 -4.59 4.13
CA LYS A 65 -7.69 -4.58 5.58
C LYS A 65 -8.47 -5.74 6.16
N GLN A 66 -9.26 -6.42 5.32
CA GLN A 66 -9.91 -7.66 5.70
C GLN A 66 -8.97 -8.84 5.53
N LYS A 67 -7.70 -8.55 5.21
CA LYS A 67 -6.64 -9.55 5.19
C LYS A 67 -5.37 -9.01 5.87
N GLN A 68 -5.41 -7.76 6.33
CA GLN A 68 -4.31 -7.17 7.08
C GLN A 68 -4.75 -6.71 8.48
N GLN A 69 -5.95 -7.09 8.91
CA GLN A 69 -6.44 -6.85 10.26
C GLN A 69 -7.11 -8.11 10.79
N LYS A 70 -6.40 -9.23 10.79
CA LYS A 70 -6.92 -10.53 11.24
C LYS A 70 -7.09 -10.61 12.76
N ALA A 71 -7.24 -9.46 13.40
CA ALA A 71 -7.49 -9.36 14.83
C ALA A 71 -8.60 -8.34 15.07
N ALA A 72 -9.54 -8.24 14.13
CA ALA A 72 -10.65 -7.31 14.18
C ALA A 72 -11.97 -7.99 13.80
N LEU A 73 -13.06 -7.52 14.38
CA LEU A 73 -14.40 -8.04 14.11
C LEU A 73 -14.93 -7.54 12.77
N LEU A 74 -14.11 -7.59 11.73
CA LEU A 74 -14.47 -7.20 10.38
C LEU A 74 -15.33 -8.30 9.72
N LYS A 75 -16.43 -8.65 10.40
CA LYS A 75 -17.40 -9.65 9.96
C LYS A 75 -16.76 -11.04 9.89
N GLY A 1 5.50 22.77 1.49
CA GLY A 1 5.45 21.91 0.29
C GLY A 1 4.37 22.36 -0.68
N PRO A 2 4.45 21.93 -1.95
CA PRO A 2 3.51 22.30 -2.99
C PRO A 2 2.16 21.61 -2.81
N MET A 3 2.07 20.64 -1.89
CA MET A 3 0.84 19.91 -1.61
C MET A 3 -0.07 20.72 -0.67
N LYS A 4 -0.40 21.95 -1.07
CA LYS A 4 -1.29 22.83 -0.31
C LYS A 4 -2.75 22.50 -0.58
N GLU A 5 -3.03 21.25 -0.97
CA GLU A 5 -4.34 20.85 -1.40
C GLU A 5 -4.54 19.35 -1.20
N ALA A 6 -5.67 18.96 -0.62
CA ALA A 6 -6.04 17.57 -0.38
C ALA A 6 -6.50 16.91 -1.68
N LYS A 7 -5.65 16.95 -2.71
CA LYS A 7 -5.93 16.39 -4.02
C LYS A 7 -5.90 14.87 -3.96
N ASP A 8 -7.08 14.24 -3.97
CA ASP A 8 -7.22 12.79 -3.90
C ASP A 8 -7.01 12.15 -5.27
N ALA A 9 -5.86 12.43 -5.88
CA ALA A 9 -5.52 11.90 -7.20
C ALA A 9 -4.51 10.75 -7.09
N ARG A 10 -4.48 10.06 -5.94
CA ARG A 10 -3.62 8.90 -5.72
C ARG A 10 -4.39 7.78 -5.03
N TYR A 11 -5.51 7.38 -5.64
CA TYR A 11 -6.35 6.31 -5.13
C TYR A 11 -6.77 5.37 -6.25
N THR A 12 -6.14 4.19 -6.27
CA THR A 12 -6.38 3.18 -7.28
C THR A 12 -7.66 2.38 -6.97
N ASN A 13 -7.81 1.90 -5.74
CA ASN A 13 -8.99 1.15 -5.32
C ASN A 13 -9.42 1.49 -3.89
N GLY A 14 -9.05 2.69 -3.40
CA GLY A 14 -9.50 3.19 -2.11
C GLY A 14 -8.35 3.39 -1.13
N HIS A 15 -7.19 2.76 -1.39
CA HIS A 15 -6.02 2.93 -0.54
C HIS A 15 -5.08 4.03 -0.99
N LEU A 16 -4.59 4.79 -0.01
CA LEU A 16 -3.66 5.87 -0.20
C LEU A 16 -2.25 5.30 -0.23
N PHE A 17 -1.67 5.20 -1.42
CA PHE A 17 -0.34 4.66 -1.57
C PHE A 17 0.71 5.78 -1.56
N THR A 18 1.45 5.85 -0.46
CA THR A 18 2.50 6.83 -0.25
C THR A 18 3.88 6.18 -0.42
N THR A 19 4.79 6.89 -1.08
CA THR A 19 6.13 6.39 -1.34
C THR A 19 6.93 6.27 -0.06
N ILE A 20 7.51 5.08 0.13
CA ILE A 20 8.36 4.71 1.26
C ILE A 20 9.78 4.47 0.78
N SER A 21 10.68 4.18 1.71
CA SER A 21 12.07 3.90 1.42
C SER A 21 12.46 2.54 2.00
N VAL A 22 12.16 1.49 1.23
CA VAL A 22 12.46 0.12 1.61
C VAL A 22 13.96 -0.08 1.74
N SER A 23 14.43 -0.24 2.97
CA SER A 23 15.84 -0.48 3.28
C SER A 23 15.95 -1.59 4.31
N GLY A 24 15.36 -2.75 3.99
CA GLY A 24 15.32 -3.92 4.85
C GLY A 24 14.50 -5.02 4.19
N MET A 25 14.17 -6.07 4.94
CA MET A 25 13.37 -7.16 4.44
C MET A 25 11.93 -6.70 4.21
N THR A 26 11.52 -6.64 2.94
CA THR A 26 10.21 -6.15 2.52
C THR A 26 9.63 -7.09 1.47
N MET A 27 8.30 -7.28 1.46
CA MET A 27 7.65 -8.19 0.52
C MET A 27 6.47 -7.54 -0.18
N CYS A 28 6.40 -7.71 -1.50
CA CYS A 28 5.36 -7.16 -2.34
C CYS A 28 4.04 -7.87 -2.09
N TYR A 29 3.05 -7.16 -1.55
CA TYR A 29 1.74 -7.73 -1.32
C TYR A 29 0.99 -7.95 -2.64
N ALA A 30 1.61 -7.56 -3.75
CA ALA A 30 1.03 -7.79 -5.07
C ALA A 30 1.83 -8.78 -5.92
N CYS A 31 3.07 -9.08 -5.54
CA CYS A 31 3.87 -10.07 -6.25
C CYS A 31 4.43 -11.14 -5.32
N ASN A 32 3.96 -11.15 -4.08
CA ASN A 32 4.19 -12.14 -3.02
C ASN A 32 5.67 -12.49 -2.83
N LYS A 33 6.55 -11.57 -3.23
CA LYS A 33 8.00 -11.77 -3.23
C LYS A 33 8.73 -10.55 -2.67
N SER A 34 9.99 -10.75 -2.33
CA SER A 34 10.82 -9.74 -1.68
C SER A 34 11.07 -8.54 -2.59
N ILE A 35 10.65 -7.35 -2.15
CA ILE A 35 10.90 -6.08 -2.84
C ILE A 35 12.37 -5.72 -2.75
N THR A 36 13.09 -5.89 -3.86
CA THR A 36 14.50 -5.51 -3.97
C THR A 36 14.60 -4.15 -4.64
N ALA A 37 13.91 -3.17 -4.04
CA ALA A 37 13.81 -1.80 -4.53
C ALA A 37 14.24 -0.85 -3.43
N LYS A 38 14.36 0.45 -3.75
CA LYS A 38 14.63 1.47 -2.74
C LYS A 38 13.40 2.36 -2.55
N GLU A 39 12.33 2.07 -3.28
CA GLU A 39 11.05 2.74 -3.15
C GLU A 39 9.88 1.78 -3.28
N ALA A 40 8.96 1.87 -2.32
CA ALA A 40 7.76 1.05 -2.27
C ALA A 40 6.56 1.91 -1.86
N LEU A 41 5.35 1.32 -1.83
CA LEU A 41 4.13 2.01 -1.45
C LEU A 41 3.50 1.36 -0.23
N ILE A 42 2.84 2.16 0.61
CA ILE A 42 2.16 1.69 1.82
C ILE A 42 0.78 2.33 1.95
N CYS A 43 -0.21 1.53 2.37
CA CYS A 43 -1.55 2.02 2.67
C CYS A 43 -1.66 2.25 4.17
N PRO A 44 -1.97 3.48 4.61
CA PRO A 44 -2.11 3.79 6.03
C PRO A 44 -3.36 3.14 6.62
N THR A 45 -4.15 2.41 5.81
CA THR A 45 -5.36 1.76 6.29
C THR A 45 -5.32 0.24 6.15
N CYS A 46 -4.43 -0.32 5.33
CA CYS A 46 -4.27 -1.76 5.25
C CYS A 46 -2.81 -2.18 5.22
N ASN A 47 -1.92 -1.26 5.59
CA ASN A 47 -0.50 -1.48 5.84
C ASN A 47 0.13 -2.56 4.95
N VAL A 48 0.00 -2.36 3.63
CA VAL A 48 0.57 -3.23 2.61
C VAL A 48 1.87 -2.61 2.11
N THR A 49 2.65 -3.40 1.37
CA THR A 49 3.88 -2.91 0.77
C THR A 49 4.03 -3.48 -0.64
N ILE A 50 4.19 -2.64 -1.66
CA ILE A 50 4.28 -3.08 -3.05
C ILE A 50 5.42 -2.38 -3.79
N HIS A 51 5.80 -2.94 -4.96
CA HIS A 51 6.93 -2.49 -5.79
C HIS A 51 6.75 -1.09 -6.40
N ASN A 52 5.90 -0.24 -5.82
CA ASN A 52 5.59 1.06 -6.39
C ASN A 52 5.15 0.97 -7.85
N ARG A 53 4.59 -0.17 -8.25
CA ARG A 53 3.95 -0.28 -9.55
C ARG A 53 2.91 -1.39 -9.59
N CYS A 54 2.82 -2.19 -8.53
CA CYS A 54 1.90 -3.32 -8.51
C CYS A 54 0.61 -2.98 -7.76
N LYS A 55 0.19 -1.72 -7.79
CA LYS A 55 -1.01 -1.27 -7.10
C LYS A 55 -2.27 -1.45 -7.93
N ASP A 56 -2.10 -1.81 -9.20
CA ASP A 56 -3.22 -2.02 -10.10
C ASP A 56 -3.65 -3.49 -10.12
N THR A 57 -3.30 -4.21 -9.05
CA THR A 57 -3.79 -5.57 -8.82
C THR A 57 -4.20 -5.78 -7.36
N LEU A 58 -3.94 -4.77 -6.53
CA LEU A 58 -4.44 -4.73 -5.15
C LEU A 58 -5.93 -4.44 -5.11
N ALA A 59 -6.65 -5.28 -4.36
CA ALA A 59 -8.08 -5.20 -4.13
C ALA A 59 -8.47 -3.88 -3.46
N ASN A 60 -9.77 -3.59 -3.40
CA ASN A 60 -10.30 -2.42 -2.71
C ASN A 60 -9.73 -2.35 -1.30
N CYS A 61 -9.49 -1.15 -0.77
CA CYS A 61 -8.79 -1.08 0.51
C CYS A 61 -9.60 -1.71 1.65
N THR A 62 -10.91 -1.87 1.44
CA THR A 62 -11.79 -2.53 2.41
C THR A 62 -11.88 -4.02 2.11
N LYS A 63 -11.02 -4.46 1.21
CA LYS A 63 -10.85 -5.83 0.78
C LYS A 63 -9.36 -6.19 0.88
N VAL A 64 -8.60 -5.32 1.57
CA VAL A 64 -7.23 -5.55 1.97
C VAL A 64 -7.12 -5.48 3.48
N LYS A 65 -7.74 -4.47 4.12
CA LYS A 65 -7.68 -4.38 5.57
C LYS A 65 -8.52 -5.46 6.24
N GLN A 66 -9.33 -6.15 5.46
CA GLN A 66 -10.04 -7.34 5.93
C GLN A 66 -9.12 -8.56 5.93
N LYS A 67 -7.83 -8.31 5.66
CA LYS A 67 -6.78 -9.31 5.82
C LYS A 67 -5.54 -8.71 6.51
N GLN A 68 -5.47 -7.38 6.61
CA GLN A 68 -4.37 -6.70 7.27
C GLN A 68 -4.77 -6.06 8.60
N GLN A 69 -5.89 -6.50 9.18
CA GLN A 69 -6.31 -6.12 10.52
C GLN A 69 -6.79 -7.35 11.29
N LYS A 70 -5.91 -8.36 11.37
CA LYS A 70 -6.19 -9.61 12.07
C LYS A 70 -6.52 -9.35 13.54
N ALA A 71 -7.41 -10.17 14.09
CA ALA A 71 -7.84 -10.11 15.48
C ALA A 71 -8.60 -8.82 15.80
N ALA A 72 -9.45 -8.40 14.87
CA ALA A 72 -10.32 -7.23 15.02
C ALA A 72 -11.72 -7.56 14.53
N LEU A 73 -12.75 -7.10 15.23
CA LEU A 73 -14.14 -7.34 14.86
C LEU A 73 -14.59 -6.25 13.89
N LEU A 74 -13.82 -6.05 12.82
CA LEU A 74 -14.15 -5.07 11.79
C LEU A 74 -15.21 -5.59 10.80
N LYS A 75 -16.15 -6.36 11.32
CA LYS A 75 -17.23 -6.95 10.53
C LYS A 75 -18.18 -5.87 10.03
N GLY A 1 -1.13 28.86 4.76
CA GLY A 1 -0.88 28.71 3.31
C GLY A 1 -2.19 28.59 2.54
N PRO A 2 -2.13 28.79 1.21
CA PRO A 2 -3.29 28.74 0.33
C PRO A 2 -3.80 27.31 0.13
N MET A 3 -3.05 26.30 0.58
CA MET A 3 -3.44 24.91 0.47
C MET A 3 -4.61 24.59 1.40
N LYS A 4 -5.81 24.48 0.82
CA LYS A 4 -7.03 24.18 1.58
C LYS A 4 -7.86 23.11 0.86
N GLU A 5 -7.18 22.30 0.03
CA GLU A 5 -7.86 21.29 -0.77
C GLU A 5 -6.89 20.19 -1.17
N ALA A 6 -7.01 19.04 -0.51
CA ALA A 6 -6.20 17.87 -0.76
C ALA A 6 -6.58 17.20 -2.08
N LYS A 7 -5.65 17.12 -3.03
CA LYS A 7 -5.88 16.45 -4.31
C LYS A 7 -5.84 14.95 -4.11
N ASP A 8 -7.02 14.31 -4.10
CA ASP A 8 -7.14 12.87 -3.97
C ASP A 8 -6.91 12.18 -5.31
N ALA A 9 -5.75 12.45 -5.92
CA ALA A 9 -5.40 11.91 -7.22
C ALA A 9 -4.40 10.75 -7.11
N ARG A 10 -4.38 10.05 -5.97
CA ARG A 10 -3.54 8.90 -5.74
C ARG A 10 -4.31 7.77 -5.07
N TYR A 11 -5.42 7.37 -5.69
CA TYR A 11 -6.29 6.31 -5.19
C TYR A 11 -6.69 5.37 -6.31
N THR A 12 -6.07 4.18 -6.33
CA THR A 12 -6.33 3.17 -7.34
C THR A 12 -7.61 2.39 -7.03
N ASN A 13 -7.77 1.90 -5.79
CA ASN A 13 -8.95 1.16 -5.38
C ASN A 13 -9.36 1.50 -3.94
N GLY A 14 -8.99 2.68 -3.46
CA GLY A 14 -9.42 3.20 -2.17
C GLY A 14 -8.25 3.39 -1.20
N HIS A 15 -7.10 2.74 -1.47
CA HIS A 15 -5.93 2.91 -0.63
C HIS A 15 -5.05 4.08 -1.03
N LEU A 16 -4.60 4.81 -0.01
CA LEU A 16 -3.67 5.91 -0.19
C LEU A 16 -2.27 5.32 -0.22
N PHE A 17 -1.68 5.23 -1.40
CA PHE A 17 -0.34 4.68 -1.54
C PHE A 17 0.71 5.79 -1.54
N THR A 18 1.46 5.85 -0.44
CA THR A 18 2.50 6.85 -0.23
C THR A 18 3.87 6.20 -0.41
N THR A 19 4.79 6.91 -1.07
CA THR A 19 6.12 6.40 -1.35
C THR A 19 6.94 6.26 -0.07
N ILE A 20 7.52 5.07 0.10
CA ILE A 20 8.37 4.72 1.22
C ILE A 20 9.80 4.49 0.74
N SER A 21 10.70 4.21 1.68
CA SER A 21 12.11 4.01 1.39
C SER A 21 12.56 2.65 1.93
N VAL A 22 12.12 1.58 1.26
CA VAL A 22 12.45 0.22 1.66
C VAL A 22 13.96 0.01 1.65
N SER A 23 14.52 -0.20 2.85
CA SER A 23 15.94 -0.42 3.06
C SER A 23 16.13 -1.58 4.03
N GLY A 24 15.54 -2.73 3.68
CA GLY A 24 15.58 -3.93 4.50
C GLY A 24 14.65 -4.99 3.90
N MET A 25 14.37 -6.05 4.68
CA MET A 25 13.51 -7.12 4.21
C MET A 25 12.07 -6.63 4.05
N THR A 26 11.61 -6.57 2.81
CA THR A 26 10.26 -6.14 2.46
C THR A 26 9.66 -7.08 1.42
N MET A 27 8.34 -7.28 1.43
CA MET A 27 7.67 -8.20 0.51
C MET A 27 6.47 -7.54 -0.18
N CYS A 28 6.40 -7.72 -1.50
CA CYS A 28 5.36 -7.18 -2.34
C CYS A 28 4.03 -7.88 -2.07
N TYR A 29 3.05 -7.15 -1.54
CA TYR A 29 1.73 -7.71 -1.28
C TYR A 29 0.98 -7.96 -2.59
N ALA A 30 1.58 -7.58 -3.72
CA ALA A 30 0.99 -7.83 -5.03
C ALA A 30 1.77 -8.84 -5.87
N CYS A 31 3.03 -9.11 -5.52
CA CYS A 31 3.83 -10.10 -6.23
C CYS A 31 4.41 -11.17 -5.31
N ASN A 32 3.95 -11.19 -4.06
CA ASN A 32 4.21 -12.16 -3.00
C ASN A 32 5.69 -12.50 -2.84
N LYS A 33 6.56 -11.57 -3.24
CA LYS A 33 8.01 -11.76 -3.25
C LYS A 33 8.74 -10.55 -2.71
N SER A 34 10.00 -10.75 -2.37
CA SER A 34 10.84 -9.73 -1.74
C SER A 34 11.07 -8.53 -2.64
N ILE A 35 10.65 -7.34 -2.18
CA ILE A 35 10.89 -6.08 -2.85
C ILE A 35 12.37 -5.70 -2.75
N THR A 36 13.09 -5.87 -3.86
CA THR A 36 14.49 -5.51 -3.96
C THR A 36 14.61 -4.13 -4.61
N ALA A 37 13.93 -3.15 -4.00
CA ALA A 37 13.83 -1.79 -4.48
C ALA A 37 14.22 -0.84 -3.35
N LYS A 38 14.43 0.45 -3.67
CA LYS A 38 14.66 1.46 -2.65
C LYS A 38 13.43 2.34 -2.47
N GLU A 39 12.36 2.02 -3.22
CA GLU A 39 11.09 2.71 -3.14
C GLU A 39 9.92 1.74 -3.27
N ALA A 40 8.98 1.86 -2.34
CA ALA A 40 7.76 1.05 -2.30
C ALA A 40 6.57 1.91 -1.89
N LEU A 41 5.37 1.33 -1.86
CA LEU A 41 4.15 2.02 -1.47
C LEU A 41 3.54 1.37 -0.23
N ILE A 42 2.87 2.17 0.60
CA ILE A 42 2.20 1.70 1.80
C ILE A 42 0.82 2.33 1.96
N CYS A 43 -0.16 1.52 2.35
CA CYS A 43 -1.51 2.00 2.66
C CYS A 43 -1.62 2.18 4.16
N PRO A 44 -1.93 3.40 4.63
CA PRO A 44 -2.09 3.66 6.05
C PRO A 44 -3.36 3.02 6.61
N THR A 45 -4.14 2.34 5.76
CA THR A 45 -5.41 1.74 6.21
C THR A 45 -5.43 0.20 6.10
N CYS A 46 -4.51 -0.40 5.35
CA CYS A 46 -4.37 -1.85 5.32
C CYS A 46 -2.91 -2.29 5.38
N ASN A 47 -1.99 -1.35 5.60
CA ASN A 47 -0.59 -1.62 5.91
C ASN A 47 0.06 -2.64 4.97
N VAL A 48 -0.01 -2.38 3.67
CA VAL A 48 0.57 -3.22 2.63
C VAL A 48 1.86 -2.60 2.11
N THR A 49 2.66 -3.38 1.38
CA THR A 49 3.87 -2.89 0.77
C THR A 49 4.04 -3.47 -0.63
N ILE A 50 4.19 -2.63 -1.66
CA ILE A 50 4.29 -3.07 -3.04
C ILE A 50 5.42 -2.39 -3.80
N HIS A 51 5.77 -2.96 -4.97
CA HIS A 51 6.89 -2.51 -5.82
C HIS A 51 6.70 -1.12 -6.44
N ASN A 52 5.87 -0.26 -5.85
CA ASN A 52 5.55 1.03 -6.41
C ASN A 52 5.09 0.92 -7.87
N ARG A 53 4.52 -0.22 -8.25
CA ARG A 53 3.88 -0.33 -9.55
C ARG A 53 2.83 -1.43 -9.61
N CYS A 54 2.73 -2.23 -8.54
CA CYS A 54 1.80 -3.34 -8.48
C CYS A 54 0.51 -2.97 -7.73
N LYS A 55 0.15 -1.70 -7.71
CA LYS A 55 -1.04 -1.22 -7.03
C LYS A 55 -2.29 -1.42 -7.88
N ASP A 56 -2.08 -1.78 -9.14
CA ASP A 56 -3.14 -2.01 -10.11
C ASP A 56 -3.71 -3.43 -10.01
N THR A 57 -3.35 -4.17 -8.97
CA THR A 57 -3.88 -5.50 -8.74
C THR A 57 -4.25 -5.71 -7.28
N LEU A 58 -3.96 -4.72 -6.44
CA LEU A 58 -4.43 -4.67 -5.07
C LEU A 58 -5.93 -4.38 -5.03
N ALA A 59 -6.66 -5.26 -4.34
CA ALA A 59 -8.11 -5.18 -4.15
C ALA A 59 -8.52 -3.88 -3.44
N ASN A 60 -9.81 -3.58 -3.43
CA ASN A 60 -10.36 -2.42 -2.74
C ASN A 60 -9.80 -2.32 -1.34
N CYS A 61 -9.56 -1.11 -0.85
CA CYS A 61 -8.86 -0.96 0.43
C CYS A 61 -9.70 -1.47 1.62
N THR A 62 -10.93 -1.88 1.37
CA THR A 62 -11.77 -2.52 2.39
C THR A 62 -11.96 -4.00 2.03
N LYS A 63 -11.04 -4.47 1.20
CA LYS A 63 -10.89 -5.84 0.78
C LYS A 63 -9.40 -6.22 0.84
N VAL A 64 -8.62 -5.37 1.51
CA VAL A 64 -7.23 -5.62 1.88
C VAL A 64 -7.11 -5.65 3.40
N LYS A 65 -7.71 -4.67 4.09
CA LYS A 65 -7.66 -4.68 5.55
C LYS A 65 -8.51 -5.81 6.13
N GLN A 66 -9.28 -6.46 5.27
CA GLN A 66 -10.03 -7.66 5.64
C GLN A 66 -9.11 -8.88 5.65
N LYS A 67 -7.81 -8.65 5.42
CA LYS A 67 -6.78 -9.68 5.57
C LYS A 67 -5.55 -9.12 6.29
N GLN A 68 -5.42 -7.79 6.37
CA GLN A 68 -4.32 -7.15 7.08
C GLN A 68 -4.72 -6.67 8.48
N GLN A 69 -5.86 -7.15 8.98
CA GLN A 69 -6.29 -6.90 10.36
C GLN A 69 -6.80 -8.20 10.99
N LYS A 70 -5.96 -9.24 10.98
CA LYS A 70 -6.32 -10.54 11.52
C LYS A 70 -6.12 -10.57 13.05
N ALA A 71 -6.66 -9.55 13.71
CA ALA A 71 -6.70 -9.46 15.17
C ALA A 71 -8.08 -9.00 15.63
N ALA A 72 -9.09 -9.25 14.80
CA ALA A 72 -10.48 -8.89 15.05
C ALA A 72 -11.39 -9.97 14.49
N LEU A 73 -12.62 -10.06 14.99
CA LEU A 73 -13.60 -11.01 14.49
C LEU A 73 -14.27 -10.52 13.20
N LEU A 74 -13.49 -9.89 12.32
CA LEU A 74 -13.99 -9.33 11.06
C LEU A 74 -14.14 -10.41 9.98
N LYS A 75 -14.36 -11.66 10.39
CA LYS A 75 -14.50 -12.81 9.50
C LYS A 75 -13.22 -13.00 8.69
N GLY A 1 1.17 30.27 -5.96
CA GLY A 1 0.05 29.96 -6.88
C GLY A 1 -0.97 29.03 -6.25
N PRO A 2 -2.07 28.77 -6.95
CA PRO A 2 -3.15 27.90 -6.49
C PRO A 2 -2.74 26.43 -6.49
N MET A 3 -1.62 26.10 -7.16
CA MET A 3 -1.10 24.74 -7.22
C MET A 3 -0.56 24.32 -5.86
N LYS A 4 -1.30 23.49 -5.14
CA LYS A 4 -0.93 23.02 -3.81
C LYS A 4 -1.15 21.52 -3.65
N GLU A 5 -0.53 20.98 -2.61
CA GLU A 5 -0.59 19.57 -2.23
C GLU A 5 -1.96 19.19 -1.66
N ALA A 6 -3.03 19.44 -2.43
CA ALA A 6 -4.39 19.17 -2.03
C ALA A 6 -5.16 18.52 -3.19
N LYS A 7 -4.61 17.41 -3.69
CA LYS A 7 -5.15 16.69 -4.83
C LYS A 7 -5.18 15.20 -4.53
N ASP A 8 -6.37 14.67 -4.24
CA ASP A 8 -6.57 13.25 -3.94
C ASP A 8 -6.61 12.42 -5.21
N ALA A 9 -5.55 12.54 -6.02
CA ALA A 9 -5.43 11.87 -7.30
C ALA A 9 -4.49 10.68 -7.22
N ARG A 10 -4.47 9.99 -6.07
CA ARG A 10 -3.63 8.83 -5.84
C ARG A 10 -4.41 7.70 -5.15
N TYR A 11 -5.52 7.31 -5.77
CA TYR A 11 -6.37 6.24 -5.26
C TYR A 11 -6.75 5.29 -6.39
N THR A 12 -6.11 4.12 -6.39
CA THR A 12 -6.32 3.10 -7.40
C THR A 12 -7.60 2.30 -7.13
N ASN A 13 -7.78 1.79 -5.90
CA ASN A 13 -8.97 1.04 -5.53
C ASN A 13 -9.42 1.34 -4.10
N GLY A 14 -9.06 2.51 -3.58
CA GLY A 14 -9.53 2.99 -2.28
C GLY A 14 -8.40 3.19 -1.28
N HIS A 15 -7.22 2.59 -1.54
CA HIS A 15 -6.07 2.78 -0.69
C HIS A 15 -5.13 3.88 -1.13
N LEU A 16 -4.67 4.66 -0.15
CA LEU A 16 -3.76 5.76 -0.34
C LEU A 16 -2.34 5.22 -0.32
N PHE A 17 -1.72 5.13 -1.50
CA PHE A 17 -0.37 4.64 -1.60
C PHE A 17 0.64 5.77 -1.58
N THR A 18 1.36 5.87 -0.46
CA THR A 18 2.40 6.86 -0.22
C THR A 18 3.77 6.23 -0.35
N THR A 19 4.73 6.97 -0.94
CA THR A 19 6.08 6.47 -1.19
C THR A 19 6.83 6.23 0.12
N ILE A 20 7.52 5.09 0.17
CA ILE A 20 8.32 4.66 1.31
C ILE A 20 9.72 4.28 0.82
N SER A 21 10.63 4.06 1.76
CA SER A 21 12.02 3.79 1.47
C SER A 21 12.40 2.41 1.99
N VAL A 22 12.19 1.39 1.16
CA VAL A 22 12.51 0.01 1.50
C VAL A 22 14.03 -0.17 1.57
N SER A 23 14.55 -0.32 2.78
CA SER A 23 15.96 -0.55 3.04
C SER A 23 16.10 -1.67 4.07
N GLY A 24 15.50 -2.82 3.77
CA GLY A 24 15.48 -3.99 4.63
C GLY A 24 14.60 -5.08 4.00
N MET A 25 14.35 -6.16 4.74
CA MET A 25 13.52 -7.25 4.25
C MET A 25 12.08 -6.78 4.08
N THR A 26 11.63 -6.71 2.82
CA THR A 26 10.32 -6.20 2.45
C THR A 26 9.71 -7.13 1.40
N MET A 27 8.38 -7.31 1.42
CA MET A 27 7.70 -8.20 0.49
C MET A 27 6.51 -7.54 -0.18
N CYS A 28 6.43 -7.70 -1.50
CA CYS A 28 5.37 -7.14 -2.34
C CYS A 28 4.06 -7.86 -2.05
N TYR A 29 3.09 -7.16 -1.49
CA TYR A 29 1.79 -7.72 -1.21
C TYR A 29 0.99 -7.97 -2.49
N ALA A 30 1.57 -7.58 -3.64
CA ALA A 30 0.94 -7.81 -4.93
C ALA A 30 1.76 -8.72 -5.85
N CYS A 31 3.01 -9.01 -5.50
CA CYS A 31 3.82 -9.98 -6.24
C CYS A 31 4.38 -11.07 -5.35
N ASN A 32 3.92 -11.11 -4.10
CA ASN A 32 4.17 -12.11 -3.06
C ASN A 32 5.65 -12.48 -2.91
N LYS A 33 6.53 -11.55 -3.30
CA LYS A 33 7.97 -11.75 -3.32
C LYS A 33 8.71 -10.55 -2.76
N SER A 34 9.99 -10.74 -2.45
CA SER A 34 10.81 -9.73 -1.82
C SER A 34 11.03 -8.51 -2.71
N ILE A 35 10.64 -7.32 -2.22
CA ILE A 35 10.88 -6.06 -2.91
C ILE A 35 12.36 -5.71 -2.85
N THR A 36 13.05 -5.88 -3.97
CA THR A 36 14.46 -5.54 -4.11
C THR A 36 14.57 -4.17 -4.76
N ALA A 37 13.92 -3.18 -4.16
CA ALA A 37 13.84 -1.81 -4.62
C ALA A 37 14.24 -0.86 -3.50
N LYS A 38 14.40 0.43 -3.81
CA LYS A 38 14.67 1.43 -2.77
C LYS A 38 13.44 2.30 -2.55
N GLU A 39 12.39 2.06 -3.32
CA GLU A 39 11.10 2.73 -3.18
C GLU A 39 9.92 1.75 -3.28
N ALA A 40 9.00 1.88 -2.33
CA ALA A 40 7.79 1.07 -2.24
C ALA A 40 6.60 1.95 -1.84
N LEU A 41 5.40 1.36 -1.76
CA LEU A 41 4.17 2.05 -1.40
C LEU A 41 3.53 1.40 -0.19
N ILE A 42 2.83 2.19 0.63
CA ILE A 42 2.13 1.72 1.82
C ILE A 42 0.74 2.33 1.92
N CYS A 43 -0.26 1.52 2.31
CA CYS A 43 -1.61 1.97 2.57
C CYS A 43 -1.74 2.20 4.08
N PRO A 44 -2.06 3.42 4.53
CA PRO A 44 -2.22 3.73 5.93
C PRO A 44 -3.47 3.07 6.52
N THR A 45 -4.25 2.36 5.70
CA THR A 45 -5.49 1.75 6.14
C THR A 45 -5.47 0.23 6.08
N CYS A 46 -4.55 -0.38 5.33
CA CYS A 46 -4.39 -1.82 5.32
C CYS A 46 -2.92 -2.24 5.39
N ASN A 47 -2.01 -1.29 5.60
CA ASN A 47 -0.61 -1.52 5.91
C ASN A 47 0.07 -2.55 5.00
N VAL A 48 0.00 -2.33 3.68
CA VAL A 48 0.59 -3.19 2.67
C VAL A 48 1.89 -2.58 2.16
N THR A 49 2.66 -3.35 1.40
CA THR A 49 3.90 -2.87 0.79
C THR A 49 4.06 -3.44 -0.62
N ILE A 50 4.25 -2.60 -1.64
CA ILE A 50 4.36 -3.05 -3.02
C ILE A 50 5.51 -2.37 -3.76
N HIS A 51 5.89 -2.92 -4.92
CA HIS A 51 7.00 -2.46 -5.74
C HIS A 51 6.83 -1.07 -6.35
N ASN A 52 6.00 -0.21 -5.75
CA ASN A 52 5.69 1.09 -6.29
C ASN A 52 5.23 1.00 -7.76
N ARG A 53 4.64 -0.14 -8.15
CA ARG A 53 3.98 -0.22 -9.44
C ARG A 53 2.91 -1.30 -9.47
N CYS A 54 2.84 -2.12 -8.42
CA CYS A 54 1.89 -3.23 -8.38
C CYS A 54 0.59 -2.85 -7.67
N LYS A 55 0.22 -1.57 -7.72
CA LYS A 55 -1.00 -1.08 -7.11
C LYS A 55 -2.19 -1.19 -8.04
N ASP A 56 -1.93 -1.55 -9.30
CA ASP A 56 -2.98 -1.73 -10.29
C ASP A 56 -3.38 -3.19 -10.42
N THR A 57 -3.09 -3.98 -9.38
CA THR A 57 -3.56 -5.35 -9.25
C THR A 57 -3.98 -5.66 -7.83
N LEU A 58 -3.81 -4.70 -6.91
CA LEU A 58 -4.30 -4.81 -5.56
C LEU A 58 -5.79 -4.55 -5.48
N ALA A 59 -6.47 -5.43 -4.73
CA ALA A 59 -7.89 -5.37 -4.47
C ALA A 59 -8.26 -4.09 -3.74
N ASN A 60 -9.54 -3.73 -3.75
CA ASN A 60 -10.06 -2.57 -3.04
C ASN A 60 -9.55 -2.57 -1.60
N CYS A 61 -9.34 -1.39 -1.01
CA CYS A 61 -8.69 -1.35 0.29
C CYS A 61 -9.53 -2.06 1.36
N THR A 62 -10.80 -2.32 1.06
CA THR A 62 -11.70 -3.03 1.98
C THR A 62 -11.56 -4.54 1.83
N LYS A 63 -10.82 -4.98 0.81
CA LYS A 63 -10.50 -6.38 0.58
C LYS A 63 -9.05 -6.64 0.96
N VAL A 64 -8.38 -5.61 1.46
CA VAL A 64 -7.01 -5.72 1.94
C VAL A 64 -6.98 -5.64 3.46
N LYS A 65 -7.69 -4.68 4.07
CA LYS A 65 -7.72 -4.59 5.52
C LYS A 65 -8.55 -5.71 6.13
N GLN A 66 -9.27 -6.46 5.30
CA GLN A 66 -9.95 -7.67 5.73
C GLN A 66 -8.97 -8.85 5.74
N LYS A 67 -7.68 -8.56 5.52
CA LYS A 67 -6.61 -9.54 5.70
C LYS A 67 -5.42 -8.93 6.43
N GLN A 68 -5.37 -7.60 6.54
CA GLN A 68 -4.28 -6.92 7.22
C GLN A 68 -4.70 -6.31 8.56
N GLN A 69 -5.87 -6.68 9.09
CA GLN A 69 -6.32 -6.28 10.41
C GLN A 69 -6.75 -7.49 11.22
N LYS A 70 -6.11 -7.68 12.38
CA LYS A 70 -6.46 -8.74 13.32
C LYS A 70 -7.88 -8.55 13.85
N ALA A 71 -8.42 -9.55 14.53
CA ALA A 71 -9.71 -9.42 15.19
C ALA A 71 -9.62 -8.35 16.29
N ALA A 72 -10.09 -7.15 15.96
CA ALA A 72 -10.06 -6.00 16.85
C ALA A 72 -11.39 -5.25 16.80
N LEU A 73 -11.75 -4.60 17.91
CA LEU A 73 -12.97 -3.82 18.04
C LEU A 73 -12.78 -2.46 17.35
N LEU A 74 -12.41 -2.49 16.07
CA LEU A 74 -12.24 -1.31 15.23
C LEU A 74 -13.60 -0.73 14.84
N LYS A 75 -14.39 -0.43 15.86
CA LYS A 75 -15.73 0.14 15.73
C LYS A 75 -15.66 1.51 15.05
N GLY A 1 2.64 31.96 -1.09
CA GLY A 1 1.73 31.50 -2.16
C GLY A 1 0.34 31.20 -1.61
N PRO A 2 -0.65 31.08 -2.50
CA PRO A 2 -2.03 30.79 -2.16
C PRO A 2 -2.20 29.29 -1.90
N MET A 3 -3.44 28.84 -1.80
CA MET A 3 -3.76 27.43 -1.67
C MET A 3 -3.31 26.67 -2.91
N LYS A 4 -2.20 25.94 -2.80
CA LYS A 4 -1.65 25.15 -3.89
C LYS A 4 -2.56 24.01 -4.28
N GLU A 5 -2.46 23.61 -5.55
CA GLU A 5 -3.25 22.56 -6.18
C GLU A 5 -3.12 21.25 -5.40
N ALA A 6 -4.17 20.89 -4.65
CA ALA A 6 -4.19 19.66 -3.88
C ALA A 6 -4.31 18.47 -4.83
N LYS A 7 -3.19 17.75 -5.02
CA LYS A 7 -3.12 16.59 -5.91
C LYS A 7 -3.70 15.35 -5.23
N ASP A 8 -4.95 15.44 -4.76
CA ASP A 8 -5.66 14.34 -4.11
C ASP A 8 -6.14 13.33 -5.15
N ALA A 9 -5.19 12.81 -5.95
CA ALA A 9 -5.48 11.91 -7.05
C ALA A 9 -4.48 10.75 -7.04
N ARG A 10 -4.41 10.06 -5.91
CA ARG A 10 -3.51 8.93 -5.72
C ARG A 10 -4.23 7.76 -5.06
N TYR A 11 -5.33 7.34 -5.68
CA TYR A 11 -6.19 6.27 -5.18
C TYR A 11 -6.57 5.33 -6.31
N THR A 12 -5.94 4.14 -6.30
CA THR A 12 -6.18 3.13 -7.32
C THR A 12 -7.51 2.39 -7.05
N ASN A 13 -7.71 1.91 -5.82
CA ASN A 13 -8.93 1.20 -5.44
C ASN A 13 -9.39 1.55 -4.03
N GLY A 14 -9.01 2.72 -3.51
CA GLY A 14 -9.49 3.23 -2.24
C GLY A 14 -8.36 3.40 -1.22
N HIS A 15 -7.21 2.77 -1.44
CA HIS A 15 -6.06 2.94 -0.57
C HIS A 15 -5.10 4.03 -1.01
N LEU A 16 -4.63 4.79 -0.02
CA LEU A 16 -3.68 5.86 -0.21
C LEU A 16 -2.28 5.26 -0.23
N PHE A 17 -1.69 5.16 -1.42
CA PHE A 17 -0.36 4.61 -1.57
C PHE A 17 0.69 5.73 -1.56
N THR A 18 1.43 5.80 -0.46
CA THR A 18 2.48 6.79 -0.25
C THR A 18 3.85 6.15 -0.42
N THR A 19 4.76 6.85 -1.09
CA THR A 19 6.10 6.35 -1.35
C THR A 19 6.91 6.22 -0.07
N ILE A 20 7.49 5.05 0.13
CA ILE A 20 8.33 4.69 1.26
C ILE A 20 9.77 4.47 0.79
N SER A 21 10.66 4.18 1.74
CA SER A 21 12.06 3.95 1.46
C SER A 21 12.47 2.58 2.03
N VAL A 22 12.16 1.52 1.29
CA VAL A 22 12.50 0.16 1.66
C VAL A 22 14.02 -0.02 1.66
N SER A 23 14.57 -0.23 2.85
CA SER A 23 16.00 -0.45 3.04
C SER A 23 16.20 -1.61 4.01
N GLY A 24 15.55 -2.74 3.71
CA GLY A 24 15.59 -3.93 4.53
C GLY A 24 14.66 -4.99 3.94
N MET A 25 14.37 -6.05 4.71
CA MET A 25 13.50 -7.12 4.25
C MET A 25 12.07 -6.64 4.07
N THR A 26 11.62 -6.58 2.82
CA THR A 26 10.28 -6.14 2.47
C THR A 26 9.68 -7.07 1.43
N MET A 27 8.36 -7.28 1.44
CA MET A 27 7.69 -8.18 0.52
C MET A 27 6.51 -7.53 -0.18
N CYS A 28 6.44 -7.72 -1.50
CA CYS A 28 5.41 -7.19 -2.36
C CYS A 28 4.09 -7.90 -2.11
N TYR A 29 3.09 -7.18 -1.58
CA TYR A 29 1.77 -7.75 -1.36
C TYR A 29 1.05 -7.99 -2.67
N ALA A 30 1.66 -7.60 -3.79
CA ALA A 30 1.10 -7.84 -5.11
C ALA A 30 1.90 -8.82 -5.96
N CYS A 31 3.14 -9.12 -5.58
CA CYS A 31 3.95 -10.10 -6.27
C CYS A 31 4.52 -11.18 -5.34
N ASN A 32 4.03 -11.20 -4.09
CA ASN A 32 4.26 -12.16 -3.04
C ASN A 32 5.74 -12.52 -2.85
N LYS A 33 6.62 -11.59 -3.24
CA LYS A 33 8.07 -11.77 -3.24
C LYS A 33 8.79 -10.55 -2.68
N SER A 34 10.05 -10.74 -2.35
CA SER A 34 10.88 -9.71 -1.72
C SER A 34 11.12 -8.51 -2.63
N ILE A 35 10.68 -7.33 -2.17
CA ILE A 35 10.91 -6.07 -2.84
C ILE A 35 12.39 -5.69 -2.75
N THR A 36 13.12 -5.85 -3.85
CA THR A 36 14.53 -5.48 -3.94
C THR A 36 14.64 -4.10 -4.60
N ALA A 37 13.94 -3.13 -4.00
CA ALA A 37 13.85 -1.77 -4.47
C ALA A 37 14.23 -0.82 -3.34
N LYS A 38 14.42 0.47 -3.66
CA LYS A 38 14.67 1.49 -2.64
C LYS A 38 13.42 2.35 -2.46
N GLU A 39 12.38 2.04 -3.21
CA GLU A 39 11.08 2.72 -3.13
C GLU A 39 9.92 1.73 -3.26
N ALA A 40 8.98 1.84 -2.33
CA ALA A 40 7.77 1.03 -2.28
C ALA A 40 6.57 1.90 -1.88
N LEU A 41 5.37 1.32 -1.87
CA LEU A 41 4.14 2.00 -1.48
C LEU A 41 3.53 1.36 -0.25
N ILE A 42 2.83 2.16 0.56
CA ILE A 42 2.15 1.67 1.76
C ILE A 42 0.76 2.30 1.90
N CYS A 43 -0.23 1.49 2.30
CA CYS A 43 -1.56 1.96 2.61
C CYS A 43 -1.69 2.14 4.13
N PRO A 44 -1.99 3.35 4.61
CA PRO A 44 -2.14 3.59 6.03
C PRO A 44 -3.41 2.95 6.58
N THR A 45 -4.19 2.27 5.74
CA THR A 45 -5.46 1.67 6.18
C THR A 45 -5.48 0.14 6.06
N CYS A 46 -4.55 -0.47 5.31
CA CYS A 46 -4.41 -1.92 5.29
C CYS A 46 -2.95 -2.36 5.35
N ASN A 47 -2.02 -1.41 5.53
CA ASN A 47 -0.63 -1.68 5.84
C ASN A 47 0.03 -2.68 4.88
N VAL A 48 -0.07 -2.43 3.58
CA VAL A 48 0.51 -3.25 2.53
C VAL A 48 1.80 -2.63 2.03
N THR A 49 2.60 -3.40 1.31
CA THR A 49 3.84 -2.91 0.70
C THR A 49 4.01 -3.50 -0.69
N ILE A 50 4.20 -2.64 -1.71
CA ILE A 50 4.31 -3.09 -3.11
C ILE A 50 5.46 -2.40 -3.83
N HIS A 51 5.85 -2.96 -4.99
CA HIS A 51 6.99 -2.50 -5.80
C HIS A 51 6.79 -1.11 -6.42
N ASN A 52 5.95 -0.26 -5.84
CA ASN A 52 5.61 1.03 -6.40
C ASN A 52 5.20 0.93 -7.87
N ARG A 53 4.65 -0.22 -8.27
CA ARG A 53 4.05 -0.34 -9.59
C ARG A 53 3.00 -1.44 -9.67
N CYS A 54 2.88 -2.24 -8.59
CA CYS A 54 1.94 -3.35 -8.54
C CYS A 54 0.65 -2.97 -7.82
N LYS A 55 0.24 -1.70 -7.91
CA LYS A 55 -0.95 -1.18 -7.24
C LYS A 55 -2.21 -1.34 -8.09
N ASP A 56 -2.04 -1.81 -9.32
CA ASP A 56 -3.17 -2.04 -10.22
C ASP A 56 -3.58 -3.51 -10.21
N THR A 57 -3.24 -4.21 -9.13
CA THR A 57 -3.73 -5.57 -8.88
C THR A 57 -4.14 -5.76 -7.42
N LEU A 58 -3.85 -4.75 -6.59
CA LEU A 58 -4.36 -4.70 -5.22
C LEU A 58 -5.85 -4.38 -5.21
N ALA A 59 -6.60 -5.23 -4.49
CA ALA A 59 -8.03 -5.12 -4.33
C ALA A 59 -8.42 -3.82 -3.61
N ASN A 60 -9.72 -3.48 -3.61
CA ASN A 60 -10.24 -2.33 -2.90
C ASN A 60 -9.73 -2.33 -1.47
N CYS A 61 -9.49 -1.15 -0.88
CA CYS A 61 -8.84 -1.12 0.42
C CYS A 61 -9.69 -1.78 1.51
N THR A 62 -10.97 -2.04 1.22
CA THR A 62 -11.87 -2.75 2.13
C THR A 62 -12.03 -4.20 1.68
N LYS A 63 -11.05 -4.64 0.90
CA LYS A 63 -10.84 -6.01 0.50
C LYS A 63 -9.34 -6.33 0.63
N VAL A 64 -8.62 -5.46 1.32
CA VAL A 64 -7.22 -5.67 1.72
C VAL A 64 -7.10 -5.72 3.23
N LYS A 65 -7.73 -4.81 3.98
CA LYS A 65 -7.63 -4.86 5.43
C LYS A 65 -8.42 -6.03 6.00
N GLN A 66 -9.26 -6.65 5.17
CA GLN A 66 -9.92 -7.90 5.50
C GLN A 66 -8.96 -9.07 5.28
N LYS A 67 -7.71 -8.77 4.95
CA LYS A 67 -6.64 -9.77 4.86
C LYS A 67 -5.37 -9.25 5.53
N GLN A 68 -5.40 -8.01 6.02
CA GLN A 68 -4.30 -7.43 6.78
C GLN A 68 -4.71 -7.10 8.22
N GLN A 69 -5.87 -7.62 8.65
CA GLN A 69 -6.30 -7.57 10.04
C GLN A 69 -6.84 -8.93 10.46
N LYS A 70 -6.02 -9.97 10.30
CA LYS A 70 -6.42 -11.34 10.60
C LYS A 70 -6.35 -11.65 12.10
N ALA A 71 -7.04 -10.82 12.88
CA ALA A 71 -7.26 -11.08 14.29
C ALA A 71 -8.68 -10.67 14.67
N ALA A 72 -9.58 -10.66 13.68
CA ALA A 72 -10.96 -10.26 13.82
C ALA A 72 -11.87 -11.16 12.98
N LEU A 73 -13.12 -11.31 13.43
CA LEU A 73 -14.12 -12.11 12.75
C LEU A 73 -14.68 -11.31 11.57
N LEU A 74 -13.80 -10.85 10.69
CA LEU A 74 -14.15 -10.10 9.47
C LEU A 74 -14.72 -11.04 8.40
N LYS A 75 -15.62 -11.94 8.81
CA LYS A 75 -16.22 -12.94 7.94
C LYS A 75 -17.72 -13.03 8.19
N GLY A 1 -2.22 32.17 -2.13
CA GLY A 1 -1.18 31.67 -1.20
C GLY A 1 -0.26 30.67 -1.90
N PRO A 2 0.93 30.42 -1.31
CA PRO A 2 1.93 29.52 -1.84
C PRO A 2 1.51 28.04 -1.69
N MET A 3 0.44 27.77 -0.93
CA MET A 3 -0.05 26.42 -0.74
C MET A 3 -0.70 25.90 -2.02
N LYS A 4 0.01 25.01 -2.72
CA LYS A 4 -0.47 24.43 -3.96
C LYS A 4 -1.67 23.51 -3.73
N GLU A 5 -2.47 23.36 -4.79
CA GLU A 5 -3.69 22.58 -4.82
C GLU A 5 -3.44 21.14 -4.37
N ALA A 6 -3.84 20.81 -3.15
CA ALA A 6 -3.68 19.47 -2.59
C ALA A 6 -4.76 18.52 -3.14
N LYS A 7 -4.83 18.42 -4.47
CA LYS A 7 -5.80 17.57 -5.16
C LYS A 7 -5.41 16.10 -4.99
N ASP A 8 -6.13 15.38 -4.13
CA ASP A 8 -5.92 13.96 -3.92
C ASP A 8 -6.36 13.16 -5.15
N ALA A 9 -5.38 12.69 -5.93
CA ALA A 9 -5.63 11.83 -7.08
C ALA A 9 -4.63 10.68 -7.09
N ARG A 10 -4.55 9.96 -5.96
CA ARG A 10 -3.68 8.81 -5.78
C ARG A 10 -4.43 7.67 -5.10
N TYR A 11 -5.55 7.27 -5.70
CA TYR A 11 -6.38 6.18 -5.21
C TYR A 11 -6.78 5.25 -6.34
N THR A 12 -6.14 4.08 -6.36
CA THR A 12 -6.36 3.08 -7.39
C THR A 12 -7.61 2.26 -7.11
N ASN A 13 -7.77 1.74 -5.88
CA ASN A 13 -8.95 0.97 -5.49
C ASN A 13 -9.38 1.28 -4.05
N GLY A 14 -9.03 2.46 -3.54
CA GLY A 14 -9.50 2.94 -2.25
C GLY A 14 -8.35 3.14 -1.26
N HIS A 15 -7.19 2.55 -1.53
CA HIS A 15 -6.02 2.72 -0.68
C HIS A 15 -5.10 3.84 -1.13
N LEU A 16 -4.63 4.60 -0.13
CA LEU A 16 -3.73 5.71 -0.31
C LEU A 16 -2.32 5.17 -0.32
N PHE A 17 -1.70 5.08 -1.50
CA PHE A 17 -0.35 4.57 -1.63
C PHE A 17 0.66 5.71 -1.60
N THR A 18 1.42 5.78 -0.49
CA THR A 18 2.45 6.78 -0.27
C THR A 18 3.83 6.14 -0.43
N THR A 19 4.76 6.86 -1.08
CA THR A 19 6.10 6.37 -1.34
C THR A 19 6.89 6.25 -0.04
N ILE A 20 7.50 5.06 0.12
CA ILE A 20 8.34 4.71 1.26
C ILE A 20 9.77 4.48 0.80
N SER A 21 10.66 4.20 1.75
CA SER A 21 12.06 3.95 1.48
C SER A 21 12.45 2.58 2.03
N VAL A 22 12.14 1.53 1.26
CA VAL A 22 12.46 0.16 1.62
C VAL A 22 13.98 -0.02 1.68
N SER A 23 14.50 -0.21 2.89
CA SER A 23 15.91 -0.46 3.13
C SER A 23 16.06 -1.59 4.14
N GLY A 24 15.45 -2.74 3.82
CA GLY A 24 15.44 -3.91 4.68
C GLY A 24 14.58 -5.00 4.05
N MET A 25 14.32 -6.08 4.79
CA MET A 25 13.51 -7.18 4.29
C MET A 25 12.06 -6.73 4.09
N THR A 26 11.64 -6.68 2.83
CA THR A 26 10.31 -6.21 2.45
C THR A 26 9.72 -7.16 1.40
N MET A 27 8.39 -7.33 1.40
CA MET A 27 7.72 -8.23 0.45
C MET A 27 6.54 -7.57 -0.22
N CYS A 28 6.46 -7.72 -1.55
CA CYS A 28 5.42 -7.17 -2.38
C CYS A 28 4.10 -7.90 -2.12
N TYR A 29 3.12 -7.19 -1.55
CA TYR A 29 1.82 -7.78 -1.28
C TYR A 29 1.03 -8.02 -2.56
N ALA A 30 1.60 -7.63 -3.71
CA ALA A 30 0.98 -7.87 -5.00
C ALA A 30 1.81 -8.76 -5.93
N CYS A 31 3.06 -9.06 -5.56
CA CYS A 31 3.87 -10.01 -6.31
C CYS A 31 4.45 -11.10 -5.42
N ASN A 32 3.99 -11.15 -4.17
CA ASN A 32 4.24 -12.15 -3.13
C ASN A 32 5.73 -12.50 -2.98
N LYS A 33 6.60 -11.57 -3.36
CA LYS A 33 8.04 -11.74 -3.37
C LYS A 33 8.77 -10.53 -2.80
N SER A 34 10.04 -10.73 -2.47
CA SER A 34 10.86 -9.72 -1.81
C SER A 34 11.10 -8.50 -2.71
N ILE A 35 10.70 -7.32 -2.22
CA ILE A 35 10.94 -6.05 -2.88
C ILE A 35 12.42 -5.67 -2.79
N THR A 36 13.13 -5.82 -3.90
CA THR A 36 14.54 -5.45 -4.01
C THR A 36 14.63 -4.07 -4.66
N ALA A 37 13.96 -3.10 -4.04
CA ALA A 37 13.85 -1.73 -4.51
C ALA A 37 14.25 -0.78 -3.39
N LYS A 38 14.44 0.51 -3.71
CA LYS A 38 14.71 1.52 -2.69
C LYS A 38 13.46 2.39 -2.49
N GLU A 39 12.40 2.09 -3.23
CA GLU A 39 11.10 2.77 -3.11
C GLU A 39 9.95 1.78 -3.26
N ALA A 40 9.01 1.87 -2.31
CA ALA A 40 7.81 1.05 -2.26
C ALA A 40 6.60 1.90 -1.86
N LEU A 41 5.41 1.31 -1.85
CA LEU A 41 4.16 1.99 -1.47
C LEU A 41 3.53 1.32 -0.26
N ILE A 42 2.85 2.11 0.57
CA ILE A 42 2.17 1.63 1.77
C ILE A 42 0.78 2.25 1.88
N CYS A 43 -0.20 1.43 2.29
CA CYS A 43 -1.56 1.89 2.57
C CYS A 43 -1.70 2.10 4.07
N PRO A 44 -2.03 3.31 4.52
CA PRO A 44 -2.21 3.60 5.93
C PRO A 44 -3.48 2.94 6.49
N THR A 45 -4.26 2.24 5.65
CA THR A 45 -5.51 1.62 6.09
C THR A 45 -5.47 0.09 6.01
N CYS A 46 -4.52 -0.50 5.28
CA CYS A 46 -4.36 -1.94 5.29
C CYS A 46 -2.90 -2.37 5.35
N ASN A 47 -1.98 -1.42 5.55
CA ASN A 47 -0.58 -1.67 5.87
C ASN A 47 0.07 -2.69 4.93
N VAL A 48 0.01 -2.43 3.62
CA VAL A 48 0.61 -3.29 2.60
C VAL A 48 1.89 -2.66 2.09
N THR A 49 2.66 -3.43 1.31
CA THR A 49 3.90 -2.93 0.72
C THR A 49 4.08 -3.49 -0.67
N ILE A 50 4.27 -2.65 -1.70
CA ILE A 50 4.39 -3.10 -3.08
C ILE A 50 5.54 -2.39 -3.81
N HIS A 51 5.93 -2.96 -4.97
CA HIS A 51 7.03 -2.49 -5.80
C HIS A 51 6.83 -1.10 -6.42
N ASN A 52 6.00 -0.26 -5.82
CA ASN A 52 5.66 1.05 -6.38
C ASN A 52 5.22 0.95 -7.84
N ARG A 53 4.65 -0.20 -8.23
CA ARG A 53 4.01 -0.30 -9.53
C ARG A 53 2.96 -1.41 -9.57
N CYS A 54 2.86 -2.20 -8.51
CA CYS A 54 1.93 -3.32 -8.44
C CYS A 54 0.64 -2.94 -7.70
N LYS A 55 0.24 -1.67 -7.77
CA LYS A 55 -0.98 -1.20 -7.12
C LYS A 55 -2.18 -1.35 -8.03
N ASP A 56 -1.93 -1.64 -9.30
CA ASP A 56 -3.00 -1.82 -10.29
C ASP A 56 -3.39 -3.28 -10.41
N THR A 57 -3.11 -4.07 -9.37
CA THR A 57 -3.58 -5.44 -9.25
C THR A 57 -3.99 -5.73 -7.81
N LEU A 58 -3.83 -4.76 -6.91
CA LEU A 58 -4.31 -4.86 -5.55
C LEU A 58 -5.80 -4.61 -5.45
N ALA A 59 -6.46 -5.46 -4.65
CA ALA A 59 -7.89 -5.44 -4.37
C ALA A 59 -8.29 -4.13 -3.69
N ASN A 60 -9.60 -3.84 -3.65
CA ASN A 60 -10.14 -2.67 -2.95
C ASN A 60 -9.60 -2.61 -1.54
N CYS A 61 -9.37 -1.41 -0.99
CA CYS A 61 -8.69 -1.34 0.29
C CYS A 61 -9.51 -1.99 1.42
N THR A 62 -10.82 -2.12 1.22
CA THR A 62 -11.71 -2.79 2.18
C THR A 62 -11.77 -4.30 1.88
N LYS A 63 -10.97 -4.70 0.90
CA LYS A 63 -10.76 -6.08 0.49
C LYS A 63 -9.27 -6.41 0.63
N VAL A 64 -8.53 -5.51 1.30
CA VAL A 64 -7.16 -5.73 1.72
C VAL A 64 -7.09 -5.69 3.24
N LYS A 65 -7.76 -4.74 3.91
CA LYS A 65 -7.72 -4.72 5.37
C LYS A 65 -8.55 -5.85 5.96
N GLN A 66 -9.33 -6.52 5.12
CA GLN A 66 -9.99 -7.76 5.50
C GLN A 66 -9.05 -8.95 5.34
N LYS A 67 -7.78 -8.68 5.04
CA LYS A 67 -6.72 -9.68 5.04
C LYS A 67 -5.45 -9.14 5.73
N GLN A 68 -5.49 -7.88 6.17
CA GLN A 68 -4.40 -7.27 6.92
C GLN A 68 -4.84 -6.81 8.32
N GLN A 69 -6.03 -7.25 8.75
CA GLN A 69 -6.51 -7.04 10.11
C GLN A 69 -7.12 -8.34 10.65
N LYS A 70 -6.32 -9.42 10.62
CA LYS A 70 -6.76 -10.75 11.05
C LYS A 70 -6.77 -10.87 12.57
N ALA A 71 -7.49 -9.95 13.22
CA ALA A 71 -7.79 -10.03 14.64
C ALA A 71 -9.22 -9.58 14.89
N ALA A 72 -10.08 -9.71 13.86
CA ALA A 72 -11.47 -9.30 13.90
C ALA A 72 -12.33 -10.26 13.09
N LEU A 73 -13.56 -10.49 13.54
CA LEU A 73 -14.52 -11.34 12.84
C LEU A 73 -15.15 -10.59 11.66
N LEU A 74 -14.33 -9.85 10.91
CA LEU A 74 -14.76 -9.05 9.76
C LEU A 74 -15.04 -9.91 8.53
N LYS A 75 -15.65 -11.07 8.72
CA LYS A 75 -16.00 -12.00 7.65
C LYS A 75 -17.13 -11.44 6.81
N GLY A 1 -3.23 24.80 7.45
CA GLY A 1 -2.69 23.49 7.84
C GLY A 1 -1.57 23.05 6.90
N PRO A 2 -0.94 21.90 7.19
CA PRO A 2 0.14 21.34 6.39
C PRO A 2 -0.37 20.73 5.08
N MET A 3 -1.69 20.49 4.98
CA MET A 3 -2.30 19.90 3.80
C MET A 3 -2.53 20.96 2.72
N LYS A 4 -1.46 21.66 2.34
CA LYS A 4 -1.52 22.70 1.32
C LYS A 4 -1.77 22.09 -0.05
N GLU A 5 -3.01 22.23 -0.53
CA GLU A 5 -3.41 21.80 -1.87
C GLU A 5 -3.18 20.30 -2.05
N ALA A 6 -3.75 19.49 -1.15
CA ALA A 6 -3.63 18.05 -1.19
C ALA A 6 -4.42 17.47 -2.36
N LYS A 7 -3.70 17.06 -3.41
CA LYS A 7 -4.31 16.45 -4.59
C LYS A 7 -4.76 15.03 -4.28
N ASP A 8 -6.06 14.84 -4.11
CA ASP A 8 -6.66 13.53 -3.83
C ASP A 8 -6.79 12.70 -5.10
N ALA A 9 -5.67 12.49 -5.79
CA ALA A 9 -5.63 11.82 -7.07
C ALA A 9 -4.59 10.69 -7.09
N ARG A 10 -4.50 9.94 -5.99
CA ARG A 10 -3.61 8.79 -5.85
C ARG A 10 -4.35 7.63 -5.21
N TYR A 11 -5.46 7.23 -5.82
CA TYR A 11 -6.31 6.15 -5.33
C TYR A 11 -6.69 5.20 -6.46
N THR A 12 -6.05 4.03 -6.45
CA THR A 12 -6.27 3.00 -7.45
C THR A 12 -7.54 2.19 -7.17
N ASN A 13 -7.70 1.70 -5.93
CA ASN A 13 -8.88 0.93 -5.52
C ASN A 13 -9.31 1.29 -4.10
N GLY A 14 -8.98 2.51 -3.65
CA GLY A 14 -9.44 3.07 -2.40
C GLY A 14 -8.29 3.29 -1.42
N HIS A 15 -7.15 2.63 -1.63
CA HIS A 15 -6.00 2.81 -0.75
C HIS A 15 -5.08 3.93 -1.16
N LEU A 16 -4.61 4.66 -0.15
CA LEU A 16 -3.69 5.77 -0.33
C LEU A 16 -2.28 5.21 -0.34
N PHE A 17 -1.67 5.13 -1.53
CA PHE A 17 -0.33 4.61 -1.65
C PHE A 17 0.70 5.73 -1.62
N THR A 18 1.42 5.80 -0.49
CA THR A 18 2.46 6.81 -0.25
C THR A 18 3.84 6.18 -0.42
N THR A 19 4.76 6.91 -1.05
CA THR A 19 6.10 6.41 -1.32
C THR A 19 6.90 6.26 -0.03
N ILE A 20 7.48 5.08 0.14
CA ILE A 20 8.30 4.70 1.27
C ILE A 20 9.73 4.48 0.81
N SER A 21 10.63 4.20 1.77
CA SER A 21 12.04 3.94 1.49
C SER A 21 12.42 2.58 2.05
N VAL A 22 12.14 1.52 1.28
CA VAL A 22 12.47 0.15 1.64
C VAL A 22 13.98 -0.03 1.67
N SER A 23 14.51 -0.24 2.89
CA SER A 23 15.93 -0.47 3.12
C SER A 23 16.08 -1.64 4.10
N GLY A 24 15.49 -2.78 3.75
CA GLY A 24 15.52 -3.97 4.58
C GLY A 24 14.62 -5.05 3.97
N MET A 25 14.37 -6.14 4.72
CA MET A 25 13.52 -7.22 4.23
C MET A 25 12.08 -6.76 4.07
N THR A 26 11.66 -6.68 2.81
CA THR A 26 10.33 -6.22 2.43
C THR A 26 9.73 -7.15 1.37
N MET A 27 8.41 -7.34 1.39
CA MET A 27 7.75 -8.23 0.43
C MET A 27 6.55 -7.57 -0.23
N CYS A 28 6.46 -7.74 -1.54
CA CYS A 28 5.40 -7.19 -2.39
C CYS A 28 4.10 -7.90 -2.10
N TYR A 29 3.12 -7.19 -1.53
CA TYR A 29 1.82 -7.77 -1.24
C TYR A 29 1.02 -8.01 -2.52
N ALA A 30 1.59 -7.63 -3.67
CA ALA A 30 0.96 -7.88 -4.97
C ALA A 30 1.78 -8.79 -5.89
N CYS A 31 3.04 -9.07 -5.53
CA CYS A 31 3.84 -10.04 -6.28
C CYS A 31 4.43 -11.13 -5.38
N ASN A 32 3.98 -11.16 -4.13
CA ASN A 32 4.25 -12.15 -3.08
C ASN A 32 5.73 -12.50 -2.93
N LYS A 33 6.59 -11.57 -3.33
CA LYS A 33 8.04 -11.75 -3.36
C LYS A 33 8.77 -10.54 -2.82
N SER A 34 10.05 -10.72 -2.49
CA SER A 34 10.86 -9.70 -1.85
C SER A 34 11.10 -8.49 -2.74
N ILE A 35 10.68 -7.31 -2.25
CA ILE A 35 10.92 -6.03 -2.91
C ILE A 35 12.41 -5.66 -2.81
N THR A 36 13.13 -5.81 -3.93
CA THR A 36 14.54 -5.44 -4.02
C THR A 36 14.64 -4.06 -4.65
N ALA A 37 13.95 -3.10 -4.03
CA ALA A 37 13.85 -1.72 -4.50
C ALA A 37 14.25 -0.77 -3.37
N LYS A 38 14.44 0.51 -3.70
CA LYS A 38 14.69 1.52 -2.68
C LYS A 38 13.44 2.39 -2.46
N GLU A 39 12.38 2.09 -3.23
CA GLU A 39 11.09 2.76 -3.10
C GLU A 39 9.94 1.78 -3.24
N ALA A 40 8.99 1.87 -2.31
CA ALA A 40 7.79 1.05 -2.25
C ALA A 40 6.58 1.90 -1.85
N LEU A 41 5.39 1.30 -1.85
CA LEU A 41 4.15 1.98 -1.49
C LEU A 41 3.47 1.31 -0.30
N ILE A 42 2.80 2.10 0.53
CA ILE A 42 2.10 1.61 1.72
C ILE A 42 0.71 2.23 1.86
N CYS A 43 -0.27 1.41 2.22
CA CYS A 43 -1.63 1.86 2.53
C CYS A 43 -1.70 2.10 4.03
N PRO A 44 -1.95 3.33 4.49
CA PRO A 44 -2.02 3.66 5.90
C PRO A 44 -3.25 3.02 6.56
N THR A 45 -4.06 2.30 5.77
CA THR A 45 -5.28 1.69 6.28
C THR A 45 -5.27 0.17 6.20
N CYS A 46 -4.35 -0.42 5.43
CA CYS A 46 -4.25 -1.87 5.31
C CYS A 46 -2.80 -2.36 5.40
N ASN A 47 -1.86 -1.44 5.60
CA ASN A 47 -0.47 -1.73 5.92
C ASN A 47 0.18 -2.72 4.95
N VAL A 48 0.03 -2.48 3.65
CA VAL A 48 0.61 -3.31 2.59
C VAL A 48 1.90 -2.66 2.08
N THR A 49 2.69 -3.43 1.33
CA THR A 49 3.91 -2.93 0.72
C THR A 49 4.08 -3.50 -0.68
N ILE A 50 4.27 -2.65 -1.70
CA ILE A 50 4.40 -3.10 -3.09
C ILE A 50 5.55 -2.40 -3.81
N HIS A 51 5.93 -2.97 -4.97
CA HIS A 51 7.03 -2.51 -5.81
C HIS A 51 6.86 -1.12 -6.42
N ASN A 52 6.03 -0.26 -5.81
CA ASN A 52 5.72 1.04 -6.37
C ASN A 52 5.25 0.94 -7.83
N ARG A 53 4.66 -0.19 -8.22
CA ARG A 53 3.99 -0.29 -9.51
C ARG A 53 2.93 -1.39 -9.53
N CYS A 54 2.87 -2.20 -8.48
CA CYS A 54 1.93 -3.32 -8.44
C CYS A 54 0.63 -2.93 -7.74
N LYS A 55 0.25 -1.65 -7.80
CA LYS A 55 -0.97 -1.16 -7.17
C LYS A 55 -2.17 -1.27 -8.09
N ASP A 56 -1.93 -1.66 -9.35
CA ASP A 56 -2.98 -1.84 -10.33
C ASP A 56 -3.39 -3.31 -10.42
N THR A 57 -3.10 -4.07 -9.36
CA THR A 57 -3.58 -5.43 -9.21
C THR A 57 -3.98 -5.73 -7.77
N LEU A 58 -3.81 -4.75 -6.88
CA LEU A 58 -4.26 -4.84 -5.50
C LEU A 58 -5.76 -4.61 -5.38
N ALA A 59 -6.37 -5.40 -4.49
CA ALA A 59 -7.79 -5.40 -4.19
C ALA A 59 -8.25 -4.08 -3.56
N ASN A 60 -9.57 -3.92 -3.39
CA ASN A 60 -10.17 -2.74 -2.77
C ASN A 60 -9.59 -2.49 -1.40
N CYS A 61 -9.50 -1.22 -0.99
CA CYS A 61 -8.93 -0.90 0.32
C CYS A 61 -9.81 -1.36 1.48
N THR A 62 -10.85 -2.13 1.18
CA THR A 62 -11.68 -2.81 2.17
C THR A 62 -11.80 -4.28 1.80
N LYS A 63 -10.85 -4.70 0.98
CA LYS A 63 -10.65 -6.06 0.51
C LYS A 63 -9.15 -6.38 0.61
N VAL A 64 -8.40 -5.51 1.29
CA VAL A 64 -7.01 -5.70 1.67
C VAL A 64 -6.90 -5.79 3.18
N LYS A 65 -7.51 -4.84 3.89
CA LYS A 65 -7.45 -4.84 5.35
C LYS A 65 -8.28 -5.99 5.93
N GLN A 66 -9.08 -6.64 5.09
CA GLN A 66 -9.82 -7.83 5.48
C GLN A 66 -8.93 -9.07 5.44
N LYS A 67 -7.63 -8.88 5.17
CA LYS A 67 -6.63 -9.93 5.29
C LYS A 67 -5.37 -9.41 5.99
N GLN A 68 -5.24 -8.09 6.12
CA GLN A 68 -4.15 -7.49 6.88
C GLN A 68 -4.58 -7.13 8.30
N GLN A 69 -5.83 -7.44 8.66
CA GLN A 69 -6.33 -7.28 10.03
C GLN A 69 -7.14 -8.51 10.43
N LYS A 70 -6.53 -9.70 10.32
CA LYS A 70 -7.22 -10.96 10.59
C LYS A 70 -7.34 -11.25 12.09
N ALA A 71 -7.31 -10.21 12.91
CA ALA A 71 -7.45 -10.33 14.35
C ALA A 71 -8.40 -9.27 14.89
N ALA A 72 -9.30 -8.79 14.04
CA ALA A 72 -10.27 -7.75 14.36
C ALA A 72 -11.63 -8.04 13.74
N LEU A 73 -12.69 -7.53 14.38
CA LEU A 73 -14.06 -7.73 13.98
C LEU A 73 -14.45 -6.74 12.89
N LEU A 74 -13.73 -6.77 11.76
CA LEU A 74 -14.09 -6.02 10.55
C LEU A 74 -15.35 -6.60 9.91
N LYS A 75 -16.43 -6.70 10.70
CA LYS A 75 -17.71 -7.24 10.26
C LYS A 75 -18.86 -6.36 10.74
#